data_1GNP
# 
_entry.id   1GNP 
# 
_audit_conform.dict_name       mmcif_pdbx.dic 
_audit_conform.dict_version    5.385 
_audit_conform.dict_location   http://mmcif.pdb.org/dictionaries/ascii/mmcif_pdbx.dic 
# 
loop_
_database_2.database_id 
_database_2.database_code 
_database_2.pdbx_database_accession 
_database_2.pdbx_DOI 
PDB   1GNP         pdb_00001gnp 10.2210/pdb1gnp/pdb 
WWPDB D_1000173637 ?            ?                   
# 
loop_
_pdbx_audit_revision_history.ordinal 
_pdbx_audit_revision_history.data_content_type 
_pdbx_audit_revision_history.major_revision 
_pdbx_audit_revision_history.minor_revision 
_pdbx_audit_revision_history.revision_date 
1 'Structure model' 1 0 1995-07-31 
2 'Structure model' 1 1 2008-03-24 
3 'Structure model' 1 2 2011-07-13 
4 'Structure model' 1 3 2024-02-07 
# 
_pdbx_audit_revision_details.ordinal             1 
_pdbx_audit_revision_details.revision_ordinal    1 
_pdbx_audit_revision_details.data_content_type   'Structure model' 
_pdbx_audit_revision_details.provider            repository 
_pdbx_audit_revision_details.type                'Initial release' 
_pdbx_audit_revision_details.description         ? 
_pdbx_audit_revision_details.details             ? 
# 
loop_
_pdbx_audit_revision_group.ordinal 
_pdbx_audit_revision_group.revision_ordinal 
_pdbx_audit_revision_group.data_content_type 
_pdbx_audit_revision_group.group 
1 2 'Structure model' 'Version format compliance' 
2 3 'Structure model' 'Version format compliance' 
3 4 'Structure model' 'Data collection'           
4 4 'Structure model' 'Database references'       
5 4 'Structure model' 'Derived calculations'      
6 4 'Structure model' Other                       
# 
loop_
_pdbx_audit_revision_category.ordinal 
_pdbx_audit_revision_category.revision_ordinal 
_pdbx_audit_revision_category.data_content_type 
_pdbx_audit_revision_category.category 
1 4 'Structure model' chem_comp_atom         
2 4 'Structure model' chem_comp_bond         
3 4 'Structure model' database_2             
4 4 'Structure model' pdbx_database_status   
5 4 'Structure model' pdbx_struct_conn_angle 
6 4 'Structure model' struct_conn            
7 4 'Structure model' struct_site            
# 
loop_
_pdbx_audit_revision_item.ordinal 
_pdbx_audit_revision_item.revision_ordinal 
_pdbx_audit_revision_item.data_content_type 
_pdbx_audit_revision_item.item 
1  4 'Structure model' '_database_2.pdbx_DOI'                        
2  4 'Structure model' '_database_2.pdbx_database_accession'         
3  4 'Structure model' '_pdbx_database_status.process_site'          
4  4 'Structure model' '_pdbx_struct_conn_angle.ptnr1_auth_comp_id'  
5  4 'Structure model' '_pdbx_struct_conn_angle.ptnr1_auth_seq_id'   
6  4 'Structure model' '_pdbx_struct_conn_angle.ptnr1_label_asym_id' 
7  4 'Structure model' '_pdbx_struct_conn_angle.ptnr1_label_atom_id' 
8  4 'Structure model' '_pdbx_struct_conn_angle.ptnr1_label_comp_id' 
9  4 'Structure model' '_pdbx_struct_conn_angle.ptnr1_label_seq_id'  
10 4 'Structure model' '_pdbx_struct_conn_angle.ptnr3_auth_comp_id'  
11 4 'Structure model' '_pdbx_struct_conn_angle.ptnr3_auth_seq_id'   
12 4 'Structure model' '_pdbx_struct_conn_angle.ptnr3_label_asym_id' 
13 4 'Structure model' '_pdbx_struct_conn_angle.ptnr3_label_atom_id' 
14 4 'Structure model' '_pdbx_struct_conn_angle.ptnr3_label_comp_id' 
15 4 'Structure model' '_pdbx_struct_conn_angle.ptnr3_label_seq_id'  
16 4 'Structure model' '_pdbx_struct_conn_angle.value'               
17 4 'Structure model' '_struct_conn.pdbx_dist_value'                
18 4 'Structure model' '_struct_conn.ptnr1_auth_comp_id'             
19 4 'Structure model' '_struct_conn.ptnr1_auth_seq_id'              
20 4 'Structure model' '_struct_conn.ptnr1_label_asym_id'            
21 4 'Structure model' '_struct_conn.ptnr1_label_atom_id'            
22 4 'Structure model' '_struct_conn.ptnr1_label_comp_id'            
23 4 'Structure model' '_struct_conn.ptnr1_label_seq_id'             
24 4 'Structure model' '_struct_conn.ptnr2_auth_comp_id'             
25 4 'Structure model' '_struct_conn.ptnr2_auth_seq_id'              
26 4 'Structure model' '_struct_conn.ptnr2_label_asym_id'            
27 4 'Structure model' '_struct_conn.ptnr2_label_atom_id'            
28 4 'Structure model' '_struct_conn.ptnr2_label_comp_id'            
29 4 'Structure model' '_struct_conn.ptnr2_label_seq_id'             
30 4 'Structure model' '_struct_site.pdbx_auth_asym_id'              
31 4 'Structure model' '_struct_site.pdbx_auth_comp_id'              
32 4 'Structure model' '_struct_site.pdbx_auth_seq_id'               
# 
_pdbx_database_status.status_code                     REL 
_pdbx_database_status.entry_id                        1GNP 
_pdbx_database_status.recvd_initial_deposition_date   1995-05-11 
_pdbx_database_status.deposit_site                    ? 
_pdbx_database_status.process_site                    BNL 
_pdbx_database_status.SG_entry                        . 
_pdbx_database_status.pdb_format_compatible           Y 
_pdbx_database_status.status_code_mr                  ? 
_pdbx_database_status.status_code_sf                  ? 
_pdbx_database_status.status_code_cs                  ? 
_pdbx_database_status.status_code_nmr_data            ? 
_pdbx_database_status.methods_development_category    ? 
# 
loop_
_audit_author.name 
_audit_author.pdbx_ordinal 
'Scheidig, A.'     1 
'Franken, S.M.'    2 
'Corrie, J.E.T.'   3 
'Reid, G.P.'       4 
'Wittinghofer, A.' 5 
'Pai, E.F.'        6 
'Goody, R.S.'      7 
# 
loop_
_citation.id 
_citation.title 
_citation.journal_abbrev 
_citation.journal_volume 
_citation.page_first 
_citation.page_last 
_citation.year 
_citation.journal_id_ASTM 
_citation.country 
_citation.journal_id_ISSN 
_citation.journal_id_CSD 
_citation.book_publisher 
_citation.pdbx_database_id_PubMed 
_citation.pdbx_database_id_DOI 
primary 
;X-ray crystal structure analysis of the catalytic domain of the oncogene product p21H-ras complexed with caged GTP and mant dGppNHp.
;
J.Mol.Biol.                     253 132 150 1995 JMOBAK UK 0022-2836 0070 ? 7473708 10.1006/jmbi.1995.0541 
1       
;Crystallographic Studies on P21H-Ras Using the Synchrotron Laue Method: Improvement of Crystal Quality and Monitoring of the Gtpase Reaction at Different Time Points
;
'Acta Crystallogr.,Sect.D'      50  512 ?   1994 ABCRE6 DK 0907-4449 0766 ? ?       ?                      
2       'Studies on the Structure and Mechanism of H-Ras P21' Philos.Trans.R.Soc.London,Ser.B 336 3   ?   1992 PTRBAE UK 0080-4622 
0441 ? ?       ?                      
# 
loop_
_citation_author.citation_id 
_citation_author.name 
_citation_author.ordinal 
_citation_author.identifier_ORCID 
primary 'Scheidig, A.J.'       1  ? 
primary 'Franken, S.M.'        2  ? 
primary 'Corrie, J.E.'         3  ? 
primary 'Reid, G.P.'           4  ? 
primary 'Wittinghofer, A.'     5  ? 
primary 'Pai, E.F.'            6  ? 
primary 'Goody, R.S.'          7  ? 
1       'Scheidig, A.X.'       8  ? 
1       'Sanchez-Llorente, A.' 9  ? 
1       'Lautwein, A.'         10 ? 
1       'Pai, E.F.'            11 ? 
1       'Corrie, J.E.T.'       12 ? 
1       'Reid, G.P.'           13 ? 
1       'Wittinghofer, A.'     14 ? 
1       'Goody, R.S.'          15 ? 
2       'Goody, R.S.'          16 ? 
2       'Pai, E.F.'            17 ? 
2       'Schlichting, I.'      18 ? 
2       'Rensland, H.'         19 ? 
2       'Scheidig, A.'         20 ? 
2       'Franken, S.M.'        21 ? 
2       'Wittinghofer, A.'     22 ? 
# 
loop_
_entity.id 
_entity.type 
_entity.src_method 
_entity.pdbx_description 
_entity.formula_weight 
_entity.pdbx_number_of_molecules 
_entity.pdbx_ec 
_entity.pdbx_mutation 
_entity.pdbx_fragment 
_entity.details 
1 polymer     man 'C-H-RAS P21 PROTEIN'                                                            18875.191 1 ? ? ? ? 
2 non-polymer syn 'MAGNESIUM ION'                                                                  24.305    1 ? ? ? ? 
3 non-polymer syn 
;PHOSPHOAMINOPHOSPHONIC ACID 3'-O-(N-METHYLANTHRANILOYL-2'-DEOXYGUANYLATE ESTER
;
639.344   1 ? ? ? ? 
# 
_entity_poly.entity_id                      1 
_entity_poly.type                           'polypeptide(L)' 
_entity_poly.nstd_linkage                   no 
_entity_poly.nstd_monomer                   no 
_entity_poly.pdbx_seq_one_letter_code       
;MTEYKLVVVGAGGVGKSALTIQLIQNHFVDEYDPTIEDSYRKQVVIDGETCLLDILDTAGQEEYSAMRDQYMRTGEGFLC
VFAINNTKSFEDIHQYREQIKRVKDSDDVPMVLVGNKCDLAARTVESRQAQDLARSYGIPYIETSAKTRQGVEDAFYTLV
REIRQH
;
_entity_poly.pdbx_seq_one_letter_code_can   
;MTEYKLVVVGAGGVGKSALTIQLIQNHFVDEYDPTIEDSYRKQVVIDGETCLLDILDTAGQEEYSAMRDQYMRTGEGFLC
VFAINNTKSFEDIHQYREQIKRVKDSDDVPMVLVGNKCDLAARTVESRQAQDLARSYGIPYIETSAKTRQGVEDAFYTLV
REIRQH
;
_entity_poly.pdbx_strand_id                 A 
_entity_poly.pdbx_target_identifier         ? 
# 
loop_
_pdbx_entity_nonpoly.entity_id 
_pdbx_entity_nonpoly.name 
_pdbx_entity_nonpoly.comp_id 
2 'MAGNESIUM ION'                                                                  MG  
3 
;PHOSPHOAMINOPHOSPHONIC ACID 3'-O-(N-METHYLANTHRANILOYL-2'-DEOXYGUANYLATE ESTER
;
AGN 
# 
loop_
_entity_poly_seq.entity_id 
_entity_poly_seq.num 
_entity_poly_seq.mon_id 
_entity_poly_seq.hetero 
1 1   MET n 
1 2   THR n 
1 3   GLU n 
1 4   TYR n 
1 5   LYS n 
1 6   LEU n 
1 7   VAL n 
1 8   VAL n 
1 9   VAL n 
1 10  GLY n 
1 11  ALA n 
1 12  GLY n 
1 13  GLY n 
1 14  VAL n 
1 15  GLY n 
1 16  LYS n 
1 17  SER n 
1 18  ALA n 
1 19  LEU n 
1 20  THR n 
1 21  ILE n 
1 22  GLN n 
1 23  LEU n 
1 24  ILE n 
1 25  GLN n 
1 26  ASN n 
1 27  HIS n 
1 28  PHE n 
1 29  VAL n 
1 30  ASP n 
1 31  GLU n 
1 32  TYR n 
1 33  ASP n 
1 34  PRO n 
1 35  THR n 
1 36  ILE n 
1 37  GLU n 
1 38  ASP n 
1 39  SER n 
1 40  TYR n 
1 41  ARG n 
1 42  LYS n 
1 43  GLN n 
1 44  VAL n 
1 45  VAL n 
1 46  ILE n 
1 47  ASP n 
1 48  GLY n 
1 49  GLU n 
1 50  THR n 
1 51  CYS n 
1 52  LEU n 
1 53  LEU n 
1 54  ASP n 
1 55  ILE n 
1 56  LEU n 
1 57  ASP n 
1 58  THR n 
1 59  ALA n 
1 60  GLY n 
1 61  GLN n 
1 62  GLU n 
1 63  GLU n 
1 64  TYR n 
1 65  SER n 
1 66  ALA n 
1 67  MET n 
1 68  ARG n 
1 69  ASP n 
1 70  GLN n 
1 71  TYR n 
1 72  MET n 
1 73  ARG n 
1 74  THR n 
1 75  GLY n 
1 76  GLU n 
1 77  GLY n 
1 78  PHE n 
1 79  LEU n 
1 80  CYS n 
1 81  VAL n 
1 82  PHE n 
1 83  ALA n 
1 84  ILE n 
1 85  ASN n 
1 86  ASN n 
1 87  THR n 
1 88  LYS n 
1 89  SER n 
1 90  PHE n 
1 91  GLU n 
1 92  ASP n 
1 93  ILE n 
1 94  HIS n 
1 95  GLN n 
1 96  TYR n 
1 97  ARG n 
1 98  GLU n 
1 99  GLN n 
1 100 ILE n 
1 101 LYS n 
1 102 ARG n 
1 103 VAL n 
1 104 LYS n 
1 105 ASP n 
1 106 SER n 
1 107 ASP n 
1 108 ASP n 
1 109 VAL n 
1 110 PRO n 
1 111 MET n 
1 112 VAL n 
1 113 LEU n 
1 114 VAL n 
1 115 GLY n 
1 116 ASN n 
1 117 LYS n 
1 118 CYS n 
1 119 ASP n 
1 120 LEU n 
1 121 ALA n 
1 122 ALA n 
1 123 ARG n 
1 124 THR n 
1 125 VAL n 
1 126 GLU n 
1 127 SER n 
1 128 ARG n 
1 129 GLN n 
1 130 ALA n 
1 131 GLN n 
1 132 ASP n 
1 133 LEU n 
1 134 ALA n 
1 135 ARG n 
1 136 SER n 
1 137 TYR n 
1 138 GLY n 
1 139 ILE n 
1 140 PRO n 
1 141 TYR n 
1 142 ILE n 
1 143 GLU n 
1 144 THR n 
1 145 SER n 
1 146 ALA n 
1 147 LYS n 
1 148 THR n 
1 149 ARG n 
1 150 GLN n 
1 151 GLY n 
1 152 VAL n 
1 153 GLU n 
1 154 ASP n 
1 155 ALA n 
1 156 PHE n 
1 157 TYR n 
1 158 THR n 
1 159 LEU n 
1 160 VAL n 
1 161 ARG n 
1 162 GLU n 
1 163 ILE n 
1 164 ARG n 
1 165 GLN n 
1 166 HIS n 
# 
_entity_src_gen.entity_id                          1 
_entity_src_gen.pdbx_src_id                        1 
_entity_src_gen.pdbx_alt_source_flag               sample 
_entity_src_gen.pdbx_seq_type                      ? 
_entity_src_gen.pdbx_beg_seq_num                   ? 
_entity_src_gen.pdbx_end_seq_num                   ? 
_entity_src_gen.gene_src_common_name               human 
_entity_src_gen.gene_src_genus                     Homo 
_entity_src_gen.pdbx_gene_src_gene                 ? 
_entity_src_gen.gene_src_species                   ? 
_entity_src_gen.gene_src_strain                    ? 
_entity_src_gen.gene_src_tissue                    ? 
_entity_src_gen.gene_src_tissue_fraction           ? 
_entity_src_gen.gene_src_details                   ? 
_entity_src_gen.pdbx_gene_src_fragment             ? 
_entity_src_gen.pdbx_gene_src_scientific_name      'Homo sapiens' 
_entity_src_gen.pdbx_gene_src_ncbi_taxonomy_id     9606 
_entity_src_gen.pdbx_gene_src_variant              ? 
_entity_src_gen.pdbx_gene_src_cell_line            ? 
_entity_src_gen.pdbx_gene_src_atcc                 ? 
_entity_src_gen.pdbx_gene_src_organ                ? 
_entity_src_gen.pdbx_gene_src_organelle            ? 
_entity_src_gen.pdbx_gene_src_cell                 ? 
_entity_src_gen.pdbx_gene_src_cellular_location    ? 
_entity_src_gen.host_org_common_name               ? 
_entity_src_gen.pdbx_host_org_scientific_name      ? 
_entity_src_gen.pdbx_host_org_ncbi_taxonomy_id     ? 
_entity_src_gen.host_org_genus                     ? 
_entity_src_gen.pdbx_host_org_gene                 ? 
_entity_src_gen.pdbx_host_org_organ                ? 
_entity_src_gen.host_org_species                   ? 
_entity_src_gen.pdbx_host_org_tissue               ? 
_entity_src_gen.pdbx_host_org_tissue_fraction      ? 
_entity_src_gen.pdbx_host_org_strain               ? 
_entity_src_gen.pdbx_host_org_variant              ? 
_entity_src_gen.pdbx_host_org_cell_line            ? 
_entity_src_gen.pdbx_host_org_atcc                 ? 
_entity_src_gen.pdbx_host_org_culture_collection   ? 
_entity_src_gen.pdbx_host_org_cell                 ? 
_entity_src_gen.pdbx_host_org_organelle            ? 
_entity_src_gen.pdbx_host_org_cellular_location    ? 
_entity_src_gen.pdbx_host_org_vector_type          ? 
_entity_src_gen.pdbx_host_org_vector               ? 
_entity_src_gen.host_org_details                   ? 
_entity_src_gen.expression_system_id               ? 
_entity_src_gen.plasmid_name                       ? 
_entity_src_gen.plasmid_details                    ? 
_entity_src_gen.pdbx_description                   ? 
# 
loop_
_chem_comp.id 
_chem_comp.type 
_chem_comp.mon_nstd_flag 
_chem_comp.name 
_chem_comp.pdbx_synonyms 
_chem_comp.formula 
_chem_comp.formula_weight 
AGN non-polymer         . 
;PHOSPHOAMINOPHOSPHONIC ACID 3'-O-(N-METHYLANTHRANILOYL-2'-DEOXYGUANYLATE ESTER
;
? 'C18 H24 N7 O13 P3' 639.344 
ALA 'L-peptide linking' y ALANINE                                                                          ? 'C3 H7 N O2'        
89.093  
ARG 'L-peptide linking' y ARGININE                                                                         ? 'C6 H15 N4 O2 1'    
175.209 
ASN 'L-peptide linking' y ASPARAGINE                                                                       ? 'C4 H8 N2 O3'       
132.118 
ASP 'L-peptide linking' y 'ASPARTIC ACID'                                                                  ? 'C4 H7 N O4'        
133.103 
CYS 'L-peptide linking' y CYSTEINE                                                                         ? 'C3 H7 N O2 S'      
121.158 
GLN 'L-peptide linking' y GLUTAMINE                                                                        ? 'C5 H10 N2 O3'      
146.144 
GLU 'L-peptide linking' y 'GLUTAMIC ACID'                                                                  ? 'C5 H9 N O4'        
147.129 
GLY 'peptide linking'   y GLYCINE                                                                          ? 'C2 H5 N O2'        
75.067  
HIS 'L-peptide linking' y HISTIDINE                                                                        ? 'C6 H10 N3 O2 1'    
156.162 
ILE 'L-peptide linking' y ISOLEUCINE                                                                       ? 'C6 H13 N O2'       
131.173 
LEU 'L-peptide linking' y LEUCINE                                                                          ? 'C6 H13 N O2'       
131.173 
LYS 'L-peptide linking' y LYSINE                                                                           ? 'C6 H15 N2 O2 1'    
147.195 
MET 'L-peptide linking' y METHIONINE                                                                       ? 'C5 H11 N O2 S'     
149.211 
MG  non-polymer         . 'MAGNESIUM ION'                                                                  ? 'Mg 2'              
24.305  
PHE 'L-peptide linking' y PHENYLALANINE                                                                    ? 'C9 H11 N O2'       
165.189 
PRO 'L-peptide linking' y PROLINE                                                                          ? 'C5 H9 N O2'        
115.130 
SER 'L-peptide linking' y SERINE                                                                           ? 'C3 H7 N O3'        
105.093 
THR 'L-peptide linking' y THREONINE                                                                        ? 'C4 H9 N O3'        
119.119 
TYR 'L-peptide linking' y TYROSINE                                                                         ? 'C9 H11 N O3'       
181.189 
VAL 'L-peptide linking' y VALINE                                                                           ? 'C5 H11 N O2'       
117.146 
# 
loop_
_pdbx_poly_seq_scheme.asym_id 
_pdbx_poly_seq_scheme.entity_id 
_pdbx_poly_seq_scheme.seq_id 
_pdbx_poly_seq_scheme.mon_id 
_pdbx_poly_seq_scheme.ndb_seq_num 
_pdbx_poly_seq_scheme.pdb_seq_num 
_pdbx_poly_seq_scheme.auth_seq_num 
_pdbx_poly_seq_scheme.pdb_mon_id 
_pdbx_poly_seq_scheme.auth_mon_id 
_pdbx_poly_seq_scheme.pdb_strand_id 
_pdbx_poly_seq_scheme.pdb_ins_code 
_pdbx_poly_seq_scheme.hetero 
A 1 1   MET 1   1   1   MET MET A . n 
A 1 2   THR 2   2   2   THR THR A . n 
A 1 3   GLU 3   3   3   GLU GLU A . n 
A 1 4   TYR 4   4   4   TYR TYR A . n 
A 1 5   LYS 5   5   5   LYS LYS A . n 
A 1 6   LEU 6   6   6   LEU LEU A . n 
A 1 7   VAL 7   7   7   VAL VAL A . n 
A 1 8   VAL 8   8   8   VAL VAL A . n 
A 1 9   VAL 9   9   9   VAL VAL A . n 
A 1 10  GLY 10  10  10  GLY GLY A . n 
A 1 11  ALA 11  11  11  ALA ALA A . n 
A 1 12  GLY 12  12  12  GLY GLY A . n 
A 1 13  GLY 13  13  13  GLY GLY A . n 
A 1 14  VAL 14  14  14  VAL VAL A . n 
A 1 15  GLY 15  15  15  GLY GLY A . n 
A 1 16  LYS 16  16  16  LYS LYS A . n 
A 1 17  SER 17  17  17  SER SER A . n 
A 1 18  ALA 18  18  18  ALA ALA A . n 
A 1 19  LEU 19  19  19  LEU LEU A . n 
A 1 20  THR 20  20  20  THR THR A . n 
A 1 21  ILE 21  21  21  ILE ILE A . n 
A 1 22  GLN 22  22  22  GLN GLN A . n 
A 1 23  LEU 23  23  23  LEU LEU A . n 
A 1 24  ILE 24  24  24  ILE ILE A . n 
A 1 25  GLN 25  25  25  GLN GLN A . n 
A 1 26  ASN 26  26  26  ASN ASN A . n 
A 1 27  HIS 27  27  27  HIS HIS A . n 
A 1 28  PHE 28  28  28  PHE PHE A . n 
A 1 29  VAL 29  29  29  VAL VAL A . n 
A 1 30  ASP 30  30  30  ASP ASP A . n 
A 1 31  GLU 31  31  31  GLU GLU A . n 
A 1 32  TYR 32  32  32  TYR TYR A . n 
A 1 33  ASP 33  33  33  ASP ASP A . n 
A 1 34  PRO 34  34  34  PRO PRO A . n 
A 1 35  THR 35  35  35  THR THR A . n 
A 1 36  ILE 36  36  36  ILE ILE A . n 
A 1 37  GLU 37  37  37  GLU GLU A . n 
A 1 38  ASP 38  38  38  ASP ASP A . n 
A 1 39  SER 39  39  39  SER SER A . n 
A 1 40  TYR 40  40  40  TYR TYR A . n 
A 1 41  ARG 41  41  41  ARG ARG A . n 
A 1 42  LYS 42  42  42  LYS LYS A . n 
A 1 43  GLN 43  43  43  GLN GLN A . n 
A 1 44  VAL 44  44  44  VAL VAL A . n 
A 1 45  VAL 45  45  45  VAL VAL A . n 
A 1 46  ILE 46  46  46  ILE ILE A . n 
A 1 47  ASP 47  47  47  ASP ASP A . n 
A 1 48  GLY 48  48  48  GLY GLY A . n 
A 1 49  GLU 49  49  49  GLU GLU A . n 
A 1 50  THR 50  50  50  THR THR A . n 
A 1 51  CYS 51  51  51  CYS CYS A . n 
A 1 52  LEU 52  52  52  LEU LEU A . n 
A 1 53  LEU 53  53  53  LEU LEU A . n 
A 1 54  ASP 54  54  54  ASP ASP A . n 
A 1 55  ILE 55  55  55  ILE ILE A . n 
A 1 56  LEU 56  56  56  LEU LEU A . n 
A 1 57  ASP 57  57  57  ASP ASP A . n 
A 1 58  THR 58  58  58  THR THR A . n 
A 1 59  ALA 59  59  59  ALA ALA A . n 
A 1 60  GLY 60  60  60  GLY GLY A . n 
A 1 61  GLN 61  61  61  GLN GLN A . n 
A 1 62  GLU 62  62  62  GLU GLU A . n 
A 1 63  GLU 63  63  63  GLU GLU A . n 
A 1 64  TYR 64  64  64  TYR TYR A . n 
A 1 65  SER 65  65  65  SER SER A . n 
A 1 66  ALA 66  66  66  ALA ALA A . n 
A 1 67  MET 67  67  67  MET MET A . n 
A 1 68  ARG 68  68  68  ARG ARG A . n 
A 1 69  ASP 69  69  69  ASP ASP A . n 
A 1 70  GLN 70  70  70  GLN GLN A . n 
A 1 71  TYR 71  71  71  TYR TYR A . n 
A 1 72  MET 72  72  72  MET MET A . n 
A 1 73  ARG 73  73  73  ARG ARG A . n 
A 1 74  THR 74  74  74  THR THR A . n 
A 1 75  GLY 75  75  75  GLY GLY A . n 
A 1 76  GLU 76  76  76  GLU GLU A . n 
A 1 77  GLY 77  77  77  GLY GLY A . n 
A 1 78  PHE 78  78  78  PHE PHE A . n 
A 1 79  LEU 79  79  79  LEU LEU A . n 
A 1 80  CYS 80  80  80  CYS CYS A . n 
A 1 81  VAL 81  81  81  VAL VAL A . n 
A 1 82  PHE 82  82  82  PHE PHE A . n 
A 1 83  ALA 83  83  83  ALA ALA A . n 
A 1 84  ILE 84  84  84  ILE ILE A . n 
A 1 85  ASN 85  85  85  ASN ASN A . n 
A 1 86  ASN 86  86  86  ASN ASN A . n 
A 1 87  THR 87  87  87  THR THR A . n 
A 1 88  LYS 88  88  88  LYS LYS A . n 
A 1 89  SER 89  89  89  SER SER A . n 
A 1 90  PHE 90  90  90  PHE PHE A . n 
A 1 91  GLU 91  91  91  GLU GLU A . n 
A 1 92  ASP 92  92  92  ASP ASP A . n 
A 1 93  ILE 93  93  93  ILE ILE A . n 
A 1 94  HIS 94  94  94  HIS HIS A . n 
A 1 95  GLN 95  95  95  GLN GLN A . n 
A 1 96  TYR 96  96  96  TYR TYR A . n 
A 1 97  ARG 97  97  97  ARG ARG A . n 
A 1 98  GLU 98  98  98  GLU GLU A . n 
A 1 99  GLN 99  99  99  GLN GLN A . n 
A 1 100 ILE 100 100 100 ILE ILE A . n 
A 1 101 LYS 101 101 101 LYS LYS A . n 
A 1 102 ARG 102 102 102 ARG ARG A . n 
A 1 103 VAL 103 103 103 VAL VAL A . n 
A 1 104 LYS 104 104 104 LYS LYS A . n 
A 1 105 ASP 105 105 105 ASP ASP A . n 
A 1 106 SER 106 106 106 SER SER A . n 
A 1 107 ASP 107 107 107 ASP ASP A . n 
A 1 108 ASP 108 108 108 ASP ASP A . n 
A 1 109 VAL 109 109 109 VAL VAL A . n 
A 1 110 PRO 110 110 110 PRO PRO A . n 
A 1 111 MET 111 111 111 MET MET A . n 
A 1 112 VAL 112 112 112 VAL VAL A . n 
A 1 113 LEU 113 113 113 LEU LEU A . n 
A 1 114 VAL 114 114 114 VAL VAL A . n 
A 1 115 GLY 115 115 115 GLY GLY A . n 
A 1 116 ASN 116 116 116 ASN ASN A . n 
A 1 117 LYS 117 117 117 LYS LYS A . n 
A 1 118 CYS 118 118 118 CYS CYS A . n 
A 1 119 ASP 119 119 119 ASP ASP A . n 
A 1 120 LEU 120 120 120 LEU LEU A . n 
A 1 121 ALA 121 121 121 ALA ALA A . n 
A 1 122 ALA 122 122 122 ALA ALA A . n 
A 1 123 ARG 123 123 123 ARG ARG A . n 
A 1 124 THR 124 124 124 THR THR A . n 
A 1 125 VAL 125 125 125 VAL VAL A . n 
A 1 126 GLU 126 126 126 GLU GLU A . n 
A 1 127 SER 127 127 127 SER SER A . n 
A 1 128 ARG 128 128 128 ARG ARG A . n 
A 1 129 GLN 129 129 129 GLN GLN A . n 
A 1 130 ALA 130 130 130 ALA ALA A . n 
A 1 131 GLN 131 131 131 GLN GLN A . n 
A 1 132 ASP 132 132 132 ASP ASP A . n 
A 1 133 LEU 133 133 133 LEU LEU A . n 
A 1 134 ALA 134 134 134 ALA ALA A . n 
A 1 135 ARG 135 135 135 ARG ARG A . n 
A 1 136 SER 136 136 136 SER SER A . n 
A 1 137 TYR 137 137 137 TYR TYR A . n 
A 1 138 GLY 138 138 138 GLY GLY A . n 
A 1 139 ILE 139 139 139 ILE ILE A . n 
A 1 140 PRO 140 140 140 PRO PRO A . n 
A 1 141 TYR 141 141 141 TYR TYR A . n 
A 1 142 ILE 142 142 142 ILE ILE A . n 
A 1 143 GLU 143 143 143 GLU GLU A . n 
A 1 144 THR 144 144 144 THR THR A . n 
A 1 145 SER 145 145 145 SER SER A . n 
A 1 146 ALA 146 146 146 ALA ALA A . n 
A 1 147 LYS 147 147 147 LYS LYS A . n 
A 1 148 THR 148 148 148 THR THR A . n 
A 1 149 ARG 149 149 149 ARG ARG A . n 
A 1 150 GLN 150 150 150 GLN GLN A . n 
A 1 151 GLY 151 151 151 GLY GLY A . n 
A 1 152 VAL 152 152 152 VAL VAL A . n 
A 1 153 GLU 153 153 153 GLU GLU A . n 
A 1 154 ASP 154 154 154 ASP ASP A . n 
A 1 155 ALA 155 155 155 ALA ALA A . n 
A 1 156 PHE 156 156 156 PHE PHE A . n 
A 1 157 TYR 157 157 157 TYR TYR A . n 
A 1 158 THR 158 158 158 THR THR A . n 
A 1 159 LEU 159 159 159 LEU LEU A . n 
A 1 160 VAL 160 160 160 VAL VAL A . n 
A 1 161 ARG 161 161 161 ARG ARG A . n 
A 1 162 GLU 162 162 162 GLU GLU A . n 
A 1 163 ILE 163 163 163 ILE ILE A . n 
A 1 164 ARG 164 164 164 ARG ARG A . n 
A 1 165 GLN 165 165 165 GLN GLN A . n 
A 1 166 HIS 166 166 166 HIS HIS A . n 
# 
loop_
_pdbx_nonpoly_scheme.asym_id 
_pdbx_nonpoly_scheme.entity_id 
_pdbx_nonpoly_scheme.mon_id 
_pdbx_nonpoly_scheme.ndb_seq_num 
_pdbx_nonpoly_scheme.pdb_seq_num 
_pdbx_nonpoly_scheme.auth_seq_num 
_pdbx_nonpoly_scheme.pdb_mon_id 
_pdbx_nonpoly_scheme.auth_mon_id 
_pdbx_nonpoly_scheme.pdb_strand_id 
_pdbx_nonpoly_scheme.pdb_ins_code 
B 2 MG  1 168 168 MG  MG  A . 
C 3 AGN 1 167 167 AGN AGN A . 
# 
loop_
_software.name 
_software.classification 
_software.version 
_software.citation_id 
_software.pdbx_ordinal 
X-PLOR 'model building' . ? 1 
X-PLOR refinement       . ? 2 
XDS    'data reduction' . ? 3 
X-PLOR phasing          . ? 4 
# 
_cell.entry_id           1GNP 
_cell.length_a           40.080 
_cell.length_b           40.080 
_cell.length_c           160.190 
_cell.angle_alpha        90.00 
_cell.angle_beta         90.00 
_cell.angle_gamma        120.00 
_cell.Z_PDB              6 
_cell.pdbx_unique_axis   ? 
# 
_symmetry.entry_id                         1GNP 
_symmetry.space_group_name_H-M             'P 32 2 1' 
_symmetry.pdbx_full_space_group_name_H-M   ? 
_symmetry.cell_setting                     ? 
_symmetry.Int_Tables_number                154 
# 
_exptl.entry_id          1GNP 
_exptl.method            'X-RAY DIFFRACTION' 
_exptl.crystals_number   ? 
# 
_exptl_crystal.id                    1 
_exptl_crystal.density_meas          ? 
_exptl_crystal.density_Matthews      1.97 
_exptl_crystal.density_percent_sol   37.48 
_exptl_crystal.description           ? 
# 
_diffrn.id                     1 
_diffrn.ambient_temp           ? 
_diffrn.ambient_temp_details   ? 
_diffrn.crystal_id             1 
# 
_diffrn_detector.diffrn_id              1 
_diffrn_detector.detector               'AREA DETECTOR' 
_diffrn_detector.type                   SIEMENS 
_diffrn_detector.pdbx_collection_date   1992 
_diffrn_detector.details                ? 
# 
_diffrn_radiation.diffrn_id                        1 
_diffrn_radiation.wavelength_id                    1 
_diffrn_radiation.pdbx_monochromatic_or_laue_m_l   M 
_diffrn_radiation.monochromator                    ? 
_diffrn_radiation.pdbx_diffrn_protocol             ? 
_diffrn_radiation.pdbx_scattering_type             x-ray 
# 
_diffrn_radiation_wavelength.id           1 
_diffrn_radiation_wavelength.wavelength   1.54 
_diffrn_radiation_wavelength.wt           1.0 
# 
_diffrn_source.diffrn_id                   1 
_diffrn_source.source                      ? 
_diffrn_source.type                        ? 
_diffrn_source.pdbx_synchrotron_site       ? 
_diffrn_source.pdbx_synchrotron_beamline   ? 
_diffrn_source.pdbx_wavelength             1.54 
_diffrn_source.pdbx_wavelength_list        ? 
# 
_reflns.entry_id                     1GNP 
_reflns.observed_criterion_sigma_I   0.0 
_reflns.observed_criterion_sigma_F   ? 
_reflns.d_resolution_low             30.0 
_reflns.d_resolution_high            2.60 
_reflns.number_obs                   5007 
_reflns.number_all                   ? 
_reflns.percent_possible_obs         88.8 
_reflns.pdbx_Rmerge_I_obs            0.075 
_reflns.pdbx_Rsym_value              ? 
_reflns.pdbx_netI_over_sigmaI        ? 
_reflns.B_iso_Wilson_estimate        ? 
_reflns.pdbx_redundancy              3.1 
_reflns.pdbx_diffrn_id               1 
_reflns.pdbx_ordinal                 1 
# 
_refine.entry_id                                 1GNP 
_refine.ls_number_reflns_obs                     3870 
_refine.ls_number_reflns_all                     ? 
_refine.pdbx_ls_sigma_I                          ? 
_refine.pdbx_ls_sigma_F                          0.0 
_refine.pdbx_data_cutoff_high_absF               ? 
_refine.pdbx_data_cutoff_low_absF                ? 
_refine.pdbx_data_cutoff_high_rms_absF           ? 
_refine.ls_d_res_low                             8.0 
_refine.ls_d_res_high                            2.7 
_refine.ls_percent_reflns_obs                    89.5 
_refine.ls_R_factor_obs                          0.193 
_refine.ls_R_factor_all                          ? 
_refine.ls_R_factor_R_work                       0.193 
_refine.ls_R_factor_R_free                       ? 
_refine.ls_R_factor_R_free_error                 ? 
_refine.ls_R_factor_R_free_error_details         ? 
_refine.ls_percent_reflns_R_free                 ? 
_refine.ls_number_reflns_R_free                  ? 
_refine.ls_number_parameters                     ? 
_refine.ls_number_restraints                     ? 
_refine.occupancy_min                            ? 
_refine.occupancy_max                            ? 
_refine.B_iso_mean                               11.72 
_refine.aniso_B[1][1]                            ? 
_refine.aniso_B[2][2]                            ? 
_refine.aniso_B[3][3]                            ? 
_refine.aniso_B[1][2]                            ? 
_refine.aniso_B[1][3]                            ? 
_refine.aniso_B[2][3]                            ? 
_refine.solvent_model_details                    ? 
_refine.solvent_model_param_ksol                 ? 
_refine.solvent_model_param_bsol                 ? 
_refine.pdbx_ls_cross_valid_method               ? 
_refine.details                                  ? 
_refine.pdbx_starting_model                      ? 
_refine.pdbx_method_to_determine_struct          ? 
_refine.pdbx_isotropic_thermal_model             ? 
_refine.pdbx_stereochemistry_target_values       ? 
_refine.pdbx_stereochem_target_val_spec_case     ? 
_refine.pdbx_R_Free_selection_details            ? 
_refine.pdbx_overall_ESU_R                       ? 
_refine.pdbx_overall_ESU_R_Free                  ? 
_refine.overall_SU_ML                            ? 
_refine.overall_SU_B                             ? 
_refine.pdbx_refine_id                           'X-RAY DIFFRACTION' 
_refine.pdbx_diffrn_id                           1 
_refine.pdbx_TLS_residual_ADP_flag               ? 
_refine.correlation_coeff_Fo_to_Fc               ? 
_refine.correlation_coeff_Fo_to_Fc_free          ? 
_refine.pdbx_solvent_vdw_probe_radii             ? 
_refine.pdbx_solvent_ion_probe_radii             ? 
_refine.pdbx_solvent_shrinkage_radii             ? 
_refine.pdbx_overall_phase_error                 ? 
_refine.overall_SU_R_Cruickshank_DPI             ? 
_refine.pdbx_overall_SU_R_free_Cruickshank_DPI   ? 
_refine.pdbx_overall_SU_R_Blow_DPI               ? 
_refine.pdbx_overall_SU_R_free_Blow_DPI          ? 
# 
_refine_analyze.entry_id                        1GNP 
_refine_analyze.Luzzati_coordinate_error_obs    0.25 
_refine_analyze.Luzzati_sigma_a_obs             ? 
_refine_analyze.Luzzati_d_res_low_obs           ? 
_refine_analyze.Luzzati_coordinate_error_free   ? 
_refine_analyze.Luzzati_sigma_a_free            ? 
_refine_analyze.Luzzati_d_res_low_free          ? 
_refine_analyze.number_disordered_residues      ? 
_refine_analyze.occupancy_sum_hydrogen          ? 
_refine_analyze.occupancy_sum_non_hydrogen      ? 
_refine_analyze.pdbx_refine_id                  'X-RAY DIFFRACTION' 
# 
_refine_hist.pdbx_refine_id                   'X-RAY DIFFRACTION' 
_refine_hist.cycle_id                         LAST 
_refine_hist.pdbx_number_atoms_protein        1323 
_refine_hist.pdbx_number_atoms_nucleic_acid   0 
_refine_hist.pdbx_number_atoms_ligand         42 
_refine_hist.number_atoms_solvent             0 
_refine_hist.number_atoms_total               1365 
_refine_hist.d_res_high                       2.7 
_refine_hist.d_res_low                        8.0 
# 
loop_
_refine_ls_restr.type 
_refine_ls_restr.dev_ideal 
_refine_ls_restr.dev_ideal_target 
_refine_ls_restr.weight 
_refine_ls_restr.number 
_refine_ls_restr.pdbx_refine_id 
_refine_ls_restr.pdbx_restraint_function 
x_bond_d                0.008 ? ? ? 'X-RAY DIFFRACTION' ? 
x_bond_d_na             ?     ? ? ? 'X-RAY DIFFRACTION' ? 
x_bond_d_prot           ?     ? ? ? 'X-RAY DIFFRACTION' ? 
x_angle_d               ?     ? ? ? 'X-RAY DIFFRACTION' ? 
x_angle_d_na            ?     ? ? ? 'X-RAY DIFFRACTION' ? 
x_angle_d_prot          ?     ? ? ? 'X-RAY DIFFRACTION' ? 
x_angle_deg             1.372 ? ? ? 'X-RAY DIFFRACTION' ? 
x_angle_deg_na          ?     ? ? ? 'X-RAY DIFFRACTION' ? 
x_angle_deg_prot        ?     ? ? ? 'X-RAY DIFFRACTION' ? 
x_dihedral_angle_d      26.5  ? ? ? 'X-RAY DIFFRACTION' ? 
x_dihedral_angle_d_na   ?     ? ? ? 'X-RAY DIFFRACTION' ? 
x_dihedral_angle_d_prot ?     ? ? ? 'X-RAY DIFFRACTION' ? 
x_improper_angle_d      4.26  ? ? ? 'X-RAY DIFFRACTION' ? 
x_improper_angle_d_na   ?     ? ? ? 'X-RAY DIFFRACTION' ? 
x_improper_angle_d_prot ?     ? ? ? 'X-RAY DIFFRACTION' ? 
x_mcbond_it             ?     ? ? ? 'X-RAY DIFFRACTION' ? 
x_mcangle_it            ?     ? ? ? 'X-RAY DIFFRACTION' ? 
x_scbond_it             ?     ? ? ? 'X-RAY DIFFRACTION' ? 
x_scangle_it            ?     ? ? ? 'X-RAY DIFFRACTION' ? 
# 
_struct.entry_id                  1GNP 
_struct.title                     
'X-RAY CRYSTAL STRUCTURE ANALYSIS OF THE CATALYTIC DOMAIN OF THE ONCOGENE PRODUCT P21H-RAS COMPLEXED WITH CAGED GTP AND MANT DGPPNHP' 
_struct.pdbx_model_details        ? 
_struct.pdbx_CASP_flag            ? 
_struct.pdbx_model_type_details   ? 
# 
_struct_keywords.entry_id        1GNP 
_struct_keywords.pdbx_keywords   'GTP BINDING PROTEIN' 
_struct_keywords.text            'GTP BINDING PROTEIN' 
# 
loop_
_struct_asym.id 
_struct_asym.pdbx_blank_PDB_chainid_flag 
_struct_asym.pdbx_modified 
_struct_asym.entity_id 
_struct_asym.details 
A N N 1 ? 
B N N 2 ? 
C N N 3 ? 
# 
_struct_ref.id                         1 
_struct_ref.db_name                    UNP 
_struct_ref.db_code                    RASH_HUMAN 
_struct_ref.entity_id                  1 
_struct_ref.pdbx_db_accession          P01112 
_struct_ref.pdbx_align_begin           1 
_struct_ref.pdbx_seq_one_letter_code   
;MTEYKLVVVGAGGVGKSALTIQLIQNHFVDEYDPTIEDSYRKQVVIDGETCLLDILDTAGQEEYSAMRDQYMRTGEGFLC
VFAINNTKSFEDIHQYREQIKRVKDSDDVPMVLVGNKCDLAARTVESRQAQDLARSYGIPYIETSAKTRQGVEDAFYTLV
REIRQHKLRKLNPPDESGPGCMSCKCVLS
;
_struct_ref.pdbx_db_isoform            ? 
# 
_struct_ref_seq.align_id                      1 
_struct_ref_seq.ref_id                        1 
_struct_ref_seq.pdbx_PDB_id_code              1GNP 
_struct_ref_seq.pdbx_strand_id                A 
_struct_ref_seq.seq_align_beg                 1 
_struct_ref_seq.pdbx_seq_align_beg_ins_code   ? 
_struct_ref_seq.seq_align_end                 166 
_struct_ref_seq.pdbx_seq_align_end_ins_code   ? 
_struct_ref_seq.pdbx_db_accession             P01112 
_struct_ref_seq.db_align_beg                  1 
_struct_ref_seq.pdbx_db_align_beg_ins_code    ? 
_struct_ref_seq.db_align_end                  166 
_struct_ref_seq.pdbx_db_align_end_ins_code    ? 
_struct_ref_seq.pdbx_auth_seq_align_beg       1 
_struct_ref_seq.pdbx_auth_seq_align_end       166 
# 
_pdbx_struct_assembly.id                   1 
_pdbx_struct_assembly.details              author_defined_assembly 
_pdbx_struct_assembly.method_details       ? 
_pdbx_struct_assembly.oligomeric_details   dimeric 
_pdbx_struct_assembly.oligomeric_count     2 
# 
_pdbx_struct_assembly_gen.assembly_id       1 
_pdbx_struct_assembly_gen.oper_expression   1,2 
_pdbx_struct_assembly_gen.asym_id_list      A,B,C 
# 
loop_
_pdbx_struct_oper_list.id 
_pdbx_struct_oper_list.type 
_pdbx_struct_oper_list.name 
_pdbx_struct_oper_list.symmetry_operation 
_pdbx_struct_oper_list.matrix[1][1] 
_pdbx_struct_oper_list.matrix[1][2] 
_pdbx_struct_oper_list.matrix[1][3] 
_pdbx_struct_oper_list.vector[1] 
_pdbx_struct_oper_list.matrix[2][1] 
_pdbx_struct_oper_list.matrix[2][2] 
_pdbx_struct_oper_list.matrix[2][3] 
_pdbx_struct_oper_list.vector[2] 
_pdbx_struct_oper_list.matrix[3][1] 
_pdbx_struct_oper_list.matrix[3][2] 
_pdbx_struct_oper_list.matrix[3][3] 
_pdbx_struct_oper_list.vector[3] 
1 'identity operation'         1_555 x,y,z  1.0000000000  0.0000000000  0.0000000000  0.0000000000   0.0000000000  1.0000000000  0.0000000000 0.0000000000   0.0000000000  0.0000000000 1.0000000000  0.0000000000   
2 'crystal symmetry operation' 4_555 y,x,-z -0.1831519059 -0.4279006714 -0.8850742312 -21.1847472985 -0.4279006714 -0.7758469587 0.4636404988 -11.8448146562 -0.8850742312 0.4636404988 -0.0410011354 -13.8251864967 
# 
_struct_biol.id   1 
# 
loop_
_struct_conf.conf_type_id 
_struct_conf.id 
_struct_conf.pdbx_PDB_helix_id 
_struct_conf.beg_label_comp_id 
_struct_conf.beg_label_asym_id 
_struct_conf.beg_label_seq_id 
_struct_conf.pdbx_beg_PDB_ins_code 
_struct_conf.end_label_comp_id 
_struct_conf.end_label_asym_id 
_struct_conf.end_label_seq_id 
_struct_conf.pdbx_end_PDB_ins_code 
_struct_conf.beg_auth_comp_id 
_struct_conf.beg_auth_asym_id 
_struct_conf.beg_auth_seq_id 
_struct_conf.end_auth_comp_id 
_struct_conf.end_auth_asym_id 
_struct_conf.end_auth_seq_id 
_struct_conf.pdbx_PDB_helix_class 
_struct_conf.details 
_struct_conf.pdbx_PDB_helix_length 
HELX_P HELX_P1 1 LYS A 16  ? GLN A 25  ? LYS A 16  GLN A 25  1 ? 10 
HELX_P HELX_P2 2 MET A 67  ? THR A 74  ? MET A 67  THR A 74  1 ? 8  
HELX_P HELX_P3 3 THR A 87  ? GLU A 91  ? THR A 87  GLU A 91  1 ? 5  
HELX_P HELX_P4 4 ILE A 93  ? LYS A 104 ? ILE A 93  LYS A 104 1 ? 12 
HELX_P HELX_P5 5 SER A 127 ? TYR A 137 ? SER A 127 TYR A 137 1 ? 11 
HELX_P HELX_P6 6 VAL A 152 ? ARG A 164 ? VAL A 152 ARG A 164 1 ? 13 
# 
_struct_conf_type.id          HELX_P 
_struct_conf_type.criteria    ? 
_struct_conf_type.reference   ? 
# 
loop_
_struct_conn.id 
_struct_conn.conn_type_id 
_struct_conn.pdbx_leaving_atom_flag 
_struct_conn.pdbx_PDB_id 
_struct_conn.ptnr1_label_asym_id 
_struct_conn.ptnr1_label_comp_id 
_struct_conn.ptnr1_label_seq_id 
_struct_conn.ptnr1_label_atom_id 
_struct_conn.pdbx_ptnr1_label_alt_id 
_struct_conn.pdbx_ptnr1_PDB_ins_code 
_struct_conn.pdbx_ptnr1_standard_comp_id 
_struct_conn.ptnr1_symmetry 
_struct_conn.ptnr2_label_asym_id 
_struct_conn.ptnr2_label_comp_id 
_struct_conn.ptnr2_label_seq_id 
_struct_conn.ptnr2_label_atom_id 
_struct_conn.pdbx_ptnr2_label_alt_id 
_struct_conn.pdbx_ptnr2_PDB_ins_code 
_struct_conn.ptnr1_auth_asym_id 
_struct_conn.ptnr1_auth_comp_id 
_struct_conn.ptnr1_auth_seq_id 
_struct_conn.ptnr2_auth_asym_id 
_struct_conn.ptnr2_auth_comp_id 
_struct_conn.ptnr2_auth_seq_id 
_struct_conn.ptnr2_symmetry 
_struct_conn.pdbx_ptnr3_label_atom_id 
_struct_conn.pdbx_ptnr3_label_seq_id 
_struct_conn.pdbx_ptnr3_label_comp_id 
_struct_conn.pdbx_ptnr3_label_asym_id 
_struct_conn.pdbx_ptnr3_label_alt_id 
_struct_conn.pdbx_ptnr3_PDB_ins_code 
_struct_conn.details 
_struct_conn.pdbx_dist_value 
_struct_conn.pdbx_value_order 
_struct_conn.pdbx_role 
metalc1 metalc ? ? A SER 17 OG  ? ? ? 1_555 B MG . MG ? ? A SER 17  A MG 168 1_555 ? ? ? ? ? ? ? 2.309 ? ? 
metalc2 metalc ? ? A ASP 33 O   ? ? ? 1_555 B MG . MG ? ? A ASP 33  A MG 168 1_555 ? ? ? ? ? ? ? 2.935 ? ? 
metalc3 metalc ? ? A THR 35 OG1 ? ? ? 1_555 B MG . MG ? ? A THR 35  A MG 168 1_555 ? ? ? ? ? ? ? 2.323 ? ? 
metalc4 metalc ? ? C AGN .  O1G ? ? ? 1_555 B MG . MG ? ? A AGN 167 A MG 168 1_555 ? ? ? ? ? ? ? 2.551 ? ? 
metalc5 metalc ? ? C AGN .  O2B ? ? ? 1_555 B MG . MG ? ? A AGN 167 A MG 168 1_555 ? ? ? ? ? ? ? 2.620 ? ? 
# 
_struct_conn_type.id          metalc 
_struct_conn_type.criteria    ? 
_struct_conn_type.reference   ? 
# 
loop_
_pdbx_struct_conn_angle.id 
_pdbx_struct_conn_angle.ptnr1_label_atom_id 
_pdbx_struct_conn_angle.ptnr1_label_alt_id 
_pdbx_struct_conn_angle.ptnr1_label_asym_id 
_pdbx_struct_conn_angle.ptnr1_label_comp_id 
_pdbx_struct_conn_angle.ptnr1_label_seq_id 
_pdbx_struct_conn_angle.ptnr1_auth_atom_id 
_pdbx_struct_conn_angle.ptnr1_auth_asym_id 
_pdbx_struct_conn_angle.ptnr1_auth_comp_id 
_pdbx_struct_conn_angle.ptnr1_auth_seq_id 
_pdbx_struct_conn_angle.ptnr1_PDB_ins_code 
_pdbx_struct_conn_angle.ptnr1_symmetry 
_pdbx_struct_conn_angle.ptnr2_label_atom_id 
_pdbx_struct_conn_angle.ptnr2_label_alt_id 
_pdbx_struct_conn_angle.ptnr2_label_asym_id 
_pdbx_struct_conn_angle.ptnr2_label_comp_id 
_pdbx_struct_conn_angle.ptnr2_label_seq_id 
_pdbx_struct_conn_angle.ptnr2_auth_atom_id 
_pdbx_struct_conn_angle.ptnr2_auth_asym_id 
_pdbx_struct_conn_angle.ptnr2_auth_comp_id 
_pdbx_struct_conn_angle.ptnr2_auth_seq_id 
_pdbx_struct_conn_angle.ptnr2_PDB_ins_code 
_pdbx_struct_conn_angle.ptnr2_symmetry 
_pdbx_struct_conn_angle.ptnr3_label_atom_id 
_pdbx_struct_conn_angle.ptnr3_label_alt_id 
_pdbx_struct_conn_angle.ptnr3_label_asym_id 
_pdbx_struct_conn_angle.ptnr3_label_comp_id 
_pdbx_struct_conn_angle.ptnr3_label_seq_id 
_pdbx_struct_conn_angle.ptnr3_auth_atom_id 
_pdbx_struct_conn_angle.ptnr3_auth_asym_id 
_pdbx_struct_conn_angle.ptnr3_auth_comp_id 
_pdbx_struct_conn_angle.ptnr3_auth_seq_id 
_pdbx_struct_conn_angle.ptnr3_PDB_ins_code 
_pdbx_struct_conn_angle.ptnr3_symmetry 
_pdbx_struct_conn_angle.value 
_pdbx_struct_conn_angle.value_esd 
1  OG  ? A SER 17 ? A SER 17  ? 1_555 MG ? B MG . ? A MG 168 ? 1_555 O   ? A ASP 33 ? A ASP 33  ? 1_555 151.5 ? 
2  OG  ? A SER 17 ? A SER 17  ? 1_555 MG ? B MG . ? A MG 168 ? 1_555 OG1 ? A THR 35 ? A THR 35  ? 1_555 75.5  ? 
3  O   ? A ASP 33 ? A ASP 33  ? 1_555 MG ? B MG . ? A MG 168 ? 1_555 OG1 ? A THR 35 ? A THR 35  ? 1_555 109.9 ? 
4  OG  ? A SER 17 ? A SER 17  ? 1_555 MG ? B MG . ? A MG 168 ? 1_555 O1G ? C AGN .  ? A AGN 167 ? 1_555 98.0  ? 
5  O   ? A ASP 33 ? A ASP 33  ? 1_555 MG ? B MG . ? A MG 168 ? 1_555 O1G ? C AGN .  ? A AGN 167 ? 1_555 110.2 ? 
6  OG1 ? A THR 35 ? A THR 35  ? 1_555 MG ? B MG . ? A MG 168 ? 1_555 O1G ? C AGN .  ? A AGN 167 ? 1_555 69.6  ? 
7  OG  ? A SER 17 ? A SER 17  ? 1_555 MG ? B MG . ? A MG 168 ? 1_555 O2B ? C AGN .  ? A AGN 167 ? 1_555 60.2  ? 
8  O   ? A ASP 33 ? A ASP 33  ? 1_555 MG ? B MG . ? A MG 168 ? 1_555 O2B ? C AGN .  ? A AGN 167 ? 1_555 138.2 ? 
9  OG1 ? A THR 35 ? A THR 35  ? 1_555 MG ? B MG . ? A MG 168 ? 1_555 O2B ? C AGN .  ? A AGN 167 ? 1_555 104.6 ? 
10 O1G ? C AGN .  ? A AGN 167 ? 1_555 MG ? B MG . ? A MG 168 ? 1_555 O2B ? C AGN .  ? A AGN 167 ? 1_555 61.2  ? 
# 
_struct_sheet.id               A 
_struct_sheet.type             ? 
_struct_sheet.number_strands   6 
_struct_sheet.details          ? 
# 
loop_
_struct_sheet_order.sheet_id 
_struct_sheet_order.range_id_1 
_struct_sheet_order.range_id_2 
_struct_sheet_order.offset 
_struct_sheet_order.sense 
A 1 2 ? parallel      
A 2 3 ? parallel      
A 3 4 ? parallel      
A 4 5 ? parallel      
A 5 6 ? anti-parallel 
# 
loop_
_struct_sheet_range.sheet_id 
_struct_sheet_range.id 
_struct_sheet_range.beg_label_comp_id 
_struct_sheet_range.beg_label_asym_id 
_struct_sheet_range.beg_label_seq_id 
_struct_sheet_range.pdbx_beg_PDB_ins_code 
_struct_sheet_range.end_label_comp_id 
_struct_sheet_range.end_label_asym_id 
_struct_sheet_range.end_label_seq_id 
_struct_sheet_range.pdbx_end_PDB_ins_code 
_struct_sheet_range.beg_auth_comp_id 
_struct_sheet_range.beg_auth_asym_id 
_struct_sheet_range.beg_auth_seq_id 
_struct_sheet_range.end_auth_comp_id 
_struct_sheet_range.end_auth_asym_id 
_struct_sheet_range.end_auth_seq_id 
A 1 PRO A 140 ? THR A 144 ? PRO A 140 THR A 144 
A 2 PRO A 110 ? ASN A 116 ? PRO A 110 ASN A 116 
A 3 GLY A 77  ? ALA A 83  ? GLY A 77  ALA A 83  
A 4 GLU A 3   ? VAL A 9   ? GLU A 3   VAL A 9   
A 5 GLU A 49  ? THR A 58  ? GLU A 49  THR A 58  
A 6 GLU A 37  ? ILE A 46  ? GLU A 37  ILE A 46  
# 
loop_
_pdbx_struct_sheet_hbond.sheet_id 
_pdbx_struct_sheet_hbond.range_id_1 
_pdbx_struct_sheet_hbond.range_id_2 
_pdbx_struct_sheet_hbond.range_1_label_atom_id 
_pdbx_struct_sheet_hbond.range_1_label_comp_id 
_pdbx_struct_sheet_hbond.range_1_label_asym_id 
_pdbx_struct_sheet_hbond.range_1_label_seq_id 
_pdbx_struct_sheet_hbond.range_1_PDB_ins_code 
_pdbx_struct_sheet_hbond.range_1_auth_atom_id 
_pdbx_struct_sheet_hbond.range_1_auth_comp_id 
_pdbx_struct_sheet_hbond.range_1_auth_asym_id 
_pdbx_struct_sheet_hbond.range_1_auth_seq_id 
_pdbx_struct_sheet_hbond.range_2_label_atom_id 
_pdbx_struct_sheet_hbond.range_2_label_comp_id 
_pdbx_struct_sheet_hbond.range_2_label_asym_id 
_pdbx_struct_sheet_hbond.range_2_label_seq_id 
_pdbx_struct_sheet_hbond.range_2_PDB_ins_code 
_pdbx_struct_sheet_hbond.range_2_auth_atom_id 
_pdbx_struct_sheet_hbond.range_2_auth_comp_id 
_pdbx_struct_sheet_hbond.range_2_auth_asym_id 
_pdbx_struct_sheet_hbond.range_2_auth_seq_id 
A 1 2 O PRO A 140 ? O PRO A 140 N LEU A 113 ? N LEU A 113 
A 2 3 O PRO A 110 ? O PRO A 110 N PHE A 78  ? N PHE A 78  
A 3 4 O GLY A 77  ? O GLY A 77  N VAL A 7   ? N VAL A 7   
A 4 5 O TYR A 4   ? O TYR A 4   N LEU A 52  ? N LEU A 52  
A 5 6 O GLU A 49  ? O GLU A 49  N ILE A 46  ? N ILE A 46  
# 
loop_
_struct_site.id 
_struct_site.pdbx_evidence_code 
_struct_site.pdbx_auth_asym_id 
_struct_site.pdbx_auth_comp_id 
_struct_site.pdbx_auth_seq_id 
_struct_site.pdbx_auth_ins_code 
_struct_site.pdbx_num_residues 
_struct_site.details 
AC1 Software A MG  168 ? 4  'BINDING SITE FOR RESIDUE MG A 168'  
AC2 Software A AGN 167 ? 21 'BINDING SITE FOR RESIDUE AGN A 167' 
# 
loop_
_struct_site_gen.id 
_struct_site_gen.site_id 
_struct_site_gen.pdbx_num_res 
_struct_site_gen.label_comp_id 
_struct_site_gen.label_asym_id 
_struct_site_gen.label_seq_id 
_struct_site_gen.pdbx_auth_ins_code 
_struct_site_gen.auth_comp_id 
_struct_site_gen.auth_asym_id 
_struct_site_gen.auth_seq_id 
_struct_site_gen.label_atom_id 
_struct_site_gen.label_alt_id 
_struct_site_gen.symmetry 
_struct_site_gen.details 
1  AC1 4  SER A 17  ? SER A 17  . ? 1_555 ? 
2  AC1 4  ASP A 33  ? ASP A 33  . ? 1_555 ? 
3  AC1 4  THR A 35  ? THR A 35  . ? 1_555 ? 
4  AC1 4  AGN C .   ? AGN A 167 . ? 1_555 ? 
5  AC2 21 GLY A 12  ? GLY A 12  . ? 1_555 ? 
6  AC2 21 GLY A 13  ? GLY A 13  . ? 1_555 ? 
7  AC2 21 VAL A 14  ? VAL A 14  . ? 1_555 ? 
8  AC2 21 GLY A 15  ? GLY A 15  . ? 1_555 ? 
9  AC2 21 LYS A 16  ? LYS A 16  . ? 1_555 ? 
10 AC2 21 SER A 17  ? SER A 17  . ? 1_555 ? 
11 AC2 21 ALA A 18  ? ALA A 18  . ? 1_555 ? 
12 AC2 21 PHE A 28  ? PHE A 28  . ? 1_555 ? 
13 AC2 21 ASP A 30  ? ASP A 30  . ? 1_555 ? 
14 AC2 21 GLU A 31  ? GLU A 31  . ? 1_555 ? 
15 AC2 21 TYR A 32  ? TYR A 32  . ? 1_555 ? 
16 AC2 21 TYR A 32  ? TYR A 32  . ? 5_675 ? 
17 AC2 21 THR A 35  ? THR A 35  . ? 1_555 ? 
18 AC2 21 GLY A 60  ? GLY A 60  . ? 1_555 ? 
19 AC2 21 ASN A 116 ? ASN A 116 . ? 1_555 ? 
20 AC2 21 LYS A 117 ? LYS A 117 . ? 1_555 ? 
21 AC2 21 ASP A 119 ? ASP A 119 . ? 1_555 ? 
22 AC2 21 SER A 145 ? SER A 145 . ? 1_555 ? 
23 AC2 21 ALA A 146 ? ALA A 146 . ? 1_555 ? 
24 AC2 21 LYS A 147 ? LYS A 147 . ? 1_555 ? 
25 AC2 21 MG  B .   ? MG  A 168 . ? 1_555 ? 
# 
loop_
_pdbx_validate_torsion.id 
_pdbx_validate_torsion.PDB_model_num 
_pdbx_validate_torsion.auth_comp_id 
_pdbx_validate_torsion.auth_asym_id 
_pdbx_validate_torsion.auth_seq_id 
_pdbx_validate_torsion.PDB_ins_code 
_pdbx_validate_torsion.label_alt_id 
_pdbx_validate_torsion.phi 
_pdbx_validate_torsion.psi 
1 1 ALA A 11  ? ? -45.69  151.96  
2 1 GLU A 37  ? ? -170.21 107.21  
3 1 SER A 65  ? ? -62.84  -112.22 
4 1 ASN A 86  ? ? -159.75 83.26   
5 1 ARG A 102 ? ? -53.36  -78.42  
6 1 ASP A 105 ? ? 82.81   1.66    
7 1 LYS A 117 ? ? 85.18   31.45   
8 1 ALA A 122 ? ? -89.69  41.50   
# 
_pdbx_validate_peptide_omega.id               1 
_pdbx_validate_peptide_omega.PDB_model_num    1 
_pdbx_validate_peptide_omega.auth_comp_id_1   GLU 
_pdbx_validate_peptide_omega.auth_asym_id_1   A 
_pdbx_validate_peptide_omega.auth_seq_id_1    62 
_pdbx_validate_peptide_omega.PDB_ins_code_1   ? 
_pdbx_validate_peptide_omega.label_alt_id_1   ? 
_pdbx_validate_peptide_omega.auth_comp_id_2   GLU 
_pdbx_validate_peptide_omega.auth_asym_id_2   A 
_pdbx_validate_peptide_omega.auth_seq_id_2    63 
_pdbx_validate_peptide_omega.PDB_ins_code_2   ? 
_pdbx_validate_peptide_omega.label_alt_id_2   ? 
_pdbx_validate_peptide_omega.omega            144.55 
# 
_pdbx_validate_main_chain_plane.id                       1 
_pdbx_validate_main_chain_plane.PDB_model_num            1 
_pdbx_validate_main_chain_plane.auth_comp_id             LEU 
_pdbx_validate_main_chain_plane.auth_asym_id             A 
_pdbx_validate_main_chain_plane.auth_seq_id              56 
_pdbx_validate_main_chain_plane.PDB_ins_code             ? 
_pdbx_validate_main_chain_plane.label_alt_id             ? 
_pdbx_validate_main_chain_plane.improper_torsion_angle   10.82 
# 
_pdbx_entry_details.entry_id                 1GNP 
_pdbx_entry_details.compound_details         
;SECONDARY STRUCTURE ELEMENTS HAVE BEEN ASSIGNED ACCORDING
TO THE PROGRAM DSSP (KABSCH, W. & SANDER, C. (1983)
BIOPOLYMERS 22, PP 2577-2637).
;
_pdbx_entry_details.source_details           ? 
_pdbx_entry_details.nonpolymer_details       ? 
_pdbx_entry_details.sequence_details         ? 
_pdbx_entry_details.has_ligand_of_interest   ? 
# 
loop_
_chem_comp_atom.comp_id 
_chem_comp_atom.atom_id 
_chem_comp_atom.type_symbol 
_chem_comp_atom.pdbx_aromatic_flag 
_chem_comp_atom.pdbx_stereo_config 
_chem_comp_atom.pdbx_ordinal 
AGN PG     P  N N 1   
AGN O1G    O  N N 2   
AGN O2G    O  N N 3   
AGN O3G    O  N N 4   
AGN N3B    N  N N 5   
AGN PB     P  N R 6   
AGN O1B    O  N N 7   
AGN O2B    O  N N 8   
AGN O3A    O  N N 9   
AGN PA     P  N S 10  
AGN O1A    O  N N 11  
AGN O2A    O  N N 12  
AGN "O5'"  O  N N 13  
AGN C5B    C  N N 14  
AGN C4B    C  N R 15  
AGN "O4'"  O  N N 16  
AGN C3B    C  N S 17  
AGN "O3'"  O  N N 18  
AGN C2B    C  N N 19  
AGN C1B    C  N R 20  
AGN "C'"   C  N N 21  
AGN "O1'"  O  N N 22  
AGN "C1'"  C  Y N 23  
AGN "C2'"  C  Y N 24  
AGN "N2'"  N  N N 25  
AGN "CM'"  C  N N 26  
AGN "C3'"  C  Y N 27  
AGN "C4'"  C  Y N 28  
AGN "C5'"  C  Y N 29  
AGN "C6'"  C  Y N 30  
AGN N9     N  Y N 31  
AGN C8     C  Y N 32  
AGN N7     N  Y N 33  
AGN C5     C  Y N 34  
AGN C6     C  Y N 35  
AGN O6     O  N N 36  
AGN N1     N  Y N 37  
AGN C2     C  Y N 38  
AGN N2     N  N N 39  
AGN N3     N  Y N 40  
AGN C4     C  Y N 41  
AGN HOG2   H  N N 42  
AGN HOG3   H  N N 43  
AGN HNB3   H  N N 44  
AGN HOB2   H  N N 45  
AGN HOA2   H  N N 46  
AGN "H5'2" H  N N 47  
AGN "H5'1" H  N N 48  
AGN H4B    H  N N 49  
AGN H3B    H  N N 50  
AGN "H2'1" H  N N 51  
AGN "H2'2" H  N N 52  
AGN "H1'"  H  N N 53  
AGN "HN2'" H  N N 54  
AGN "HM'1" H  N N 55  
AGN "HM'2" H  N N 56  
AGN "HM'3" H  N N 57  
AGN "H3'"  H  N N 58  
AGN "H4'"  H  N N 59  
AGN "H5'"  H  N N 60  
AGN "H6'"  H  N N 61  
AGN H8     H  N N 62  
AGN HN1    H  N N 63  
AGN HN21   H  N N 64  
AGN HN22   H  N N 65  
ALA N      N  N N 66  
ALA CA     C  N S 67  
ALA C      C  N N 68  
ALA O      O  N N 69  
ALA CB     C  N N 70  
ALA OXT    O  N N 71  
ALA H      H  N N 72  
ALA H2     H  N N 73  
ALA HA     H  N N 74  
ALA HB1    H  N N 75  
ALA HB2    H  N N 76  
ALA HB3    H  N N 77  
ALA HXT    H  N N 78  
ARG N      N  N N 79  
ARG CA     C  N S 80  
ARG C      C  N N 81  
ARG O      O  N N 82  
ARG CB     C  N N 83  
ARG CG     C  N N 84  
ARG CD     C  N N 85  
ARG NE     N  N N 86  
ARG CZ     C  N N 87  
ARG NH1    N  N N 88  
ARG NH2    N  N N 89  
ARG OXT    O  N N 90  
ARG H      H  N N 91  
ARG H2     H  N N 92  
ARG HA     H  N N 93  
ARG HB2    H  N N 94  
ARG HB3    H  N N 95  
ARG HG2    H  N N 96  
ARG HG3    H  N N 97  
ARG HD2    H  N N 98  
ARG HD3    H  N N 99  
ARG HE     H  N N 100 
ARG HH11   H  N N 101 
ARG HH12   H  N N 102 
ARG HH21   H  N N 103 
ARG HH22   H  N N 104 
ARG HXT    H  N N 105 
ASN N      N  N N 106 
ASN CA     C  N S 107 
ASN C      C  N N 108 
ASN O      O  N N 109 
ASN CB     C  N N 110 
ASN CG     C  N N 111 
ASN OD1    O  N N 112 
ASN ND2    N  N N 113 
ASN OXT    O  N N 114 
ASN H      H  N N 115 
ASN H2     H  N N 116 
ASN HA     H  N N 117 
ASN HB2    H  N N 118 
ASN HB3    H  N N 119 
ASN HD21   H  N N 120 
ASN HD22   H  N N 121 
ASN HXT    H  N N 122 
ASP N      N  N N 123 
ASP CA     C  N S 124 
ASP C      C  N N 125 
ASP O      O  N N 126 
ASP CB     C  N N 127 
ASP CG     C  N N 128 
ASP OD1    O  N N 129 
ASP OD2    O  N N 130 
ASP OXT    O  N N 131 
ASP H      H  N N 132 
ASP H2     H  N N 133 
ASP HA     H  N N 134 
ASP HB2    H  N N 135 
ASP HB3    H  N N 136 
ASP HD2    H  N N 137 
ASP HXT    H  N N 138 
CYS N      N  N N 139 
CYS CA     C  N R 140 
CYS C      C  N N 141 
CYS O      O  N N 142 
CYS CB     C  N N 143 
CYS SG     S  N N 144 
CYS OXT    O  N N 145 
CYS H      H  N N 146 
CYS H2     H  N N 147 
CYS HA     H  N N 148 
CYS HB2    H  N N 149 
CYS HB3    H  N N 150 
CYS HG     H  N N 151 
CYS HXT    H  N N 152 
GLN N      N  N N 153 
GLN CA     C  N S 154 
GLN C      C  N N 155 
GLN O      O  N N 156 
GLN CB     C  N N 157 
GLN CG     C  N N 158 
GLN CD     C  N N 159 
GLN OE1    O  N N 160 
GLN NE2    N  N N 161 
GLN OXT    O  N N 162 
GLN H      H  N N 163 
GLN H2     H  N N 164 
GLN HA     H  N N 165 
GLN HB2    H  N N 166 
GLN HB3    H  N N 167 
GLN HG2    H  N N 168 
GLN HG3    H  N N 169 
GLN HE21   H  N N 170 
GLN HE22   H  N N 171 
GLN HXT    H  N N 172 
GLU N      N  N N 173 
GLU CA     C  N S 174 
GLU C      C  N N 175 
GLU O      O  N N 176 
GLU CB     C  N N 177 
GLU CG     C  N N 178 
GLU CD     C  N N 179 
GLU OE1    O  N N 180 
GLU OE2    O  N N 181 
GLU OXT    O  N N 182 
GLU H      H  N N 183 
GLU H2     H  N N 184 
GLU HA     H  N N 185 
GLU HB2    H  N N 186 
GLU HB3    H  N N 187 
GLU HG2    H  N N 188 
GLU HG3    H  N N 189 
GLU HE2    H  N N 190 
GLU HXT    H  N N 191 
GLY N      N  N N 192 
GLY CA     C  N N 193 
GLY C      C  N N 194 
GLY O      O  N N 195 
GLY OXT    O  N N 196 
GLY H      H  N N 197 
GLY H2     H  N N 198 
GLY HA2    H  N N 199 
GLY HA3    H  N N 200 
GLY HXT    H  N N 201 
HIS N      N  N N 202 
HIS CA     C  N S 203 
HIS C      C  N N 204 
HIS O      O  N N 205 
HIS CB     C  N N 206 
HIS CG     C  Y N 207 
HIS ND1    N  Y N 208 
HIS CD2    C  Y N 209 
HIS CE1    C  Y N 210 
HIS NE2    N  Y N 211 
HIS OXT    O  N N 212 
HIS H      H  N N 213 
HIS H2     H  N N 214 
HIS HA     H  N N 215 
HIS HB2    H  N N 216 
HIS HB3    H  N N 217 
HIS HD1    H  N N 218 
HIS HD2    H  N N 219 
HIS HE1    H  N N 220 
HIS HE2    H  N N 221 
HIS HXT    H  N N 222 
ILE N      N  N N 223 
ILE CA     C  N S 224 
ILE C      C  N N 225 
ILE O      O  N N 226 
ILE CB     C  N S 227 
ILE CG1    C  N N 228 
ILE CG2    C  N N 229 
ILE CD1    C  N N 230 
ILE OXT    O  N N 231 
ILE H      H  N N 232 
ILE H2     H  N N 233 
ILE HA     H  N N 234 
ILE HB     H  N N 235 
ILE HG12   H  N N 236 
ILE HG13   H  N N 237 
ILE HG21   H  N N 238 
ILE HG22   H  N N 239 
ILE HG23   H  N N 240 
ILE HD11   H  N N 241 
ILE HD12   H  N N 242 
ILE HD13   H  N N 243 
ILE HXT    H  N N 244 
LEU N      N  N N 245 
LEU CA     C  N S 246 
LEU C      C  N N 247 
LEU O      O  N N 248 
LEU CB     C  N N 249 
LEU CG     C  N N 250 
LEU CD1    C  N N 251 
LEU CD2    C  N N 252 
LEU OXT    O  N N 253 
LEU H      H  N N 254 
LEU H2     H  N N 255 
LEU HA     H  N N 256 
LEU HB2    H  N N 257 
LEU HB3    H  N N 258 
LEU HG     H  N N 259 
LEU HD11   H  N N 260 
LEU HD12   H  N N 261 
LEU HD13   H  N N 262 
LEU HD21   H  N N 263 
LEU HD22   H  N N 264 
LEU HD23   H  N N 265 
LEU HXT    H  N N 266 
LYS N      N  N N 267 
LYS CA     C  N S 268 
LYS C      C  N N 269 
LYS O      O  N N 270 
LYS CB     C  N N 271 
LYS CG     C  N N 272 
LYS CD     C  N N 273 
LYS CE     C  N N 274 
LYS NZ     N  N N 275 
LYS OXT    O  N N 276 
LYS H      H  N N 277 
LYS H2     H  N N 278 
LYS HA     H  N N 279 
LYS HB2    H  N N 280 
LYS HB3    H  N N 281 
LYS HG2    H  N N 282 
LYS HG3    H  N N 283 
LYS HD2    H  N N 284 
LYS HD3    H  N N 285 
LYS HE2    H  N N 286 
LYS HE3    H  N N 287 
LYS HZ1    H  N N 288 
LYS HZ2    H  N N 289 
LYS HZ3    H  N N 290 
LYS HXT    H  N N 291 
MET N      N  N N 292 
MET CA     C  N S 293 
MET C      C  N N 294 
MET O      O  N N 295 
MET CB     C  N N 296 
MET CG     C  N N 297 
MET SD     S  N N 298 
MET CE     C  N N 299 
MET OXT    O  N N 300 
MET H      H  N N 301 
MET H2     H  N N 302 
MET HA     H  N N 303 
MET HB2    H  N N 304 
MET HB3    H  N N 305 
MET HG2    H  N N 306 
MET HG3    H  N N 307 
MET HE1    H  N N 308 
MET HE2    H  N N 309 
MET HE3    H  N N 310 
MET HXT    H  N N 311 
MG  MG     MG N N 312 
PHE N      N  N N 313 
PHE CA     C  N S 314 
PHE C      C  N N 315 
PHE O      O  N N 316 
PHE CB     C  N N 317 
PHE CG     C  Y N 318 
PHE CD1    C  Y N 319 
PHE CD2    C  Y N 320 
PHE CE1    C  Y N 321 
PHE CE2    C  Y N 322 
PHE CZ     C  Y N 323 
PHE OXT    O  N N 324 
PHE H      H  N N 325 
PHE H2     H  N N 326 
PHE HA     H  N N 327 
PHE HB2    H  N N 328 
PHE HB3    H  N N 329 
PHE HD1    H  N N 330 
PHE HD2    H  N N 331 
PHE HE1    H  N N 332 
PHE HE2    H  N N 333 
PHE HZ     H  N N 334 
PHE HXT    H  N N 335 
PRO N      N  N N 336 
PRO CA     C  N S 337 
PRO C      C  N N 338 
PRO O      O  N N 339 
PRO CB     C  N N 340 
PRO CG     C  N N 341 
PRO CD     C  N N 342 
PRO OXT    O  N N 343 
PRO H      H  N N 344 
PRO HA     H  N N 345 
PRO HB2    H  N N 346 
PRO HB3    H  N N 347 
PRO HG2    H  N N 348 
PRO HG3    H  N N 349 
PRO HD2    H  N N 350 
PRO HD3    H  N N 351 
PRO HXT    H  N N 352 
SER N      N  N N 353 
SER CA     C  N S 354 
SER C      C  N N 355 
SER O      O  N N 356 
SER CB     C  N N 357 
SER OG     O  N N 358 
SER OXT    O  N N 359 
SER H      H  N N 360 
SER H2     H  N N 361 
SER HA     H  N N 362 
SER HB2    H  N N 363 
SER HB3    H  N N 364 
SER HG     H  N N 365 
SER HXT    H  N N 366 
THR N      N  N N 367 
THR CA     C  N S 368 
THR C      C  N N 369 
THR O      O  N N 370 
THR CB     C  N R 371 
THR OG1    O  N N 372 
THR CG2    C  N N 373 
THR OXT    O  N N 374 
THR H      H  N N 375 
THR H2     H  N N 376 
THR HA     H  N N 377 
THR HB     H  N N 378 
THR HG1    H  N N 379 
THR HG21   H  N N 380 
THR HG22   H  N N 381 
THR HG23   H  N N 382 
THR HXT    H  N N 383 
TYR N      N  N N 384 
TYR CA     C  N S 385 
TYR C      C  N N 386 
TYR O      O  N N 387 
TYR CB     C  N N 388 
TYR CG     C  Y N 389 
TYR CD1    C  Y N 390 
TYR CD2    C  Y N 391 
TYR CE1    C  Y N 392 
TYR CE2    C  Y N 393 
TYR CZ     C  Y N 394 
TYR OH     O  N N 395 
TYR OXT    O  N N 396 
TYR H      H  N N 397 
TYR H2     H  N N 398 
TYR HA     H  N N 399 
TYR HB2    H  N N 400 
TYR HB3    H  N N 401 
TYR HD1    H  N N 402 
TYR HD2    H  N N 403 
TYR HE1    H  N N 404 
TYR HE2    H  N N 405 
TYR HH     H  N N 406 
TYR HXT    H  N N 407 
VAL N      N  N N 408 
VAL CA     C  N S 409 
VAL C      C  N N 410 
VAL O      O  N N 411 
VAL CB     C  N N 412 
VAL CG1    C  N N 413 
VAL CG2    C  N N 414 
VAL OXT    O  N N 415 
VAL H      H  N N 416 
VAL H2     H  N N 417 
VAL HA     H  N N 418 
VAL HB     H  N N 419 
VAL HG11   H  N N 420 
VAL HG12   H  N N 421 
VAL HG13   H  N N 422 
VAL HG21   H  N N 423 
VAL HG22   H  N N 424 
VAL HG23   H  N N 425 
VAL HXT    H  N N 426 
# 
loop_
_chem_comp_bond.comp_id 
_chem_comp_bond.atom_id_1 
_chem_comp_bond.atom_id_2 
_chem_comp_bond.value_order 
_chem_comp_bond.pdbx_aromatic_flag 
_chem_comp_bond.pdbx_stereo_config 
_chem_comp_bond.pdbx_ordinal 
AGN PG    O1G    doub N N 1   
AGN PG    O2G    sing N N 2   
AGN PG    O3G    sing N N 3   
AGN PG    N3B    sing N N 4   
AGN O2G   HOG2   sing N N 5   
AGN O3G   HOG3   sing N N 6   
AGN N3B   PB     sing N N 7   
AGN N3B   HNB3   sing N N 8   
AGN PB    O1B    doub N N 9   
AGN PB    O2B    sing N N 10  
AGN PB    O3A    sing N N 11  
AGN O2B   HOB2   sing N N 12  
AGN O3A   PA     sing N N 13  
AGN PA    O1A    doub N N 14  
AGN PA    O2A    sing N N 15  
AGN PA    "O5'"  sing N N 16  
AGN O2A   HOA2   sing N N 17  
AGN "O5'" C5B    sing N N 18  
AGN C5B   C4B    sing N N 19  
AGN C5B   "H5'2" sing N N 20  
AGN C5B   "H5'1" sing N N 21  
AGN C4B   "O4'"  sing N N 22  
AGN C4B   C3B    sing N N 23  
AGN C4B   H4B    sing N N 24  
AGN "O4'" C1B    sing N N 25  
AGN C3B   "O3'"  sing N N 26  
AGN C3B   C2B    sing N N 27  
AGN C3B   H3B    sing N N 28  
AGN "O3'" "C'"   sing N N 29  
AGN C2B   C1B    sing N N 30  
AGN C2B   "H2'1" sing N N 31  
AGN C2B   "H2'2" sing N N 32  
AGN C1B   N9     sing N N 33  
AGN C1B   "H1'"  sing N N 34  
AGN "C'"  "O1'"  doub N N 35  
AGN "C'"  "C1'"  sing N N 36  
AGN "C1'" "C2'"  doub Y N 37  
AGN "C1'" "C6'"  sing Y N 38  
AGN "C2'" "N2'"  sing N N 39  
AGN "C2'" "C3'"  sing Y N 40  
AGN "N2'" "CM'"  sing N N 41  
AGN "N2'" "HN2'" sing N N 42  
AGN "CM'" "HM'1" sing N N 43  
AGN "CM'" "HM'2" sing N N 44  
AGN "CM'" "HM'3" sing N N 45  
AGN "C3'" "C4'"  doub Y N 46  
AGN "C3'" "H3'"  sing N N 47  
AGN "C4'" "C5'"  sing Y N 48  
AGN "C4'" "H4'"  sing N N 49  
AGN "C5'" "C6'"  doub Y N 50  
AGN "C5'" "H5'"  sing N N 51  
AGN "C6'" "H6'"  sing N N 52  
AGN N9    C8     sing Y N 53  
AGN N9    C4     sing Y N 54  
AGN C8    N7     doub Y N 55  
AGN C8    H8     sing N N 56  
AGN N7    C5     sing Y N 57  
AGN C5    C6     sing Y N 58  
AGN C5    C4     doub Y N 59  
AGN C6    O6     doub N N 60  
AGN C6    N1     sing Y N 61  
AGN N1    C2     sing Y N 62  
AGN N1    HN1    sing N N 63  
AGN C2    N2     sing N N 64  
AGN C2    N3     doub Y N 65  
AGN N2    HN21   sing N N 66  
AGN N2    HN22   sing N N 67  
AGN N3    C4     sing Y N 68  
ALA N     CA     sing N N 69  
ALA N     H      sing N N 70  
ALA N     H2     sing N N 71  
ALA CA    C      sing N N 72  
ALA CA    CB     sing N N 73  
ALA CA    HA     sing N N 74  
ALA C     O      doub N N 75  
ALA C     OXT    sing N N 76  
ALA CB    HB1    sing N N 77  
ALA CB    HB2    sing N N 78  
ALA CB    HB3    sing N N 79  
ALA OXT   HXT    sing N N 80  
ARG N     CA     sing N N 81  
ARG N     H      sing N N 82  
ARG N     H2     sing N N 83  
ARG CA    C      sing N N 84  
ARG CA    CB     sing N N 85  
ARG CA    HA     sing N N 86  
ARG C     O      doub N N 87  
ARG C     OXT    sing N N 88  
ARG CB    CG     sing N N 89  
ARG CB    HB2    sing N N 90  
ARG CB    HB3    sing N N 91  
ARG CG    CD     sing N N 92  
ARG CG    HG2    sing N N 93  
ARG CG    HG3    sing N N 94  
ARG CD    NE     sing N N 95  
ARG CD    HD2    sing N N 96  
ARG CD    HD3    sing N N 97  
ARG NE    CZ     sing N N 98  
ARG NE    HE     sing N N 99  
ARG CZ    NH1    sing N N 100 
ARG CZ    NH2    doub N N 101 
ARG NH1   HH11   sing N N 102 
ARG NH1   HH12   sing N N 103 
ARG NH2   HH21   sing N N 104 
ARG NH2   HH22   sing N N 105 
ARG OXT   HXT    sing N N 106 
ASN N     CA     sing N N 107 
ASN N     H      sing N N 108 
ASN N     H2     sing N N 109 
ASN CA    C      sing N N 110 
ASN CA    CB     sing N N 111 
ASN CA    HA     sing N N 112 
ASN C     O      doub N N 113 
ASN C     OXT    sing N N 114 
ASN CB    CG     sing N N 115 
ASN CB    HB2    sing N N 116 
ASN CB    HB3    sing N N 117 
ASN CG    OD1    doub N N 118 
ASN CG    ND2    sing N N 119 
ASN ND2   HD21   sing N N 120 
ASN ND2   HD22   sing N N 121 
ASN OXT   HXT    sing N N 122 
ASP N     CA     sing N N 123 
ASP N     H      sing N N 124 
ASP N     H2     sing N N 125 
ASP CA    C      sing N N 126 
ASP CA    CB     sing N N 127 
ASP CA    HA     sing N N 128 
ASP C     O      doub N N 129 
ASP C     OXT    sing N N 130 
ASP CB    CG     sing N N 131 
ASP CB    HB2    sing N N 132 
ASP CB    HB3    sing N N 133 
ASP CG    OD1    doub N N 134 
ASP CG    OD2    sing N N 135 
ASP OD2   HD2    sing N N 136 
ASP OXT   HXT    sing N N 137 
CYS N     CA     sing N N 138 
CYS N     H      sing N N 139 
CYS N     H2     sing N N 140 
CYS CA    C      sing N N 141 
CYS CA    CB     sing N N 142 
CYS CA    HA     sing N N 143 
CYS C     O      doub N N 144 
CYS C     OXT    sing N N 145 
CYS CB    SG     sing N N 146 
CYS CB    HB2    sing N N 147 
CYS CB    HB3    sing N N 148 
CYS SG    HG     sing N N 149 
CYS OXT   HXT    sing N N 150 
GLN N     CA     sing N N 151 
GLN N     H      sing N N 152 
GLN N     H2     sing N N 153 
GLN CA    C      sing N N 154 
GLN CA    CB     sing N N 155 
GLN CA    HA     sing N N 156 
GLN C     O      doub N N 157 
GLN C     OXT    sing N N 158 
GLN CB    CG     sing N N 159 
GLN CB    HB2    sing N N 160 
GLN CB    HB3    sing N N 161 
GLN CG    CD     sing N N 162 
GLN CG    HG2    sing N N 163 
GLN CG    HG3    sing N N 164 
GLN CD    OE1    doub N N 165 
GLN CD    NE2    sing N N 166 
GLN NE2   HE21   sing N N 167 
GLN NE2   HE22   sing N N 168 
GLN OXT   HXT    sing N N 169 
GLU N     CA     sing N N 170 
GLU N     H      sing N N 171 
GLU N     H2     sing N N 172 
GLU CA    C      sing N N 173 
GLU CA    CB     sing N N 174 
GLU CA    HA     sing N N 175 
GLU C     O      doub N N 176 
GLU C     OXT    sing N N 177 
GLU CB    CG     sing N N 178 
GLU CB    HB2    sing N N 179 
GLU CB    HB3    sing N N 180 
GLU CG    CD     sing N N 181 
GLU CG    HG2    sing N N 182 
GLU CG    HG3    sing N N 183 
GLU CD    OE1    doub N N 184 
GLU CD    OE2    sing N N 185 
GLU OE2   HE2    sing N N 186 
GLU OXT   HXT    sing N N 187 
GLY N     CA     sing N N 188 
GLY N     H      sing N N 189 
GLY N     H2     sing N N 190 
GLY CA    C      sing N N 191 
GLY CA    HA2    sing N N 192 
GLY CA    HA3    sing N N 193 
GLY C     O      doub N N 194 
GLY C     OXT    sing N N 195 
GLY OXT   HXT    sing N N 196 
HIS N     CA     sing N N 197 
HIS N     H      sing N N 198 
HIS N     H2     sing N N 199 
HIS CA    C      sing N N 200 
HIS CA    CB     sing N N 201 
HIS CA    HA     sing N N 202 
HIS C     O      doub N N 203 
HIS C     OXT    sing N N 204 
HIS CB    CG     sing N N 205 
HIS CB    HB2    sing N N 206 
HIS CB    HB3    sing N N 207 
HIS CG    ND1    sing Y N 208 
HIS CG    CD2    doub Y N 209 
HIS ND1   CE1    doub Y N 210 
HIS ND1   HD1    sing N N 211 
HIS CD2   NE2    sing Y N 212 
HIS CD2   HD2    sing N N 213 
HIS CE1   NE2    sing Y N 214 
HIS CE1   HE1    sing N N 215 
HIS NE2   HE2    sing N N 216 
HIS OXT   HXT    sing N N 217 
ILE N     CA     sing N N 218 
ILE N     H      sing N N 219 
ILE N     H2     sing N N 220 
ILE CA    C      sing N N 221 
ILE CA    CB     sing N N 222 
ILE CA    HA     sing N N 223 
ILE C     O      doub N N 224 
ILE C     OXT    sing N N 225 
ILE CB    CG1    sing N N 226 
ILE CB    CG2    sing N N 227 
ILE CB    HB     sing N N 228 
ILE CG1   CD1    sing N N 229 
ILE CG1   HG12   sing N N 230 
ILE CG1   HG13   sing N N 231 
ILE CG2   HG21   sing N N 232 
ILE CG2   HG22   sing N N 233 
ILE CG2   HG23   sing N N 234 
ILE CD1   HD11   sing N N 235 
ILE CD1   HD12   sing N N 236 
ILE CD1   HD13   sing N N 237 
ILE OXT   HXT    sing N N 238 
LEU N     CA     sing N N 239 
LEU N     H      sing N N 240 
LEU N     H2     sing N N 241 
LEU CA    C      sing N N 242 
LEU CA    CB     sing N N 243 
LEU CA    HA     sing N N 244 
LEU C     O      doub N N 245 
LEU C     OXT    sing N N 246 
LEU CB    CG     sing N N 247 
LEU CB    HB2    sing N N 248 
LEU CB    HB3    sing N N 249 
LEU CG    CD1    sing N N 250 
LEU CG    CD2    sing N N 251 
LEU CG    HG     sing N N 252 
LEU CD1   HD11   sing N N 253 
LEU CD1   HD12   sing N N 254 
LEU CD1   HD13   sing N N 255 
LEU CD2   HD21   sing N N 256 
LEU CD2   HD22   sing N N 257 
LEU CD2   HD23   sing N N 258 
LEU OXT   HXT    sing N N 259 
LYS N     CA     sing N N 260 
LYS N     H      sing N N 261 
LYS N     H2     sing N N 262 
LYS CA    C      sing N N 263 
LYS CA    CB     sing N N 264 
LYS CA    HA     sing N N 265 
LYS C     O      doub N N 266 
LYS C     OXT    sing N N 267 
LYS CB    CG     sing N N 268 
LYS CB    HB2    sing N N 269 
LYS CB    HB3    sing N N 270 
LYS CG    CD     sing N N 271 
LYS CG    HG2    sing N N 272 
LYS CG    HG3    sing N N 273 
LYS CD    CE     sing N N 274 
LYS CD    HD2    sing N N 275 
LYS CD    HD3    sing N N 276 
LYS CE    NZ     sing N N 277 
LYS CE    HE2    sing N N 278 
LYS CE    HE3    sing N N 279 
LYS NZ    HZ1    sing N N 280 
LYS NZ    HZ2    sing N N 281 
LYS NZ    HZ3    sing N N 282 
LYS OXT   HXT    sing N N 283 
MET N     CA     sing N N 284 
MET N     H      sing N N 285 
MET N     H2     sing N N 286 
MET CA    C      sing N N 287 
MET CA    CB     sing N N 288 
MET CA    HA     sing N N 289 
MET C     O      doub N N 290 
MET C     OXT    sing N N 291 
MET CB    CG     sing N N 292 
MET CB    HB2    sing N N 293 
MET CB    HB3    sing N N 294 
MET CG    SD     sing N N 295 
MET CG    HG2    sing N N 296 
MET CG    HG3    sing N N 297 
MET SD    CE     sing N N 298 
MET CE    HE1    sing N N 299 
MET CE    HE2    sing N N 300 
MET CE    HE3    sing N N 301 
MET OXT   HXT    sing N N 302 
PHE N     CA     sing N N 303 
PHE N     H      sing N N 304 
PHE N     H2     sing N N 305 
PHE CA    C      sing N N 306 
PHE CA    CB     sing N N 307 
PHE CA    HA     sing N N 308 
PHE C     O      doub N N 309 
PHE C     OXT    sing N N 310 
PHE CB    CG     sing N N 311 
PHE CB    HB2    sing N N 312 
PHE CB    HB3    sing N N 313 
PHE CG    CD1    doub Y N 314 
PHE CG    CD2    sing Y N 315 
PHE CD1   CE1    sing Y N 316 
PHE CD1   HD1    sing N N 317 
PHE CD2   CE2    doub Y N 318 
PHE CD2   HD2    sing N N 319 
PHE CE1   CZ     doub Y N 320 
PHE CE1   HE1    sing N N 321 
PHE CE2   CZ     sing Y N 322 
PHE CE2   HE2    sing N N 323 
PHE CZ    HZ     sing N N 324 
PHE OXT   HXT    sing N N 325 
PRO N     CA     sing N N 326 
PRO N     CD     sing N N 327 
PRO N     H      sing N N 328 
PRO CA    C      sing N N 329 
PRO CA    CB     sing N N 330 
PRO CA    HA     sing N N 331 
PRO C     O      doub N N 332 
PRO C     OXT    sing N N 333 
PRO CB    CG     sing N N 334 
PRO CB    HB2    sing N N 335 
PRO CB    HB3    sing N N 336 
PRO CG    CD     sing N N 337 
PRO CG    HG2    sing N N 338 
PRO CG    HG3    sing N N 339 
PRO CD    HD2    sing N N 340 
PRO CD    HD3    sing N N 341 
PRO OXT   HXT    sing N N 342 
SER N     CA     sing N N 343 
SER N     H      sing N N 344 
SER N     H2     sing N N 345 
SER CA    C      sing N N 346 
SER CA    CB     sing N N 347 
SER CA    HA     sing N N 348 
SER C     O      doub N N 349 
SER C     OXT    sing N N 350 
SER CB    OG     sing N N 351 
SER CB    HB2    sing N N 352 
SER CB    HB3    sing N N 353 
SER OG    HG     sing N N 354 
SER OXT   HXT    sing N N 355 
THR N     CA     sing N N 356 
THR N     H      sing N N 357 
THR N     H2     sing N N 358 
THR CA    C      sing N N 359 
THR CA    CB     sing N N 360 
THR CA    HA     sing N N 361 
THR C     O      doub N N 362 
THR C     OXT    sing N N 363 
THR CB    OG1    sing N N 364 
THR CB    CG2    sing N N 365 
THR CB    HB     sing N N 366 
THR OG1   HG1    sing N N 367 
THR CG2   HG21   sing N N 368 
THR CG2   HG22   sing N N 369 
THR CG2   HG23   sing N N 370 
THR OXT   HXT    sing N N 371 
TYR N     CA     sing N N 372 
TYR N     H      sing N N 373 
TYR N     H2     sing N N 374 
TYR CA    C      sing N N 375 
TYR CA    CB     sing N N 376 
TYR CA    HA     sing N N 377 
TYR C     O      doub N N 378 
TYR C     OXT    sing N N 379 
TYR CB    CG     sing N N 380 
TYR CB    HB2    sing N N 381 
TYR CB    HB3    sing N N 382 
TYR CG    CD1    doub Y N 383 
TYR CG    CD2    sing Y N 384 
TYR CD1   CE1    sing Y N 385 
TYR CD1   HD1    sing N N 386 
TYR CD2   CE2    doub Y N 387 
TYR CD2   HD2    sing N N 388 
TYR CE1   CZ     doub Y N 389 
TYR CE1   HE1    sing N N 390 
TYR CE2   CZ     sing Y N 391 
TYR CE2   HE2    sing N N 392 
TYR CZ    OH     sing N N 393 
TYR OH    HH     sing N N 394 
TYR OXT   HXT    sing N N 395 
VAL N     CA     sing N N 396 
VAL N     H      sing N N 397 
VAL N     H2     sing N N 398 
VAL CA    C      sing N N 399 
VAL CA    CB     sing N N 400 
VAL CA    HA     sing N N 401 
VAL C     O      doub N N 402 
VAL C     OXT    sing N N 403 
VAL CB    CG1    sing N N 404 
VAL CB    CG2    sing N N 405 
VAL CB    HB     sing N N 406 
VAL CG1   HG11   sing N N 407 
VAL CG1   HG12   sing N N 408 
VAL CG1   HG13   sing N N 409 
VAL CG2   HG21   sing N N 410 
VAL CG2   HG22   sing N N 411 
VAL CG2   HG23   sing N N 412 
VAL OXT   HXT    sing N N 413 
# 
_atom_sites.entry_id                    1GNP 
_atom_sites.fract_transf_matrix[1][1]   0.01174158 
_atom_sites.fract_transf_matrix[1][2]   -0.02187207 
_atom_sites.fract_transf_matrix[1][3]   -0.01462034 
_atom_sites.fract_transf_matrix[2][1]   0.02014877 
_atom_sites.fract_transf_matrix[2][2]   0.00516669 
_atom_sites.fract_transf_matrix[2][3]   -0.01993360 
_atom_sites.fract_transf_matrix[3][1]   0.00444272 
_atom_sites.fract_transf_matrix[3][2]   -0.00052571 
_atom_sites.fract_transf_matrix[3][3]   0.00435441 
_atom_sites.fract_transf_vector[1]      0.515184 
_atom_sites.fract_transf_vector[2]      0.727645 
_atom_sites.fract_transf_vector[3]      0.074046 
# 
_atom_sites_footnote.id     1 
_atom_sites_footnote.text   
'GLU      62  - GLU      63               OMEGA = 144.55 PEPTIDE BOND DEVIATES SIGNIFICANTLY FROM TRANS CONFORMATION' 
# 
loop_
_atom_type.symbol 
C  
MG 
N  
O  
P  
S  
# 
loop_
_atom_site.group_PDB 
_atom_site.id 
_atom_site.type_symbol 
_atom_site.label_atom_id 
_atom_site.label_alt_id 
_atom_site.label_comp_id 
_atom_site.label_asym_id 
_atom_site.label_entity_id 
_atom_site.label_seq_id 
_atom_site.pdbx_PDB_ins_code 
_atom_site.Cartn_x 
_atom_site.Cartn_y 
_atom_site.Cartn_z 
_atom_site.occupancy 
_atom_site.B_iso_or_equiv 
_atom_site.pdbx_formal_charge 
_atom_site.auth_seq_id 
_atom_site.auth_comp_id 
_atom_site.auth_asym_id 
_atom_site.auth_atom_id 
_atom_site.pdbx_PDB_model_num 
ATOM   1    N  N     . MET A 1 1   ? -9.486  15.813  -15.344 1.00 11.36 ? 1   MET A N     1 
ATOM   2    C  CA    . MET A 1 1   ? -9.201  14.395  -15.231 1.00 13.33 ? 1   MET A CA    1 
ATOM   3    C  C     . MET A 1 1   ? -9.298  13.955  -13.782 1.00 9.77  ? 1   MET A C     1 
ATOM   4    O  O     . MET A 1 1   ? -8.601  14.479  -12.921 1.00 10.80 ? 1   MET A O     1 
ATOM   5    C  CB    . MET A 1 1   ? -7.796  14.093  -15.755 1.00 15.25 ? 1   MET A CB    1 
ATOM   6    C  CG    . MET A 1 1   ? -7.617  12.670  -16.282 1.00 13.34 ? 1   MET A CG    1 
ATOM   7    S  SD    . MET A 1 1   ? -5.937  12.344  -16.837 1.00 15.26 ? 1   MET A SD    1 
ATOM   8    C  CE    . MET A 1 1   ? -5.034  13.458  -15.773 1.00 16.87 ? 1   MET A CE    1 
ATOM   9    N  N     . THR A 1 2   ? -10.119 12.950  -13.525 1.00 2.00  ? 2   THR A N     1 
ATOM   10   C  CA    . THR A 1 2   ? -10.155 12.336  -12.216 1.00 2.00  ? 2   THR A CA    1 
ATOM   11   C  C     . THR A 1 2   ? -8.730  11.950  -11.811 1.00 2.00  ? 2   THR A C     1 
ATOM   12   O  O     . THR A 1 2   ? -8.005  11.325  -12.586 1.00 9.24  ? 2   THR A O     1 
ATOM   13   C  CB    . THR A 1 2   ? -11.055 11.092  -12.231 1.00 13.23 ? 2   THR A CB    1 
ATOM   14   O  OG1   . THR A 1 2   ? -12.380 11.477  -12.619 1.00 13.91 ? 2   THR A OG1   1 
ATOM   15   C  CG2   . THR A 1 2   ? -11.100 10.439  -10.864 1.00 9.24  ? 2   THR A CG2   1 
ATOM   16   N  N     . GLU A 1 3   ? -8.280  12.494  -10.686 1.00 3.66  ? 3   GLU A N     1 
ATOM   17   C  CA    . GLU A 1 3   ? -6.976  12.163  -10.114 1.00 3.66  ? 3   GLU A CA    1 
ATOM   18   C  C     . GLU A 1 3   ? -7.166  11.341  -8.844  1.00 7.19  ? 3   GLU A C     1 
ATOM   19   O  O     . GLU A 1 3   ? -8.071  11.613  -8.040  1.00 15.50 ? 3   GLU A O     1 
ATOM   20   C  CB    . GLU A 1 3   ? -6.204  13.433  -9.777  1.00 18.15 ? 3   GLU A CB    1 
ATOM   21   C  CG    . GLU A 1 3   ? -5.834  14.285  -10.979 1.00 18.90 ? 3   GLU A CG    1 
ATOM   22   C  CD    . GLU A 1 3   ? -4.511  14.987  -10.795 1.00 17.64 ? 3   GLU A CD    1 
ATOM   23   O  OE1   . GLU A 1 3   ? -4.252  15.468  -9.675  1.00 19.60 ? 3   GLU A OE1   1 
ATOM   24   O  OE2   . GLU A 1 3   ? -3.704  15.004  -11.744 1.00 19.11 ? 3   GLU A OE2   1 
ATOM   25   N  N     . TYR A 1 4   ? -6.339  10.315  -8.676  1.00 4.41  ? 4   TYR A N     1 
ATOM   26   C  CA    . TYR A 1 4   ? -6.450  9.442   -7.516  1.00 3.17  ? 4   TYR A CA    1 
ATOM   27   C  C     . TYR A 1 4   ? -5.162  9.510   -6.741  1.00 3.17  ? 4   TYR A C     1 
ATOM   28   O  O     . TYR A 1 4   ? -4.107  9.144   -7.258  1.00 9.39  ? 4   TYR A O     1 
ATOM   29   C  CB    . TYR A 1 4   ? -6.721  7.999   -7.939  1.00 7.90  ? 4   TYR A CB    1 
ATOM   30   C  CG    . TYR A 1 4   ? -8.103  7.773   -8.500  1.00 8.76  ? 4   TYR A CG    1 
ATOM   31   C  CD1   . TYR A 1 4   ? -9.226  7.853   -7.683  1.00 4.07  ? 4   TYR A CD1   1 
ATOM   32   C  CD2   . TYR A 1 4   ? -8.283  7.470   -9.846  1.00 8.93  ? 4   TYR A CD2   1 
ATOM   33   C  CE1   . TYR A 1 4   ? -10.482 7.638   -8.184  1.00 5.43  ? 4   TYR A CE1   1 
ATOM   34   C  CE2   . TYR A 1 4   ? -9.539  7.249   -10.362 1.00 8.67  ? 4   TYR A CE2   1 
ATOM   35   C  CZ    . TYR A 1 4   ? -10.637 7.336   -9.529  1.00 15.41 ? 4   TYR A CZ    1 
ATOM   36   O  OH    . TYR A 1 4   ? -11.895 7.150   -10.052 1.00 16.66 ? 4   TYR A OH    1 
ATOM   37   N  N     . LYS A 1 5   ? -5.246  10.088  -5.547  1.00 14.94 ? 5   LYS A N     1 
ATOM   38   C  CA    . LYS A 1 5   ? -4.101  10.224  -4.660  1.00 11.50 ? 5   LYS A CA    1 
ATOM   39   C  C     . LYS A 1 5   ? -3.955  8.989   -3.761  1.00 15.20 ? 5   LYS A C     1 
ATOM   40   O  O     . LYS A 1 5   ? -4.638  8.872   -2.733  1.00 12.16 ? 5   LYS A O     1 
ATOM   41   C  CB    . LYS A 1 5   ? -4.247  11.489  -3.810  1.00 10.17 ? 5   LYS A CB    1 
ATOM   42   C  CG    . LYS A 1 5   ? -4.567  12.753  -4.614  1.00 18.01 ? 5   LYS A CG    1 
ATOM   43   C  CD    . LYS A 1 5   ? -3.578  12.969  -5.757  1.00 24.09 ? 5   LYS A CD    1 
ATOM   44   C  CE    . LYS A 1 5   ? -3.656  14.385  -6.334  1.00 20.64 ? 5   LYS A CE    1 
ATOM   45   N  NZ    . LYS A 1 5   ? -2.604  14.597  -7.376  1.00 18.89 ? 5   LYS A NZ    1 
ATOM   46   N  N     . LEU A 1 6   ? -3.113  8.049   -4.196  1.00 14.51 ? 6   LEU A N     1 
ATOM   47   C  CA    . LEU A 1 6   ? -2.858  6.812   -3.466  1.00 11.55 ? 6   LEU A CA    1 
ATOM   48   C  C     . LEU A 1 6   ? -1.579  6.996   -2.659  1.00 10.00 ? 6   LEU A C     1 
ATOM   49   O  O     . LEU A 1 6   ? -0.620  7.615   -3.128  1.00 2.21  ? 6   LEU A O     1 
ATOM   50   C  CB    . LEU A 1 6   ? -2.670  5.620   -4.419  1.00 2.21  ? 6   LEU A CB    1 
ATOM   51   C  CG    . LEU A 1 6   ? -3.595  5.321   -5.607  1.00 2.21  ? 6   LEU A CG    1 
ATOM   52   C  CD1   . LEU A 1 6   ? -5.041  5.313   -5.193  1.00 3.42  ? 6   LEU A CD1   1 
ATOM   53   C  CD2   . LEU A 1 6   ? -3.380  6.347   -6.678  1.00 2.21  ? 6   LEU A CD2   1 
ATOM   54   N  N     . VAL A 1 7   ? -1.525  6.355   -1.500  1.00 28.68 ? 7   VAL A N     1 
ATOM   55   C  CA    . VAL A 1 7   ? -0.411  6.532   -0.580  1.00 27.48 ? 7   VAL A CA    1 
ATOM   56   C  C     . VAL A 1 7   ? 0.021   5.161   -0.078  1.00 26.74 ? 7   VAL A C     1 
ATOM   57   O  O     . VAL A 1 7   ? -0.784  4.433   0.494   1.00 2.88  ? 7   VAL A O     1 
ATOM   58   C  CB    . VAL A 1 7   ? -0.829  7.422   0.606   1.00 2.00  ? 7   VAL A CB    1 
ATOM   59   C  CG1   . VAL A 1 7   ? 0.381   7.768   1.459   1.00 2.00  ? 7   VAL A CG1   1 
ATOM   60   C  CG2   . VAL A 1 7   ? -1.520  8.687   0.092   1.00 2.00  ? 7   VAL A CG2   1 
ATOM   61   N  N     . VAL A 1 8   ? 1.256   4.774   -0.384  1.00 13.65 ? 8   VAL A N     1 
ATOM   62   C  CA    . VAL A 1 8   ? 1.754   3.439   -0.045  1.00 11.24 ? 8   VAL A CA    1 
ATOM   63   C  C     . VAL A 1 8   ? 2.521   3.440   1.285   1.00 16.79 ? 8   VAL A C     1 
ATOM   64   O  O     . VAL A 1 8   ? 3.668   3.866   1.339   1.00 2.00  ? 8   VAL A O     1 
ATOM   65   C  CB    . VAL A 1 8   ? 2.690   2.899   -1.135  1.00 2.00  ? 8   VAL A CB    1 
ATOM   66   C  CG1   . VAL A 1 8   ? 2.736   1.393   -1.058  1.00 2.00  ? 8   VAL A CG1   1 
ATOM   67   C  CG2   . VAL A 1 8   ? 2.221   3.350   -2.509  1.00 2.00  ? 8   VAL A CG2   1 
ATOM   68   N  N     . VAL A 1 9   ? 1.847   3.051   2.361   1.00 7.83  ? 9   VAL A N     1 
ATOM   69   C  CA    . VAL A 1 9   ? 2.471   2.976   3.671   1.00 2.90  ? 9   VAL A CA    1 
ATOM   70   C  C     . VAL A 1 9   ? 2.853   1.562   4.097   1.00 2.11  ? 9   VAL A C     1 
ATOM   71   O  O     . VAL A 1 9   ? 2.481   0.578   3.468   1.00 2.00  ? 9   VAL A O     1 
ATOM   72   C  CB    . VAL A 1 9   ? 1.563   3.589   4.757   1.00 2.00  ? 9   VAL A CB    1 
ATOM   73   C  CG1   . VAL A 1 9   ? 1.113   4.968   4.323   1.00 2.00  ? 9   VAL A CG1   1 
ATOM   74   C  CG2   . VAL A 1 9   ? 0.369   2.677   5.027   1.00 5.67  ? 9   VAL A CG2   1 
ATOM   75   N  N     . GLY A 1 10  ? 3.658   1.472   5.141   1.00 2.00  ? 10  GLY A N     1 
ATOM   76   C  CA    . GLY A 1 10  ? 4.070   0.189   5.644   1.00 2.00  ? 10  GLY A CA    1 
ATOM   77   C  C     . GLY A 1 10  ? 5.497   0.228   6.154   1.00 2.00  ? 10  GLY A C     1 
ATOM   78   O  O     . GLY A 1 10  ? 6.303   1.051   5.708   1.00 5.77  ? 10  GLY A O     1 
ATOM   79   N  N     . ALA A 1 11  ? 5.806   -0.701  7.054   1.00 6.83  ? 11  ALA A N     1 
ATOM   80   C  CA    . ALA A 1 11  ? 7.153   -0.862  7.593   1.00 6.58  ? 11  ALA A CA    1 
ATOM   81   C  C     . ALA A 1 11  ? 8.300   -0.835  6.561   1.00 6.00  ? 11  ALA A C     1 
ATOM   82   O  O     . ALA A 1 11  ? 8.145   -1.242  5.410   1.00 3.48  ? 11  ALA A O     1 
ATOM   83   C  CB    . ALA A 1 11  ? 7.219   -2.142  8.403   1.00 2.40  ? 11  ALA A CB    1 
ATOM   84   N  N     . GLY A 1 12  ? 9.474   -0.404  7.020   1.00 4.01  ? 12  GLY A N     1 
ATOM   85   C  CA    . GLY A 1 12  ? 10.651  -0.412  6.168   1.00 2.00  ? 12  GLY A CA    1 
ATOM   86   C  C     . GLY A 1 12  ? 11.079  -1.812  5.764   1.00 2.91  ? 12  GLY A C     1 
ATOM   87   O  O     . GLY A 1 12  ? 11.335  -2.663  6.619   1.00 29.60 ? 12  GLY A O     1 
ATOM   88   N  N     . GLY A 1 13  ? 11.061  -2.078  4.462   1.00 7.72  ? 13  GLY A N     1 
ATOM   89   C  CA    . GLY A 1 13  ? 11.596  -3.319  3.936   1.00 2.00  ? 13  GLY A CA    1 
ATOM   90   C  C     . GLY A 1 13  ? 10.574  -4.240  3.288   1.00 8.82  ? 13  GLY A C     1 
ATOM   91   O  O     . GLY A 1 13  ? 10.965  -5.245  2.696   1.00 17.37 ? 13  GLY A O     1 
ATOM   92   N  N     . VAL A 1 14  ? 9.283   -3.900  3.345   1.00 16.82 ? 14  VAL A N     1 
ATOM   93   C  CA    . VAL A 1 14  ? 8.238   -4.831  2.915   1.00 12.47 ? 14  VAL A CA    1 
ATOM   94   C  C     . VAL A 1 14  ? 7.992   -4.911  1.416   1.00 13.07 ? 14  VAL A C     1 
ATOM   95   O  O     . VAL A 1 14  ? 7.196   -5.739  0.968   1.00 4.81  ? 14  VAL A O     1 
ATOM   96   C  CB    . VAL A 1 14  ? 6.883   -4.550  3.599   1.00 2.19  ? 14  VAL A CB    1 
ATOM   97   C  CG1   . VAL A 1 14  ? 6.992   -4.853  5.078   1.00 3.37  ? 14  VAL A CG1   1 
ATOM   98   C  CG2   . VAL A 1 14  ? 6.418   -3.102  3.343   1.00 2.19  ? 14  VAL A CG2   1 
ATOM   99   N  N     . GLY A 1 15  ? 8.659   -4.056  0.645   1.00 2.00  ? 15  GLY A N     1 
ATOM   100  C  CA    . GLY A 1 15  ? 8.410   -3.994  -0.787  1.00 4.40  ? 15  GLY A CA    1 
ATOM   101  C  C     . GLY A 1 15  ? 7.485   -2.880  -1.265  1.00 5.96  ? 15  GLY A C     1 
ATOM   102  O  O     . GLY A 1 15  ? 7.012   -2.926  -2.399  1.00 11.89 ? 15  GLY A O     1 
ATOM   103  N  N     . LYS A 1 16  ? 7.217   -1.886  -0.421  1.00 2.00  ? 16  LYS A N     1 
ATOM   104  C  CA    . LYS A 1 16  ? 6.416   -0.728  -0.807  1.00 2.00  ? 16  LYS A CA    1 
ATOM   105  C  C     . LYS A 1 16  ? 6.823   -0.155  -2.157  1.00 2.00  ? 16  LYS A C     1 
ATOM   106  O  O     . LYS A 1 16  ? 5.982   0.038   -3.035  1.00 2.00  ? 16  LYS A O     1 
ATOM   107  C  CB    . LYS A 1 16  ? 6.536   0.364   0.248   1.00 2.00  ? 16  LYS A CB    1 
ATOM   108  C  CG    . LYS A 1 16  ? 5.791   0.071   1.513   1.00 2.00  ? 16  LYS A CG    1 
ATOM   109  C  CD    . LYS A 1 16  ? 5.890   1.248   2.430   1.00 2.00  ? 16  LYS A CD    1 
ATOM   110  C  CE    . LYS A 1 16  ? 7.350   1.694   2.601   1.00 2.00  ? 16  LYS A CE    1 
ATOM   111  N  NZ    . LYS A 1 16  ? 8.077   0.924   3.652   1.00 2.00  ? 16  LYS A NZ    1 
ATOM   112  N  N     . SER A 1 17  ? 8.127   0.054   -2.329  1.00 2.00  ? 17  SER A N     1 
ATOM   113  C  CA    . SER A 1 17  ? 8.684   0.692   -3.516  1.00 2.00  ? 17  SER A CA    1 
ATOM   114  C  C     . SER A 1 17  ? 8.776   -0.271  -4.688  1.00 2.00  ? 17  SER A C     1 
ATOM   115  O  O     . SER A 1 17  ? 8.540   0.121   -5.822  1.00 4.09  ? 17  SER A O     1 
ATOM   116  C  CB    . SER A 1 17  ? 10.074  1.261   -3.214  1.00 2.87  ? 17  SER A CB    1 
ATOM   117  O  OG    . SER A 1 17  ? 10.070  2.048   -2.026  1.00 8.33  ? 17  SER A OG    1 
ATOM   118  N  N     . ALA A 1 18  ? 9.075   -1.538  -4.419  1.00 17.88 ? 18  ALA A N     1 
ATOM   119  C  CA    . ALA A 1 18  ? 9.173   -2.525  -5.490  1.00 10.84 ? 18  ALA A CA    1 
ATOM   120  C  C     . ALA A 1 18  ? 7.814   -2.707  -6.168  1.00 12.68 ? 18  ALA A C     1 
ATOM   121  O  O     . ALA A 1 18  ? 7.750   -3.060  -7.341  1.00 5.99  ? 18  ALA A O     1 
ATOM   122  C  CB    . ALA A 1 18  ? 9.672   -3.851  -4.944  1.00 2.00  ? 18  ALA A CB    1 
ATOM   123  N  N     . LEU A 1 19  ? 6.736   -2.417  -5.444  1.00 5.79  ? 19  LEU A N     1 
ATOM   124  C  CA    . LEU A 1 19  ? 5.379   -2.610  -5.956  1.00 10.51 ? 19  LEU A CA    1 
ATOM   125  C  C     . LEU A 1 19  ? 4.937   -1.418  -6.809  1.00 11.12 ? 19  LEU A C     1 
ATOM   126  O  O     . LEU A 1 19  ? 4.267   -1.585  -7.821  1.00 14.25 ? 19  LEU A O     1 
ATOM   127  C  CB    . LEU A 1 19  ? 4.388   -2.809  -4.800  1.00 21.14 ? 19  LEU A CB    1 
ATOM   128  C  CG    . LEU A 1 19  ? 4.342   -4.151  -4.052  1.00 23.17 ? 19  LEU A CG    1 
ATOM   129  C  CD1   . LEU A 1 19  ? 3.468   -4.009  -2.810  1.00 15.31 ? 19  LEU A CD1   1 
ATOM   130  C  CD2   . LEU A 1 19  ? 3.808   -5.256  -4.956  1.00 17.49 ? 19  LEU A CD2   1 
ATOM   131  N  N     . THR A 1 20  ? 5.298   -0.214  -6.383  1.00 4.78  ? 20  THR A N     1 
ATOM   132  C  CA    . THR A 1 20  ? 4.995   0.981   -7.145  1.00 2.00  ? 20  THR A CA    1 
ATOM   133  C  C     . THR A 1 20  ? 5.775   0.975   -8.466  1.00 2.81  ? 20  THR A C     1 
ATOM   134  O  O     . THR A 1 20  ? 5.219   1.292   -9.515  1.00 11.19 ? 20  THR A O     1 
ATOM   135  C  CB    . THR A 1 20  ? 5.340   2.237   -6.322  1.00 2.47  ? 20  THR A CB    1 
ATOM   136  O  OG1   . THR A 1 20  ? 4.838   2.077   -4.995  1.00 4.59  ? 20  THR A OG1   1 
ATOM   137  C  CG2   . THR A 1 20  ? 4.703   3.465   -6.914  1.00 6.63  ? 20  THR A CG2   1 
ATOM   138  N  N     . ILE A 1 21  ? 7.051   0.601   -8.414  1.00 2.00  ? 21  ILE A N     1 
ATOM   139  C  CA    . ILE A 1 21  ? 7.897   0.502   -9.610  1.00 2.00  ? 21  ILE A CA    1 
ATOM   140  C  C     . ILE A 1 21  ? 7.441   -0.604  -10.563 1.00 2.00  ? 21  ILE A C     1 
ATOM   141  O  O     . ILE A 1 21  ? 7.474   -0.445  -11.779 1.00 2.30  ? 21  ILE A O     1 
ATOM   142  C  CB    . ILE A 1 21  ? 9.368   0.233   -9.234  1.00 2.66  ? 21  ILE A CB    1 
ATOM   143  C  CG1   . ILE A 1 21  ? 9.962   1.449   -8.502  1.00 5.59  ? 21  ILE A CG1   1 
ATOM   144  C  CG2   . ILE A 1 21  ? 10.177  -0.107  -10.470 1.00 2.00  ? 21  ILE A CG2   1 
ATOM   145  C  CD1   . ILE A 1 21  ? 10.136  2.678   -9.368  1.00 2.73  ? 21  ILE A CD1   1 
ATOM   146  N  N     . GLN A 1 22  ? 7.046   -1.739  -10.002 1.00 3.81  ? 22  GLN A N     1 
ATOM   147  C  CA    . GLN A 1 22  ? 6.448   -2.807  -10.772 1.00 2.26  ? 22  GLN A CA    1 
ATOM   148  C  C     . GLN A 1 22  ? 5.258   -2.272  -11.549 1.00 4.97  ? 22  GLN A C     1 
ATOM   149  O  O     . GLN A 1 22  ? 5.289   -2.240  -12.781 1.00 10.85 ? 22  GLN A O     1 
ATOM   150  C  CB    . GLN A 1 22  ? 6.024   -3.948  -9.856  1.00 5.48  ? 22  GLN A CB    1 
ATOM   151  C  CG    . GLN A 1 22  ? 5.706   -5.237  -10.579 1.00 6.07  ? 22  GLN A CG    1 
ATOM   152  C  CD    . GLN A 1 22  ? 6.846   -5.735  -11.458 1.00 5.48  ? 22  GLN A CD    1 
ATOM   153  O  OE1   . GLN A 1 22  ? 7.110   -5.173  -12.526 1.00 5.48  ? 22  GLN A OE1   1 
ATOM   154  N  NE2   . GLN A 1 22  ? 7.400   -6.887  -11.105 1.00 5.48  ? 22  GLN A NE2   1 
ATOM   155  N  N     . LEU A 1 23  ? 4.284   -1.707  -10.839 1.00 24.40 ? 23  LEU A N     1 
ATOM   156  C  CA    . LEU A 1 23  ? 3.088   -1.145  -11.475 1.00 22.52 ? 23  LEU A CA    1 
ATOM   157  C  C     . LEU A 1 23  ? 3.474   -0.162  -12.583 1.00 18.13 ? 23  LEU A C     1 
ATOM   158  O  O     . LEU A 1 23  ? 3.045   -0.302  -13.724 1.00 9.04  ? 23  LEU A O     1 
ATOM   159  C  CB    . LEU A 1 23  ? 2.199   -0.428  -10.438 1.00 3.01  ? 23  LEU A CB    1 
ATOM   160  C  CG    . LEU A 1 23  ? 0.904   0.220   -10.964 1.00 3.01  ? 23  LEU A CG    1 
ATOM   161  C  CD1   . LEU A 1 23  ? -0.160  -0.840  -11.137 1.00 3.01  ? 23  LEU A CD1   1 
ATOM   162  C  CD2   . LEU A 1 23  ? 0.409   1.292   -10.024 1.00 3.01  ? 23  LEU A CD2   1 
ATOM   163  N  N     . ILE A 1 24  ? 4.392   0.741   -12.266 1.00 12.76 ? 24  ILE A N     1 
ATOM   164  C  CA    . ILE A 1 24  ? 4.585   1.950   -13.047 1.00 8.66  ? 24  ILE A CA    1 
ATOM   165  C  C     . ILE A 1 24  ? 5.552   1.734   -14.208 1.00 13.74 ? 24  ILE A C     1 
ATOM   166  O  O     . ILE A 1 24  ? 5.257   2.128   -15.342 1.00 14.65 ? 24  ILE A O     1 
ATOM   167  C  CB    . ILE A 1 24  ? 5.061   3.110   -12.115 1.00 6.91  ? 24  ILE A CB    1 
ATOM   168  C  CG1   . ILE A 1 24  ? 3.843   3.877   -11.600 1.00 3.09  ? 24  ILE A CG1   1 
ATOM   169  C  CG2   . ILE A 1 24  ? 6.024   4.068   -12.833 1.00 11.23 ? 24  ILE A CG2   1 
ATOM   170  C  CD1   . ILE A 1 24  ? 3.769   3.942   -10.093 1.00 7.92  ? 24  ILE A CD1   1 
ATOM   171  N  N     . GLN A 1 25  ? 6.729   1.178   -13.920 1.00 4.50  ? 25  GLN A N     1 
ATOM   172  C  CA    . GLN A 1 25  ? 7.729   0.980   -14.965 1.00 2.21  ? 25  GLN A CA    1 
ATOM   173  C  C     . GLN A 1 25  ? 8.194   -0.458  -15.175 1.00 2.43  ? 25  GLN A C     1 
ATOM   174  O  O     . GLN A 1 25  ? 9.353   -0.690  -15.495 1.00 23.96 ? 25  GLN A O     1 
ATOM   175  C  CB    . GLN A 1 25  ? 8.934   1.915   -14.756 1.00 26.84 ? 25  GLN A CB    1 
ATOM   176  C  CG    . GLN A 1 25  ? 9.758   1.652   -13.511 1.00 35.24 ? 25  GLN A CG    1 
ATOM   177  C  CD    . GLN A 1 25  ? 10.460  2.908   -12.986 1.00 42.63 ? 25  GLN A CD    1 
ATOM   178  O  OE1   . GLN A 1 25  ? 9.843   3.966   -12.820 1.00 39.78 ? 25  GLN A OE1   1 
ATOM   179  N  NE2   . GLN A 1 25  ? 11.761  2.787   -12.712 1.00 45.56 ? 25  GLN A NE2   1 
ATOM   180  N  N     . ASN A 1 26  ? 7.318   -1.415  -14.872 1.00 2.00  ? 26  ASN A N     1 
ATOM   181  C  CA    . ASN A 1 26  ? 7.340   -2.721  -15.516 1.00 2.00  ? 26  ASN A CA    1 
ATOM   182  C  C     . ASN A 1 26  ? 8.633   -3.525  -15.300 1.00 2.00  ? 26  ASN A C     1 
ATOM   183  O  O     . ASN A 1 26  ? 9.077   -4.267  -16.183 1.00 17.23 ? 26  ASN A O     1 
ATOM   184  C  CB    . ASN A 1 26  ? 7.065   -2.558  -17.027 1.00 16.83 ? 26  ASN A CB    1 
ATOM   185  C  CG    . ASN A 1 26  ? 5.787   -1.791  -17.328 1.00 27.38 ? 26  ASN A CG    1 
ATOM   186  O  OD1   . ASN A 1 26  ? 5.759   -0.884  -18.172 1.00 27.79 ? 26  ASN A OD1   1 
ATOM   187  N  ND2   . ASN A 1 26  ? 4.698   -2.183  -16.663 1.00 28.77 ? 26  ASN A ND2   1 
ATOM   188  N  N     . HIS A 1 27  ? 9.151   -3.490  -14.080 1.00 2.00  ? 27  HIS A N     1 
ATOM   189  C  CA    . HIS A 1 27  ? 10.265  -4.356  -13.718 1.00 2.00  ? 27  HIS A CA    1 
ATOM   190  C  C     . HIS A 1 27  ? 10.554  -4.377  -12.213 1.00 2.00  ? 27  HIS A C     1 
ATOM   191  O  O     . HIS A 1 27  ? 10.329  -3.381  -11.516 1.00 8.55  ? 27  HIS A O     1 
ATOM   192  C  CB    . HIS A 1 27  ? 11.512  -3.936  -14.490 1.00 4.53  ? 27  HIS A CB    1 
ATOM   193  C  CG    . HIS A 1 27  ? 12.268  -2.831  -13.832 1.00 7.07  ? 27  HIS A CG    1 
ATOM   194  N  ND1   . HIS A 1 27  ? 13.437  -3.059  -13.129 1.00 10.95 ? 27  HIS A ND1   1 
ATOM   195  C  CD2   . HIS A 1 27  ? 11.932  -1.527  -13.661 1.00 5.64  ? 27  HIS A CD2   1 
ATOM   196  C  CE1   . HIS A 1 27  ? 13.751  -1.916  -12.557 1.00 13.07 ? 27  HIS A CE1   1 
ATOM   197  N  NE2   . HIS A 1 27  ? 12.873  -0.966  -12.850 1.00 2.67  ? 27  HIS A NE2   1 
ATOM   198  N  N     . PHE A 1 28  ? 11.118  -5.483  -11.733 1.00 15.97 ? 28  PHE A N     1 
ATOM   199  C  CA    . PHE A 1 28  ? 11.398  -5.681  -10.305 1.00 15.82 ? 28  PHE A CA    1 
ATOM   200  C  C     . PHE A 1 28  ? 12.778  -5.142  -9.941  1.00 19.58 ? 28  PHE A C     1 
ATOM   201  O  O     . PHE A 1 28  ? 13.774  -5.448  -10.607 1.00 8.99  ? 28  PHE A O     1 
ATOM   202  C  CB    . PHE A 1 28  ? 11.321  -7.175  -9.956  1.00 2.51  ? 28  PHE A CB    1 
ATOM   203  C  CG    . PHE A 1 28  ? 11.610  -7.484  -8.509  1.00 5.99  ? 28  PHE A CG    1 
ATOM   204  C  CD1   . PHE A 1 28  ? 10.912  -6.842  -7.493  1.00 2.31  ? 28  PHE A CD1   1 
ATOM   205  C  CD2   . PHE A 1 28  ? 12.588  -8.413  -8.164  1.00 8.78  ? 28  PHE A CD2   1 
ATOM   206  C  CE1   . PHE A 1 28  ? 11.189  -7.110  -6.165  1.00 2.31  ? 28  PHE A CE1   1 
ATOM   207  C  CE2   . PHE A 1 28  ? 12.871  -8.690  -6.828  1.00 5.76  ? 28  PHE A CE2   1 
ATOM   208  C  CZ    . PHE A 1 28  ? 12.168  -8.028  -5.828  1.00 2.31  ? 28  PHE A CZ    1 
ATOM   209  N  N     . VAL A 1 29  ? 12.825  -4.335  -8.886  1.00 52.60 ? 29  VAL A N     1 
ATOM   210  C  CA    . VAL A 1 29  ? 14.084  -3.816  -8.359  1.00 50.85 ? 29  VAL A CA    1 
ATOM   211  C  C     . VAL A 1 29  ? 14.534  -4.623  -7.150  1.00 49.51 ? 29  VAL A C     1 
ATOM   212  O  O     . VAL A 1 29  ? 14.070  -4.409  -6.025  1.00 19.41 ? 29  VAL A O     1 
ATOM   213  C  CB    . VAL A 1 29  ? 13.983  -2.311  -7.980  1.00 15.74 ? 29  VAL A CB    1 
ATOM   214  C  CG1   . VAL A 1 29  ? 13.883  -1.473  -9.237  1.00 11.04 ? 29  VAL A CG1   1 
ATOM   215  C  CG2   . VAL A 1 29  ? 12.777  -2.046  -7.083  1.00 10.34 ? 29  VAL A CG2   1 
ATOM   216  N  N     . ASP A 1 30  ? 15.298  -5.672  -7.435  1.00 3.18  ? 30  ASP A N     1 
ATOM   217  C  CA    . ASP A 1 30  ? 15.876  -6.531  -6.401  1.00 4.96  ? 30  ASP A CA    1 
ATOM   218  C  C     . ASP A 1 30  ? 17.068  -5.842  -5.699  1.00 3.18  ? 30  ASP A C     1 
ATOM   219  O  O     . ASP A 1 30  ? 18.193  -6.363  -5.710  1.00 12.97 ? 30  ASP A O     1 
ATOM   220  C  CB    . ASP A 1 30  ? 16.322  -7.850  -7.053  1.00 23.93 ? 30  ASP A CB    1 
ATOM   221  C  CG    . ASP A 1 30  ? 16.201  -9.039  -6.121  1.00 29.85 ? 30  ASP A CG    1 
ATOM   222  O  OD1   . ASP A 1 30  ? 15.894  -8.835  -4.925  1.00 31.96 ? 30  ASP A OD1   1 
ATOM   223  O  OD2   . ASP A 1 30  ? 16.394  -10.184 -6.590  1.00 30.87 ? 30  ASP A OD2   1 
ATOM   224  N  N     . GLU A 1 31  ? 16.835  -4.673  -5.101  1.00 5.89  ? 31  GLU A N     1 
ATOM   225  C  CA    . GLU A 1 31  ? 17.927  -3.801  -4.668  1.00 2.00  ? 31  GLU A CA    1 
ATOM   226  C  C     . GLU A 1 31  ? 17.609  -2.996  -3.421  1.00 3.75  ? 31  GLU A C     1 
ATOM   227  O  O     . GLU A 1 31  ? 16.596  -2.288  -3.386  1.00 11.90 ? 31  GLU A O     1 
ATOM   228  C  CB    . GLU A 1 31  ? 18.280  -2.821  -5.769  1.00 2.00  ? 31  GLU A CB    1 
ATOM   229  C  CG    . GLU A 1 31  ? 19.428  -3.228  -6.640  1.00 10.02 ? 31  GLU A CG    1 
ATOM   230  C  CD    . GLU A 1 31  ? 19.700  -2.201  -7.699  1.00 14.91 ? 31  GLU A CD    1 
ATOM   231  O  OE1   . GLU A 1 31  ? 20.008  -1.042  -7.343  1.00 13.17 ? 31  GLU A OE1   1 
ATOM   232  O  OE2   . GLU A 1 31  ? 19.560  -2.541  -8.885  1.00 14.05 ? 31  GLU A OE2   1 
ATOM   233  N  N     . TYR A 1 32  ? 18.583  -2.936  -2.507  1.00 3.53  ? 32  TYR A N     1 
ATOM   234  C  CA    . TYR A 1 32  ? 18.507  -2.113  -1.302  1.00 2.55  ? 32  TYR A CA    1 
ATOM   235  C  C     . TYR A 1 32  ? 18.553  -0.639  -1.686  1.00 4.57  ? 32  TYR A C     1 
ATOM   236  O  O     . TYR A 1 32  ? 19.599  -0.133  -2.106  1.00 2.00  ? 32  TYR A O     1 
ATOM   237  C  CB    . TYR A 1 32  ? 19.690  -2.433  -0.376  1.00 2.00  ? 32  TYR A CB    1 
ATOM   238  C  CG    . TYR A 1 32  ? 19.564  -1.900  1.045   1.00 2.00  ? 32  TYR A CG    1 
ATOM   239  C  CD1   . TYR A 1 32  ? 19.998  -0.629  1.375   1.00 2.00  ? 32  TYR A CD1   1 
ATOM   240  C  CD2   . TYR A 1 32  ? 19.123  -2.714  2.077   1.00 5.03  ? 32  TYR A CD2   1 
ATOM   241  C  CE1   . TYR A 1 32  ? 20.001  -0.191  2.696   1.00 2.00  ? 32  TYR A CE1   1 
ATOM   242  C  CE2   . TYR A 1 32  ? 19.125  -2.286  3.388   1.00 3.36  ? 32  TYR A CE2   1 
ATOM   243  C  CZ    . TYR A 1 32  ? 19.565  -1.025  3.690   1.00 2.00  ? 32  TYR A CZ    1 
ATOM   244  O  OH    . TYR A 1 32  ? 19.583  -0.610  4.997   1.00 6.21  ? 32  TYR A OH    1 
ATOM   245  N  N     . ASP A 1 33  ? 17.421  0.046   -1.541  1.00 8.17  ? 33  ASP A N     1 
ATOM   246  C  CA    . ASP A 1 33  ? 17.369  1.489   -1.762  1.00 3.45  ? 33  ASP A CA    1 
ATOM   247  C  C     . ASP A 1 33  ? 16.280  2.126   -0.915  1.00 6.93  ? 33  ASP A C     1 
ATOM   248  O  O     . ASP A 1 33  ? 15.097  2.091   -1.266  1.00 13.49 ? 33  ASP A O     1 
ATOM   249  C  CB    . ASP A 1 33  ? 17.127  1.805   -3.240  1.00 12.83 ? 33  ASP A CB    1 
ATOM   250  C  CG    . ASP A 1 33  ? 17.354  3.275   -3.564  1.00 19.34 ? 33  ASP A CG    1 
ATOM   251  O  OD1   . ASP A 1 33  ? 18.420  3.820   -3.187  1.00 18.63 ? 33  ASP A OD1   1 
ATOM   252  O  OD2   . ASP A 1 33  ? 16.452  3.894   -4.168  1.00 22.66 ? 33  ASP A OD2   1 
ATOM   253  N  N     . PRO A 1 34  ? 16.649  2.649   0.254   1.00 2.00  ? 34  PRO A N     1 
ATOM   254  C  CA    . PRO A 1 34  ? 15.584  3.195   1.097   1.00 2.00  ? 34  PRO A CA    1 
ATOM   255  C  C     . PRO A 1 34  ? 15.002  4.523   0.610   1.00 2.00  ? 34  PRO A C     1 
ATOM   256  O  O     . PRO A 1 34  ? 15.738  5.468   0.330   1.00 2.00  ? 34  PRO A O     1 
ATOM   257  C  CB    . PRO A 1 34  ? 16.259  3.331   2.456   1.00 2.00  ? 34  PRO A CB    1 
ATOM   258  C  CG    . PRO A 1 34  ? 17.277  2.237   2.423   1.00 2.00  ? 34  PRO A CG    1 
ATOM   259  C  CD    . PRO A 1 34  ? 17.847  2.348   1.051   1.00 2.00  ? 34  PRO A CD    1 
ATOM   260  N  N     . THR A 1 35  ? 13.680  4.634   0.705   1.00 2.00  ? 35  THR A N     1 
ATOM   261  C  CA    . THR A 1 35  ? 12.943  5.807   0.245   1.00 2.00  ? 35  THR A CA    1 
ATOM   262  C  C     . THR A 1 35  ? 12.917  6.886   1.320   1.00 2.00  ? 35  THR A C     1 
ATOM   263  O  O     . THR A 1 35  ? 12.898  6.580   2.510   1.00 8.11  ? 35  THR A O     1 
ATOM   264  C  CB    . THR A 1 35  ? 11.463  5.468   -0.071  1.00 2.05  ? 35  THR A CB    1 
ATOM   265  O  OG1   . THR A 1 35  ? 11.359  4.167   -0.654  1.00 2.00  ? 35  THR A OG1   1 
ATOM   266  C  CG2   . THR A 1 35  ? 10.865  6.502   -1.007  1.00 5.46  ? 35  THR A CG2   1 
ATOM   267  N  N     . ILE A 1 36  ? 12.868  8.143   0.896   1.00 25.98 ? 36  ILE A N     1 
ATOM   268  C  CA    . ILE A 1 36  ? 12.358  9.213   1.745   1.00 24.51 ? 36  ILE A CA    1 
ATOM   269  C  C     . ILE A 1 36  ? 10.929  9.554   1.310   1.00 17.89 ? 36  ILE A C     1 
ATOM   270  O  O     . ILE A 1 36  ? 9.989   9.417   2.086   1.00 9.68  ? 36  ILE A O     1 
ATOM   271  C  CB    . ILE A 1 36  ? 13.232  10.495  1.665   1.00 10.64 ? 36  ILE A CB    1 
ATOM   272  C  CG1   . ILE A 1 36  ? 14.604  10.257  2.299   1.00 13.33 ? 36  ILE A CG1   1 
ATOM   273  C  CG2   . ILE A 1 36  ? 12.561  11.621  2.412   1.00 5.31  ? 36  ILE A CG2   1 
ATOM   274  C  CD1   . ILE A 1 36  ? 15.609  9.600   1.383   1.00 14.51 ? 36  ILE A CD1   1 
ATOM   275  N  N     . GLU A 1 37  ? 10.777  9.896   0.034   1.00 2.00  ? 37  GLU A N     1 
ATOM   276  C  CA    . GLU A 1 37  ? 9.482   10.258  -0.519  1.00 2.00  ? 37  GLU A CA    1 
ATOM   277  C  C     . GLU A 1 37  ? 9.628   10.350  -2.042  1.00 2.00  ? 37  GLU A C     1 
ATOM   278  O  O     . GLU A 1 37  ? 10.379  11.184  -2.545  1.00 26.49 ? 37  GLU A O     1 
ATOM   279  C  CB    . GLU A 1 37  ? 9.026   11.610  0.051   1.00 18.52 ? 37  GLU A CB    1 
ATOM   280  C  CG    . GLU A 1 37  ? 7.638   11.618  0.688   1.00 27.32 ? 37  GLU A CG    1 
ATOM   281  C  CD    . GLU A 1 37  ? 6.937   12.984  0.614   1.00 33.22 ? 37  GLU A CD    1 
ATOM   282  O  OE1   . GLU A 1 37  ? 7.362   13.841  -0.190  1.00 37.27 ? 37  GLU A OE1   1 
ATOM   283  O  OE2   . GLU A 1 37  ? 5.928   13.195  1.331   1.00 34.84 ? 37  GLU A OE2   1 
ATOM   284  N  N     . ASP A 1 38  ? 9.074   9.369   -2.748  1.00 3.64  ? 38  ASP A N     1 
ATOM   285  C  CA    . ASP A 1 38  ? 9.034   9.397   -4.210  1.00 2.00  ? 38  ASP A CA    1 
ATOM   286  C  C     . ASP A 1 38  ? 7.584   9.543   -4.599  1.00 2.00  ? 38  ASP A C     1 
ATOM   287  O  O     . ASP A 1 38  ? 6.720   8.899   -4.022  1.00 7.21  ? 38  ASP A O     1 
ATOM   288  C  CB    . ASP A 1 38  ? 9.554   8.090   -4.815  1.00 7.90  ? 38  ASP A CB    1 
ATOM   289  C  CG    . ASP A 1 38  ? 11.008  7.809   -4.482  1.00 18.50 ? 38  ASP A CG    1 
ATOM   290  O  OD1   . ASP A 1 38  ? 11.836  8.749   -4.437  1.00 19.12 ? 38  ASP A OD1   1 
ATOM   291  O  OD2   . ASP A 1 38  ? 11.335  6.617   -4.303  1.00 21.36 ? 38  ASP A OD2   1 
ATOM   292  N  N     . SER A 1 39  ? 7.303   10.437  -5.531  1.00 4.86  ? 39  SER A N     1 
ATOM   293  C  CA    . SER A 1 39  ? 5.963   10.543  -6.071  1.00 10.94 ? 39  SER A CA    1 
ATOM   294  C  C     . SER A 1 39  ? 5.993   10.105  -7.529  1.00 11.80 ? 39  SER A C     1 
ATOM   295  O  O     . SER A 1 39  ? 7.039   10.165  -8.184  1.00 6.91  ? 39  SER A O     1 
ATOM   296  C  CB    . SER A 1 39  ? 5.441   11.975  -5.953  1.00 4.57  ? 39  SER A CB    1 
ATOM   297  O  OG    . SER A 1 39  ? 4.069   12.039  -6.319  1.00 7.44  ? 39  SER A OG    1 
ATOM   298  N  N     . TYR A 1 40  ? 4.836   9.683   -8.024  1.00 3.84  ? 40  TYR A N     1 
ATOM   299  C  CA    . TYR A 1 40  ? 4.714   9.070   -9.332  1.00 2.00  ? 40  TYR A CA    1 
ATOM   300  C  C     . TYR A 1 40  ? 3.367   9.506   -9.881  1.00 3.74  ? 40  TYR A C     1 
ATOM   301  O  O     . TYR A 1 40  ? 2.435   9.728   -9.115  1.00 18.49 ? 40  TYR A O     1 
ATOM   302  C  CB    . TYR A 1 40  ? 4.764   7.542   -9.213  1.00 8.62  ? 40  TYR A CB    1 
ATOM   303  C  CG    . TYR A 1 40  ? 6.103   6.993   -8.734  1.00 7.53  ? 40  TYR A CG    1 
ATOM   304  C  CD1   . TYR A 1 40  ? 7.185   6.882   -9.601  1.00 10.99 ? 40  TYR A CD1   1 
ATOM   305  C  CD2   . TYR A 1 40  ? 6.283   6.587   -7.415  1.00 4.97  ? 40  TYR A CD2   1 
ATOM   306  C  CE1   . TYR A 1 40  ? 8.401   6.378   -9.172  1.00 7.34  ? 40  TYR A CE1   1 
ATOM   307  C  CE2   . TYR A 1 40  ? 7.500   6.093   -6.978  1.00 6.46  ? 40  TYR A CE2   1 
ATOM   308  C  CZ    . TYR A 1 40  ? 8.555   5.989   -7.861  1.00 10.48 ? 40  TYR A CZ    1 
ATOM   309  O  OH    . TYR A 1 40  ? 9.771   5.507   -7.424  1.00 5.95  ? 40  TYR A OH    1 
ATOM   310  N  N     . ARG A 1 41  ? 3.308   9.737   -11.189 1.00 7.20  ? 41  ARG A N     1 
ATOM   311  C  CA    . ARG A 1 41  ? 2.070   10.162  -11.847 1.00 3.36  ? 41  ARG A CA    1 
ATOM   312  C  C     . ARG A 1 41  ? 1.952   9.504   -13.195 1.00 2.07  ? 41  ARG A C     1 
ATOM   313  O  O     . ARG A 1 41  ? 2.818   9.696   -14.032 1.00 7.04  ? 41  ARG A O     1 
ATOM   314  C  CB    . ARG A 1 41  ? 2.077   11.661  -12.082 1.00 8.63  ? 41  ARG A CB    1 
ATOM   315  C  CG    . ARG A 1 41  ? 1.877   12.511  -10.832 1.00 7.17  ? 41  ARG A CG    1 
ATOM   316  C  CD    . ARG A 1 41  ? 2.554   13.872  -10.960 1.00 7.04  ? 41  ARG A CD    1 
ATOM   317  N  NE    . ARG A 1 41  ? 1.662   14.948  -11.443 1.00 7.04  ? 41  ARG A NE    1 
ATOM   318  C  CZ    . ARG A 1 41  ? 0.320   15.032  -11.532 1.00 7.04  ? 41  ARG A CZ    1 
ATOM   319  N  NH1   . ARG A 1 41  ? -0.491  14.070  -11.146 1.00 9.66  ? 41  ARG A NH1   1 
ATOM   320  N  NH2   . ARG A 1 41  ? -0.200  16.146  -12.064 1.00 8.07  ? 41  ARG A NH2   1 
ATOM   321  N  N     . LYS A 1 42  ? 0.804   8.907   -13.483 1.00 2.00  ? 42  LYS A N     1 
ATOM   322  C  CA    . LYS A 1 42  ? 0.671   8.157   -14.726 1.00 2.00  ? 42  LYS A CA    1 
ATOM   323  C  C     . LYS A 1 42  ? -0.763  8.162   -15.221 1.00 2.00  ? 42  LYS A C     1 
ATOM   324  O  O     . LYS A 1 42  ? -1.685  8.066   -14.423 1.00 17.72 ? 42  LYS A O     1 
ATOM   325  C  CB    . LYS A 1 42  ? 1.162   6.719   -14.526 1.00 13.61 ? 42  LYS A CB    1 
ATOM   326  C  CG    . LYS A 1 42  ? 1.240   5.906   -15.801 1.00 18.28 ? 42  LYS A CG    1 
ATOM   327  C  CD    . LYS A 1 42  ? 1.707   4.478   -15.525 1.00 25.06 ? 42  LYS A CD    1 
ATOM   328  C  CE    . LYS A 1 42  ? 1.576   3.586   -16.759 1.00 25.33 ? 42  LYS A CE    1 
ATOM   329  N  NZ    . LYS A 1 42  ? 2.175   4.232   -17.961 1.00 26.20 ? 42  LYS A NZ    1 
ATOM   330  N  N     . GLN A 1 43  ? -0.945  8.428   -16.514 1.00 12.97 ? 43  GLN A N     1 
ATOM   331  C  CA    . GLN A 1 43  ? -2.252  8.243   -17.137 1.00 17.05 ? 43  GLN A CA    1 
ATOM   332  C  C     . GLN A 1 43  ? -2.521  6.747   -17.190 1.00 13.82 ? 43  GLN A C     1 
ATOM   333  O  O     . GLN A 1 43  ? -1.637  5.953   -17.542 1.00 13.91 ? 43  GLN A O     1 
ATOM   334  C  CB    . GLN A 1 43  ? -2.283  8.833   -18.554 1.00 27.64 ? 43  GLN A CB    1 
ATOM   335  C  CG    . GLN A 1 43  ? -3.693  9.053   -19.136 1.00 27.42 ? 43  GLN A CG    1 
ATOM   336  C  CD    . GLN A 1 43  ? -4.326  7.790   -19.744 1.00 32.07 ? 43  GLN A CD    1 
ATOM   337  O  OE1   . GLN A 1 43  ? -5.444  7.418   -19.385 1.00 35.42 ? 43  GLN A OE1   1 
ATOM   338  N  NE2   . GLN A 1 43  ? -3.671  7.212   -20.749 1.00 21.34 ? 43  GLN A NE2   1 
ATOM   339  N  N     . VAL A 1 44  ? -3.682  6.362   -16.681 1.00 2.00  ? 44  VAL A N     1 
ATOM   340  C  CA    . VAL A 1 44  ? -4.131  4.979   -16.729 1.00 2.00  ? 44  VAL A CA    1 
ATOM   341  C  C     . VAL A 1 44  ? -5.570  5.012   -17.201 1.00 2.00  ? 44  VAL A C     1 
ATOM   342  O  O     . VAL A 1 44  ? -6.198  6.076   -17.211 1.00 7.13  ? 44  VAL A O     1 
ATOM   343  C  CB    . VAL A 1 44  ? -4.065  4.285   -15.329 1.00 8.20  ? 44  VAL A CB    1 
ATOM   344  C  CG1   . VAL A 1 44  ? -2.628  3.895   -14.996 1.00 4.84  ? 44  VAL A CG1   1 
ATOM   345  C  CG2   . VAL A 1 44  ? -4.628  5.206   -14.244 1.00 11.71 ? 44  VAL A CG2   1 
ATOM   346  N  N     . VAL A 1 45  ? -6.047  3.896   -17.737 1.00 14.73 ? 45  VAL A N     1 
ATOM   347  C  CA    . VAL A 1 45  ? -7.480  3.729   -17.910 1.00 15.07 ? 45  VAL A CA    1 
ATOM   348  C  C     . VAL A 1 45  ? -7.880  2.570   -17.003 1.00 14.37 ? 45  VAL A C     1 
ATOM   349  O  O     . VAL A 1 45  ? -7.257  1.506   -17.064 1.00 2.00  ? 45  VAL A O     1 
ATOM   350  C  CB    . VAL A 1 45  ? -7.872  3.426   -19.381 1.00 2.00  ? 45  VAL A CB    1 
ATOM   351  C  CG1   . VAL A 1 45  ? -9.335  3.693   -19.576 1.00 2.00  ? 45  VAL A CG1   1 
ATOM   352  C  CG2   . VAL A 1 45  ? -7.077  4.292   -20.344 1.00 2.00  ? 45  VAL A CG2   1 
ATOM   353  N  N     . ILE A 1 46  ? -8.649  2.899   -15.964 1.00 2.05  ? 46  ILE A N     1 
ATOM   354  C  CA    . ILE A 1 46  ? -9.202  1.909   -15.039 1.00 2.05  ? 46  ILE A CA    1 
ATOM   355  C  C     . ILE A 1 46  ? -10.718 1.801   -15.291 1.00 2.59  ? 46  ILE A C     1 
ATOM   356  O  O     . ILE A 1 46  ? -11.459 2.780   -15.150 1.00 2.00  ? 46  ILE A O     1 
ATOM   357  C  CB    . ILE A 1 46  ? -8.922  2.309   -13.577 1.00 2.00  ? 46  ILE A CB    1 
ATOM   358  C  CG1   . ILE A 1 46  ? -7.422  2.497   -13.365 1.00 2.00  ? 46  ILE A CG1   1 
ATOM   359  C  CG2   . ILE A 1 46  ? -9.418  1.247   -12.614 1.00 2.00  ? 46  ILE A CG2   1 
ATOM   360  C  CD1   . ILE A 1 46  ? -7.046  2.915   -11.979 1.00 2.00  ? 46  ILE A CD1   1 
ATOM   361  N  N     . ASP A 1 47  ? -11.146 0.627   -15.757 1.00 2.00  ? 47  ASP A N     1 
ATOM   362  C  CA    . ASP A 1 47  ? -12.559 0.356   -16.060 1.00 3.54  ? 47  ASP A CA    1 
ATOM   363  C  C     . ASP A 1 47  ? -13.162 1.400   -16.965 1.00 3.54  ? 47  ASP A C     1 
ATOM   364  O  O     . ASP A 1 47  ? -14.200 1.965   -16.647 1.00 3.67  ? 47  ASP A O     1 
ATOM   365  C  CB    . ASP A 1 47  ? -13.402 0.293   -14.787 1.00 2.16  ? 47  ASP A CB    1 
ATOM   366  C  CG    . ASP A 1 47  ? -12.791 -0.568  -13.736 1.00 2.16  ? 47  ASP A CG    1 
ATOM   367  O  OD1   . ASP A 1 47  ? -12.227 -1.634  -14.068 1.00 2.16  ? 47  ASP A OD1   1 
ATOM   368  O  OD2   . ASP A 1 47  ? -12.843 -0.149  -12.571 1.00 9.32  ? 47  ASP A OD2   1 
ATOM   369  N  N     . GLY A 1 48  ? -12.524 1.624   -18.105 1.00 5.86  ? 48  GLY A N     1 
ATOM   370  C  CA    . GLY A 1 48  ? -12.994 2.630   -19.022 1.00 2.00  ? 48  GLY A CA    1 
ATOM   371  C  C     . GLY A 1 48  ? -12.686 4.046   -18.562 1.00 2.00  ? 48  GLY A C     1 
ATOM   372  O  O     . GLY A 1 48  ? -12.591 4.947   -19.406 1.00 16.67 ? 48  GLY A O     1 
ATOM   373  N  N     . GLU A 1 49  ? -12.547 4.261   -17.252 1.00 2.06  ? 49  GLU A N     1 
ATOM   374  C  CA    . GLU A 1 49  ? -12.228 5.590   -16.740 1.00 3.99  ? 49  GLU A CA    1 
ATOM   375  C  C     . GLU A 1 49  ? -10.777 5.982   -16.989 1.00 2.00  ? 49  GLU A C     1 
ATOM   376  O  O     . GLU A 1 49  ? -9.869  5.224   -16.674 1.00 12.94 ? 49  GLU A O     1 
ATOM   377  C  CB    . GLU A 1 49  ? -12.522 5.709   -15.251 1.00 13.67 ? 49  GLU A CB    1 
ATOM   378  C  CG    . GLU A 1 49  ? -12.615 7.172   -14.795 1.00 17.73 ? 49  GLU A CG    1 
ATOM   379  C  CD    . GLU A 1 49  ? -12.413 7.353   -13.308 1.00 19.23 ? 49  GLU A CD    1 
ATOM   380  O  OE1   . GLU A 1 49  ? -11.390 6.883   -12.789 1.00 17.61 ? 49  GLU A OE1   1 
ATOM   381  O  OE2   . GLU A 1 49  ? -13.265 8.020   -12.671 1.00 21.81 ? 49  GLU A OE2   1 
ATOM   382  N  N     . THR A 1 50  ? -10.597 7.145   -17.613 1.00 2.00  ? 50  THR A N     1 
ATOM   383  C  CA    . THR A 1 50  ? -9.287  7.722   -17.836 1.00 3.86  ? 50  THR A CA    1 
ATOM   384  C  C     . THR A 1 50  ? -8.990  8.612   -16.650 1.00 2.00  ? 50  THR A C     1 
ATOM   385  O  O     . THR A 1 50  ? -9.848  9.381   -16.214 1.00 11.61 ? 50  THR A O     1 
ATOM   386  C  CB    . THR A 1 50  ? -9.265  8.557   -19.152 1.00 15.00 ? 50  THR A CB    1 
ATOM   387  O  OG1   . THR A 1 50  ? -7.912  8.782   -19.567 1.00 9.87  ? 50  THR A OG1   1 
ATOM   388  C  CG2   . THR A 1 50  ? -9.966  9.880   -18.953 1.00 18.66 ? 50  THR A CG2   1 
ATOM   389  N  N     . CYS A 1 51  ? -7.835  8.387   -16.036 1.00 3.47  ? 51  CYS A N     1 
ATOM   390  C  CA    . CYS A 1 51  ? -7.493  9.022   -14.771 1.00 3.77  ? 51  CYS A CA    1 
ATOM   391  C  C     . CYS A 1 51  ? -5.988  9.016   -14.543 1.00 7.49  ? 51  CYS A C     1 
ATOM   392  O  O     . CYS A 1 51  ? -5.251  8.222   -15.142 1.00 6.90  ? 51  CYS A O     1 
ATOM   393  C  CB    . CYS A 1 51  ? -8.215  8.326   -13.599 1.00 14.14 ? 51  CYS A CB    1 
ATOM   394  S  SG    . CYS A 1 51  ? -8.042  6.510   -13.462 1.00 16.01 ? 51  CYS A SG    1 
ATOM   395  N  N     . LEU A 1 52  ? -5.526  9.957   -13.728 1.00 9.48  ? 52  LEU A N     1 
ATOM   396  C  CA    . LEU A 1 52  ? -4.124  10.003  -13.351 1.00 11.15 ? 52  LEU A CA    1 
ATOM   397  C  C     . LEU A 1 52  ? -3.970  9.378   -11.986 1.00 9.05  ? 52  LEU A C     1 
ATOM   398  O  O     . LEU A 1 52  ? -4.774  9.631   -11.088 1.00 2.18  ? 52  LEU A O     1 
ATOM   399  C  CB    . LEU A 1 52  ? -3.607  11.439  -13.332 1.00 7.16  ? 52  LEU A CB    1 
ATOM   400  C  CG    . LEU A 1 52  ? -2.083  11.556  -13.224 1.00 10.41 ? 52  LEU A CG    1 
ATOM   401  C  CD1   . LEU A 1 52  ? -1.616  12.854  -13.864 1.00 13.19 ? 52  LEU A CD1   1 
ATOM   402  C  CD2   . LEU A 1 52  ? -1.655  11.473  -11.770 1.00 5.85  ? 52  LEU A CD2   1 
ATOM   403  N  N     . LEU A 1 53  ? -3.042  8.431   -11.906 1.00 2.00  ? 53  LEU A N     1 
ATOM   404  C  CA    . LEU A 1 53  ? -2.606  7.830   -10.655 1.00 2.00  ? 53  LEU A CA    1 
ATOM   405  C  C     . LEU A 1 53  ? -1.433  8.658   -10.113 1.00 2.00  ? 53  LEU A C     1 
ATOM   406  O  O     . LEU A 1 53  ? -0.407  8.787   -10.775 1.00 2.00  ? 53  LEU A O     1 
ATOM   407  C  CB    . LEU A 1 53  ? -2.174  6.384   -10.925 1.00 2.00  ? 53  LEU A CB    1 
ATOM   408  C  CG    . LEU A 1 53  ? -2.823  5.177   -10.225 1.00 2.00  ? 53  LEU A CG    1 
ATOM   409  C  CD1   . LEU A 1 53  ? -4.309  5.376   -9.998  1.00 2.00  ? 53  LEU A CD1   1 
ATOM   410  C  CD2   . LEU A 1 53  ? -2.586  3.940   -11.085 1.00 2.00  ? 53  LEU A CD2   1 
ATOM   411  N  N     . ASP A 1 54  ? -1.669  9.361   -9.011  1.00 2.10  ? 54  ASP A N     1 
ATOM   412  C  CA    . ASP A 1 54  ? -0.635  10.147  -8.355  1.00 2.10  ? 54  ASP A CA    1 
ATOM   413  C  C     . ASP A 1 54  ? -0.227  9.501   -7.026  1.00 6.80  ? 54  ASP A C     1 
ATOM   414  O  O     . ASP A 1 54  ? -0.773  9.805   -5.953  1.00 9.38  ? 54  ASP A O     1 
ATOM   415  C  CB    . ASP A 1 54  ? -1.111  11.581  -8.123  1.00 17.54 ? 54  ASP A CB    1 
ATOM   416  C  CG    . ASP A 1 54  ? -0.061  12.435  -7.434  1.00 22.88 ? 54  ASP A CG    1 
ATOM   417  O  OD1   . ASP A 1 54  ? 0.885   12.884  -8.120  1.00 25.97 ? 54  ASP A OD1   1 
ATOM   418  O  OD2   . ASP A 1 54  ? -0.182  12.662  -6.209  1.00 23.85 ? 54  ASP A OD2   1 
ATOM   419  N  N     . ILE A 1 55  ? 0.675   8.535   -7.135  1.00 9.15  ? 55  ILE A N     1 
ATOM   420  C  CA    . ILE A 1 55  ? 1.071   7.682   -6.020  1.00 7.09  ? 55  ILE A CA    1 
ATOM   421  C  C     . ILE A 1 55  ? 2.252   8.312   -5.307  1.00 2.27  ? 55  ILE A C     1 
ATOM   422  O  O     . ILE A 1 55  ? 3.181   8.806   -5.947  1.00 2.51  ? 55  ILE A O     1 
ATOM   423  C  CB    . ILE A 1 55  ? 1.475   6.284   -6.535  1.00 3.04  ? 55  ILE A CB    1 
ATOM   424  C  CG1   . ILE A 1 55  ? 0.289   5.633   -7.247  1.00 6.91  ? 55  ILE A CG1   1 
ATOM   425  C  CG2   . ILE A 1 55  ? 1.963   5.413   -5.405  1.00 3.53  ? 55  ILE A CG2   1 
ATOM   426  C  CD1   . ILE A 1 55  ? 0.635   5.045   -8.593  1.00 8.36  ? 55  ILE A CD1   1 
ATOM   427  N  N     . LEU A 1 56  ? 2.227   8.296   -3.983  1.00 2.00  ? 56  LEU A N     1 
ATOM   428  C  CA    . LEU A 1 56  ? 3.363   8.786   -3.217  1.00 2.00  ? 56  LEU A CA    1 
ATOM   429  C  C     . LEU A 1 56  ? 3.982   7.641   -2.461  1.00 2.00  ? 56  LEU A C     1 
ATOM   430  O  O     . LEU A 1 56  ? 3.289   6.931   -1.746  1.00 2.79  ? 56  LEU A O     1 
ATOM   431  C  CB    . LEU A 1 56  ? 2.935   9.886   -2.255  1.00 2.00  ? 56  LEU A CB    1 
ATOM   432  C  CG    . LEU A 1 56  ? 3.864   10.161  -1.083  1.00 3.97  ? 56  LEU A CG    1 
ATOM   433  C  CD1   . LEU A 1 56  ? 4.901   11.228  -1.426  1.00 2.00  ? 56  LEU A CD1   1 
ATOM   434  C  CD2   . LEU A 1 56  ? 2.993   10.593  0.071   1.00 5.43  ? 56  LEU A CD2   1 
ATOM   435  N  N     . ASP A 1 57  ? 5.139   7.240   -2.957  1.00 2.00  ? 57  ASP A N     1 
ATOM   436  C  CA    . ASP A 1 57  ? 5.980   6.253   -2.311  1.00 2.00  ? 57  ASP A CA    1 
ATOM   437  C  C     . ASP A 1 57  ? 6.482   6.889   -1.017  1.00 2.00  ? 57  ASP A C     1 
ATOM   438  O  O     . ASP A 1 57  ? 6.789   8.084   -0.985  1.00 5.60  ? 57  ASP A O     1 
ATOM   439  C  CB    . ASP A 1 57  ? 7.144   5.938   -3.242  1.00 2.52  ? 57  ASP A CB    1 
ATOM   440  C  CG    . ASP A 1 57  ? 7.780   4.605   -2.967  1.00 3.59  ? 57  ASP A CG    1 
ATOM   441  O  OD1   . ASP A 1 57  ? 7.736   4.129   -1.813  1.00 8.01  ? 57  ASP A OD1   1 
ATOM   442  O  OD2   . ASP A 1 57  ? 8.416   4.073   -3.902  1.00 7.48  ? 57  ASP A OD2   1 
ATOM   443  N  N     . THR A 1 58  ? 6.473   6.128   0.070   1.00 4.20  ? 58  THR A N     1 
ATOM   444  C  CA    . THR A 1 58  ? 6.908   6.654   1.356   1.00 4.99  ? 58  THR A CA    1 
ATOM   445  C  C     . THR A 1 58  ? 7.994   5.787   2.005   1.00 6.52  ? 58  THR A C     1 
ATOM   446  O  O     . THR A 1 58  ? 8.210   4.637   1.611   1.00 2.00  ? 58  THR A O     1 
ATOM   447  C  CB    . THR A 1 58  ? 5.722   6.794   2.345   1.00 2.00  ? 58  THR A CB    1 
ATOM   448  O  OG1   . THR A 1 58  ? 5.185   5.505   2.642   1.00 2.00  ? 58  THR A OG1   1 
ATOM   449  C  CG2   . THR A 1 58  ? 4.641   7.656   1.767   1.00 2.00  ? 58  THR A CG2   1 
ATOM   450  N  N     . ALA A 1 59  ? 8.741   6.397   2.926   1.00 11.86 ? 59  ALA A N     1 
ATOM   451  C  CA    . ALA A 1 59  ? 9.667   5.680   3.797   1.00 11.15 ? 59  ALA A CA    1 
ATOM   452  C  C     . ALA A 1 59  ? 8.903   4.930   4.886   1.00 11.54 ? 59  ALA A C     1 
ATOM   453  O  O     . ALA A 1 59  ? 7.916   5.436   5.424   1.00 2.00  ? 59  ALA A O     1 
ATOM   454  C  CB    . ALA A 1 59  ? 10.651  6.661   4.445   1.00 2.00  ? 59  ALA A CB    1 
ATOM   455  N  N     . GLY A 1 60  ? 9.447   3.793   5.306   1.00 25.61 ? 60  GLY A N     1 
ATOM   456  C  CA    . GLY A 1 60  ? 8.847   3.035   6.386   1.00 28.85 ? 60  GLY A CA    1 
ATOM   457  C  C     . GLY A 1 60  ? 9.383   3.426   7.750   1.00 31.60 ? 60  GLY A C     1 
ATOM   458  O  O     . GLY A 1 60  ? 8.712   3.225   8.764   1.00 51.66 ? 60  GLY A O     1 
ATOM   459  N  N     . GLN A 1 61  ? 10.599  3.969   7.784   1.00 4.56  ? 61  GLN A N     1 
ATOM   460  C  CA    . GLN A 1 61  ? 11.249  4.334   9.042   1.00 8.60  ? 61  GLN A CA    1 
ATOM   461  C  C     . GLN A 1 61  ? 10.664  5.601   9.684   1.00 9.50  ? 61  GLN A C     1 
ATOM   462  O  O     . GLN A 1 61  ? 10.521  6.622   9.008   1.00 22.03 ? 61  GLN A O     1 
ATOM   463  C  CB    . GLN A 1 61  ? 12.756  4.512   8.807   1.00 26.81 ? 61  GLN A CB    1 
ATOM   464  C  CG    . GLN A 1 61  ? 13.628  3.528   9.582   1.00 28.44 ? 61  GLN A CG    1 
ATOM   465  C  CD    . GLN A 1 61  ? 13.767  3.894   11.049  1.00 32.77 ? 61  GLN A CD    1 
ATOM   466  O  OE1   . GLN A 1 61  ? 12.829  4.407   11.669  1.00 28.87 ? 61  GLN A OE1   1 
ATOM   467  N  NE2   . GLN A 1 61  ? 14.959  3.680   11.599  1.00 32.76 ? 61  GLN A NE2   1 
ATOM   468  N  N     . GLU A 1 62  ? 10.377  5.550   10.991  1.00 32.29 ? 62  GLU A N     1 
ATOM   469  C  CA    . GLU A 1 62  ? 9.863   6.720   11.717  1.00 32.51 ? 62  GLU A CA    1 
ATOM   470  C  C     . GLU A 1 62  ? 10.968  7.704   12.126  1.00 31.01 ? 62  GLU A C     1 
ATOM   471  O  O     . GLU A 1 62  ? 10.882  8.350   13.169  1.00 39.44 ? 62  GLU A O     1 
ATOM   472  C  CB    . GLU A 1 62  ? 9.029   6.287   12.947  1.00 42.18 ? 62  GLU A CB    1 
ATOM   473  C  CG    . GLU A 1 62  ? 8.254   7.392   13.645  1.00 43.83 ? 62  GLU A CG    1 
ATOM   474  C  CD    . GLU A 1 62  ? 6.792   7.483   13.221  1.00 42.52 ? 62  GLU A CD    1 
ATOM   475  O  OE1   . GLU A 1 62  ? 5.945   6.781   13.821  1.00 37.61 ? 62  GLU A OE1   1 
ATOM   476  O  OE2   . GLU A 1 62  ? 6.470   8.315   12.351  1.00 40.45 ? 62  GLU A OE2   1 
ATOM   477  N  N     . GLU A 1 63  ? 12.072  7.705   11.379  1.00 47.82 ? 63  GLU A N     1 
ATOM   478  C  CA    . GLU A 1 63  ? 12.792  8.948   11.124  1.00 52.48 ? 63  GLU A CA    1 
ATOM   479  C  C     . GLU A 1 63  ? 11.809  9.901   10.425  1.00 52.27 ? 63  GLU A C     1 
ATOM   480  O  O     . GLU A 1 63  ? 11.796  11.103  10.694  1.00 59.70 ? 63  GLU A O     1 
ATOM   481  C  CB    . GLU A 1 63  ? 14.053  8.716   10.260  1.00 55.81 ? 63  GLU A CB    1 
ATOM   482  C  CG    . GLU A 1 63  ? 13.851  7.926   8.946   1.00 58.99 ? 63  GLU A CG    1 
ATOM   483  C  CD    . GLU A 1 63  ? 13.691  8.815   7.700   1.00 62.21 ? 63  GLU A CD    1 
ATOM   484  O  OE1   . GLU A 1 63  ? 12.783  9.677   7.673   1.00 60.90 ? 63  GLU A OE1   1 
ATOM   485  O  OE2   . GLU A 1 63  ? 14.433  8.604   6.710   1.00 56.33 ? 63  GLU A OE2   1 
ATOM   486  N  N     . TYR A 1 64  ? 10.984  9.344   9.538   1.00 18.68 ? 64  TYR A N     1 
ATOM   487  C  CA    . TYR A 1 64  ? 9.797   10.021  9.043   1.00 25.67 ? 64  TYR A CA    1 
ATOM   488  C  C     . TYR A 1 64  ? 8.777   9.977   10.155  1.00 21.68 ? 64  TYR A C     1 
ATOM   489  O  O     . TYR A 1 64  ? 7.814   9.216   10.092  1.00 41.62 ? 64  TYR A O     1 
ATOM   490  C  CB    . TYR A 1 64  ? 9.233   9.315   7.801   1.00 52.21 ? 64  TYR A CB    1 
ATOM   491  C  CG    . TYR A 1 64  ? 9.038   10.233  6.617   1.00 60.32 ? 64  TYR A CG    1 
ATOM   492  C  CD1   . TYR A 1 64  ? 10.045  11.100  6.223   1.00 62.05 ? 64  TYR A CD1   1 
ATOM   493  C  CD2   . TYR A 1 64  ? 7.843   10.264  5.910   1.00 64.18 ? 64  TYR A CD2   1 
ATOM   494  C  CE1   . TYR A 1 64  ? 9.876   11.975  5.173   1.00 65.17 ? 64  TYR A CE1   1 
ATOM   495  C  CE2   . TYR A 1 64  ? 7.665   11.139  4.849   1.00 67.31 ? 64  TYR A CE2   1 
ATOM   496  C  CZ    . TYR A 1 64  ? 8.687   11.996  4.488   1.00 67.01 ? 64  TYR A CZ    1 
ATOM   497  O  OH    . TYR A 1 64  ? 8.537   12.900  3.458   1.00 66.54 ? 64  TYR A OH    1 
ATOM   498  N  N     . SER A 1 65  ? 9.062   10.724  11.216  1.00 34.47 ? 65  SER A N     1 
ATOM   499  C  CA    . SER A 1 65  ? 8.224   10.750  12.404  1.00 30.02 ? 65  SER A CA    1 
ATOM   500  C  C     . SER A 1 65  ? 6.835   11.298  12.040  1.00 26.67 ? 65  SER A C     1 
ATOM   501  O  O     . SER A 1 65  ? 6.169   10.743  11.172  1.00 27.40 ? 65  SER A O     1 
ATOM   502  C  CB    . SER A 1 65  ? 8.915   11.580  13.493  1.00 24.96 ? 65  SER A CB    1 
ATOM   503  O  OG    . SER A 1 65  ? 9.568   12.715  12.929  1.00 15.72 ? 65  SER A OG    1 
ATOM   504  N  N     . ALA A 1 66  ? 6.488   12.484  12.538  1.00 43.93 ? 66  ALA A N     1 
ATOM   505  C  CA    . ALA A 1 66  ? 5.225   13.125  12.170  1.00 47.36 ? 66  ALA A CA    1 
ATOM   506  C  C     . ALA A 1 66  ? 5.261   13.840  10.806  1.00 45.22 ? 66  ALA A C     1 
ATOM   507  O  O     . ALA A 1 66  ? 4.338   14.572  10.449  1.00 40.11 ? 66  ALA A O     1 
ATOM   508  C  CB    . ALA A 1 66  ? 4.795   14.090  13.261  1.00 40.53 ? 66  ALA A CB    1 
ATOM   509  N  N     . MET A 1 67  ? 6.325   13.615  10.036  1.00 27.32 ? 67  MET A N     1 
ATOM   510  C  CA    . MET A 1 67  ? 6.354   14.016  8.622   1.00 21.47 ? 67  MET A CA    1 
ATOM   511  C  C     . MET A 1 67  ? 5.297   13.181  7.899   1.00 18.64 ? 67  MET A C     1 
ATOM   512  O  O     . MET A 1 67  ? 4.956   13.436  6.747   1.00 28.04 ? 67  MET A O     1 
ATOM   513  C  CB    . MET A 1 67  ? 7.744   13.759  8.002   1.00 41.43 ? 67  MET A CB    1 
ATOM   514  C  CG    . MET A 1 67  ? 8.910   13.648  9.011   1.00 48.68 ? 67  MET A CG    1 
ATOM   515  S  SD    . MET A 1 67  ? 10.482  14.399  8.500   1.00 47.09 ? 67  MET A SD    1 
ATOM   516  C  CE    . MET A 1 67  ? 10.842  15.446  9.937   1.00 44.95 ? 67  MET A CE    1 
ATOM   517  N  N     . ARG A 1 68  ? 4.932   12.081  8.543   1.00 8.26  ? 68  ARG A N     1 
ATOM   518  C  CA    . ARG A 1 68  ? 3.852   11.216  8.114   1.00 3.72  ? 68  ARG A CA    1 
ATOM   519  C  C     . ARG A 1 68  ? 2.518   11.978  8.145   1.00 2.26  ? 68  ARG A C     1 
ATOM   520  O  O     . ARG A 1 68  ? 1.797   12.032  7.150   1.00 10.64 ? 68  ARG A O     1 
ATOM   521  C  CB    . ARG A 1 68  ? 3.802   10.010  9.043   1.00 9.34  ? 68  ARG A CB    1 
ATOM   522  C  CG    . ARG A 1 68  ? 3.669   8.687   8.334   1.00 11.93 ? 68  ARG A CG    1 
ATOM   523  C  CD    . ARG A 1 68  ? 4.982   7.947   8.286   1.00 15.56 ? 68  ARG A CD    1 
ATOM   524  N  NE    . ARG A 1 68  ? 5.318   7.275   9.539   1.00 15.92 ? 68  ARG A NE    1 
ATOM   525  C  CZ    . ARG A 1 68  ? 6.187   6.270   9.630   1.00 19.46 ? 68  ARG A CZ    1 
ATOM   526  N  NH1   . ARG A 1 68  ? 6.742   5.766   8.533   1.00 19.66 ? 68  ARG A NH1   1 
ATOM   527  N  NH2   . ARG A 1 68  ? 6.495   5.760   10.814  1.00 18.35 ? 68  ARG A NH2   1 
ATOM   528  N  N     . ASP A 1 69  ? 2.221   12.621  9.264   1.00 2.13  ? 69  ASP A N     1 
ATOM   529  C  CA    . ASP A 1 69  ? 0.947   13.281  9.450   1.00 2.13  ? 69  ASP A CA    1 
ATOM   530  C  C     . ASP A 1 69  ? 0.530   14.100  8.223   1.00 5.40  ? 69  ASP A C     1 
ATOM   531  O  O     . ASP A 1 69  ? -0.628  14.043  7.791   1.00 18.48 ? 69  ASP A O     1 
ATOM   532  C  CB    . ASP A 1 69  ? 1.008   14.164  10.692  1.00 15.38 ? 69  ASP A CB    1 
ATOM   533  C  CG    . ASP A 1 69  ? 1.019   13.359  11.983  1.00 28.49 ? 69  ASP A CG    1 
ATOM   534  O  OD1   . ASP A 1 69  ? 1.976   12.591  12.215  1.00 36.59 ? 69  ASP A OD1   1 
ATOM   535  O  OD2   . ASP A 1 69  ? 0.068   13.512  12.781  1.00 33.42 ? 69  ASP A OD2   1 
ATOM   536  N  N     . GLN A 1 70  ? 1.497   14.773  7.606   1.00 14.33 ? 70  GLN A N     1 
ATOM   537  C  CA    . GLN A 1 70  ? 1.234   15.619  6.444   1.00 13.21 ? 70  GLN A CA    1 
ATOM   538  C  C     . GLN A 1 70  ? 0.533   14.861  5.314   1.00 12.60 ? 70  GLN A C     1 
ATOM   539  O  O     . GLN A 1 70  ? -0.570  15.227  4.905   1.00 23.63 ? 70  GLN A O     1 
ATOM   540  C  CB    . GLN A 1 70  ? 2.530   16.243  5.910   1.00 20.56 ? 70  GLN A CB    1 
ATOM   541  C  CG    . GLN A 1 70  ? 2.593   17.771  6.048   1.00 22.94 ? 70  GLN A CG    1 
ATOM   542  C  CD    . GLN A 1 70  ? 3.505   18.448  5.023   1.00 21.34 ? 70  GLN A CD    1 
ATOM   543  O  OE1   . GLN A 1 70  ? 4.524   17.893  4.611   1.00 20.06 ? 70  GLN A OE1   1 
ATOM   544  N  NE2   . GLN A 1 70  ? 3.164   19.678  4.656   1.00 16.57 ? 70  GLN A NE2   1 
ATOM   545  N  N     . TYR A 1 71  ? 1.187   13.833  4.784   1.00 6.80  ? 71  TYR A N     1 
ATOM   546  C  CA    . TYR A 1 71  ? 0.677   13.174  3.588   1.00 8.50  ? 71  TYR A CA    1 
ATOM   547  C  C     . TYR A 1 71  ? -0.564  12.328  3.844   1.00 2.66  ? 71  TYR A C     1 
ATOM   548  O  O     . TYR A 1 71  ? -1.404  12.182  2.969   1.00 2.00  ? 71  TYR A O     1 
ATOM   549  C  CB    . TYR A 1 71  ? 1.766   12.339  2.902   1.00 5.92  ? 71  TYR A CB    1 
ATOM   550  C  CG    . TYR A 1 71  ? 2.524   11.293  3.686   1.00 8.21  ? 71  TYR A CG    1 
ATOM   551  C  CD1   . TYR A 1 71  ? 1.963   10.054  3.967   1.00 6.55  ? 71  TYR A CD1   1 
ATOM   552  C  CD2   . TYR A 1 71  ? 3.828   11.532  4.106   1.00 12.98 ? 71  TYR A CD2   1 
ATOM   553  C  CE1   . TYR A 1 71  ? 2.683   9.080   4.637   1.00 13.79 ? 71  TYR A CE1   1 
ATOM   554  C  CE2   . TYR A 1 71  ? 4.556   10.564  4.769   1.00 16.02 ? 71  TYR A CE2   1 
ATOM   555  C  CZ    . TYR A 1 71  ? 3.981   9.339   5.029   1.00 17.92 ? 71  TYR A CZ    1 
ATOM   556  O  OH    . TYR A 1 71  ? 4.708   8.368   5.680   1.00 9.66  ? 71  TYR A OH    1 
ATOM   557  N  N     . MET A 1 72  ? -0.706  11.817  5.057   1.00 3.33  ? 72  MET A N     1 
ATOM   558  C  CA    . MET A 1 72  ? -1.885  11.044  5.402   1.00 7.56  ? 72  MET A CA    1 
ATOM   559  C  C     . MET A 1 72  ? -3.082  11.967  5.535   1.00 10.94 ? 72  MET A C     1 
ATOM   560  O  O     . MET A 1 72  ? -4.230  11.518  5.525   1.00 8.75  ? 72  MET A O     1 
ATOM   561  C  CB    . MET A 1 72  ? -1.670  10.314  6.711   1.00 11.18 ? 72  MET A CB    1 
ATOM   562  C  CG    . MET A 1 72  ? -0.922  9.025   6.582   1.00 5.50  ? 72  MET A CG    1 
ATOM   563  S  SD    . MET A 1 72  ? -0.496  8.508   8.255   1.00 7.50  ? 72  MET A SD    1 
ATOM   564  C  CE    . MET A 1 72  ? 0.696   7.198   7.918   1.00 10.11 ? 72  MET A CE    1 
ATOM   565  N  N     . ARG A 1 73  ? -2.788  13.233  5.810   1.00 15.53 ? 73  ARG A N     1 
ATOM   566  C  CA    . ARG A 1 73  ? -3.765  14.315  5.722   1.00 11.36 ? 73  ARG A CA    1 
ATOM   567  C  C     . ARG A 1 73  ? -4.354  14.407  4.296   1.00 14.94 ? 73  ARG A C     1 
ATOM   568  O  O     . ARG A 1 73  ? -5.572  14.519  4.122   1.00 11.54 ? 73  ARG A O     1 
ATOM   569  C  CB    . ARG A 1 73  ? -3.073  15.630  6.106   1.00 4.63  ? 73  ARG A CB    1 
ATOM   570  C  CG    . ARG A 1 73  ? -3.979  16.806  6.373   1.00 6.82  ? 73  ARG A CG    1 
ATOM   571  C  CD    . ARG A 1 73  ? -4.464  16.855  7.820   1.00 11.19 ? 73  ARG A CD    1 
ATOM   572  N  NE    . ARG A 1 73  ? -3.427  16.567  8.812   1.00 10.74 ? 73  ARG A NE    1 
ATOM   573  C  CZ    . ARG A 1 73  ? -2.236  17.163  8.868   1.00 15.03 ? 73  ARG A CZ    1 
ATOM   574  N  NH1   . ARG A 1 73  ? -1.872  18.038  7.932   1.00 23.68 ? 73  ARG A NH1   1 
ATOM   575  N  NH2   . ARG A 1 73  ? -1.387  16.849  9.844   1.00 13.40 ? 73  ARG A NH2   1 
ATOM   576  N  N     . THR A 1 74  ? -3.499  14.267  3.286   1.00 15.34 ? 74  THR A N     1 
ATOM   577  C  CA    . THR A 1 74  ? -3.872  14.547  1.899   1.00 17.03 ? 74  THR A CA    1 
ATOM   578  C  C     . THR A 1 74  ? -4.171  13.317  1.029   1.00 15.34 ? 74  THR A C     1 
ATOM   579  O  O     . THR A 1 74  ? -4.746  13.435  -0.065  1.00 2.00  ? 74  THR A O     1 
ATOM   580  C  CB    . THR A 1 74  ? -2.776  15.361  1.197   1.00 2.00  ? 74  THR A CB    1 
ATOM   581  O  OG1   . THR A 1 74  ? -1.513  15.084  1.811   1.00 2.00  ? 74  THR A OG1   1 
ATOM   582  C  CG2   . THR A 1 74  ? -3.081  16.849  1.271   1.00 2.00  ? 74  THR A CG2   1 
ATOM   583  N  N     . GLY A 1 75  ? -3.745  12.150  1.499   1.00 5.50  ? 75  GLY A N     1 
ATOM   584  C  CA    . GLY A 1 75  ? -3.948  10.927  0.754   1.00 2.00  ? 75  GLY A CA    1 
ATOM   585  C  C     . GLY A 1 75  ? -5.400  10.534  0.835   1.00 2.30  ? 75  GLY A C     1 
ATOM   586  O  O     . GLY A 1 75  ? -6.030  10.673  1.891   1.00 2.00  ? 75  GLY A O     1 
ATOM   587  N  N     . GLU A 1 76  ? -5.961  10.174  -0.317  1.00 4.34  ? 76  GLU A N     1 
ATOM   588  C  CA    . GLU A 1 76  ? -7.352  9.760   -0.433  1.00 2.00  ? 76  GLU A CA    1 
ATOM   589  C  C     . GLU A 1 76  ? -7.499  8.291   -0.094  1.00 2.00  ? 76  GLU A C     1 
ATOM   590  O  O     . GLU A 1 76  ? -8.466  7.882   0.553   1.00 2.00  ? 76  GLU A O     1 
ATOM   591  C  CB    . GLU A 1 76  ? -7.839  9.993   -1.854  1.00 4.78  ? 76  GLU A CB    1 
ATOM   592  C  CG    . GLU A 1 76  ? -7.953  11.443  -2.237  1.00 9.00  ? 76  GLU A CG    1 
ATOM   593  C  CD    . GLU A 1 76  ? -8.748  11.607  -3.495  1.00 9.97  ? 76  GLU A CD    1 
ATOM   594  O  OE1   . GLU A 1 76  ? -8.191  11.356  -4.586  1.00 9.88  ? 76  GLU A OE1   1 
ATOM   595  O  OE2   . GLU A 1 76  ? -9.961  11.889  -3.387  1.00 17.63 ? 76  GLU A OE2   1 
ATOM   596  N  N     . GLY A 1 77  ? -6.590  7.494   -0.636  1.00 5.18  ? 77  GLY A N     1 
ATOM   597  C  CA    . GLY A 1 77  ? -6.560  6.078   -0.339  1.00 5.42  ? 77  GLY A CA    1 
ATOM   598  C  C     . GLY A 1 77  ? -5.144  5.643   -0.047  1.00 7.97  ? 77  GLY A C     1 
ATOM   599  O  O     . GLY A 1 77  ? -4.186  6.315   -0.449  1.00 4.08  ? 77  GLY A O     1 
ATOM   600  N  N     . PHE A 1 78  ? -5.012  4.478   0.576   1.00 6.21  ? 78  PHE A N     1 
ATOM   601  C  CA    . PHE A 1 78  ? -3.734  4.021   1.104   1.00 5.96  ? 78  PHE A CA    1 
ATOM   602  C  C     . PHE A 1 78  ? -3.517  2.550   0.793   1.00 8.18  ? 78  PHE A C     1 
ATOM   603  O  O     . PHE A 1 78  ? -4.450  1.756   0.910   1.00 2.00  ? 78  PHE A O     1 
ATOM   604  C  CB    . PHE A 1 78  ? -3.704  4.210   2.625   1.00 2.00  ? 78  PHE A CB    1 
ATOM   605  C  CG    . PHE A 1 78  ? -3.783  5.635   3.057   1.00 2.00  ? 78  PHE A CG    1 
ATOM   606  C  CD1   . PHE A 1 78  ? -2.634  6.396   3.186   1.00 2.00  ? 78  PHE A CD1   1 
ATOM   607  C  CD2   . PHE A 1 78  ? -5.010  6.230   3.292   1.00 2.00  ? 78  PHE A CD2   1 
ATOM   608  C  CE1   . PHE A 1 78  ? -2.701  7.725   3.531   1.00 2.00  ? 78  PHE A CE1   1 
ATOM   609  C  CE2   . PHE A 1 78  ? -5.086  7.562   3.641   1.00 2.00  ? 78  PHE A CE2   1 
ATOM   610  C  CZ    . PHE A 1 78  ? -3.924  8.313   3.758   1.00 2.00  ? 78  PHE A CZ    1 
ATOM   611  N  N     . LEU A 1 79  ? -2.311  2.200   0.350   1.00 2.00  ? 79  LEU A N     1 
ATOM   612  C  CA    . LEU A 1 79  ? -1.846  0.817   0.366   1.00 2.00  ? 79  LEU A CA    1 
ATOM   613  C  C     . LEU A 1 79  ? -1.086  0.530   1.651   1.00 2.00  ? 79  LEU A C     1 
ATOM   614  O  O     . LEU A 1 79  ? -0.045  1.127   1.895   1.00 2.00  ? 79  LEU A O     1 
ATOM   615  C  CB    . LEU A 1 79  ? -0.923  0.551   -0.815  1.00 2.00  ? 79  LEU A CB    1 
ATOM   616  C  CG    . LEU A 1 79  ? -1.561  0.351   -2.177  1.00 2.00  ? 79  LEU A CG    1 
ATOM   617  C  CD1   . LEU A 1 79  ? -0.598  -0.400  -3.075  1.00 2.00  ? 79  LEU A CD1   1 
ATOM   618  C  CD2   . LEU A 1 79  ? -2.836  -0.434  -2.010  1.00 2.00  ? 79  LEU A CD2   1 
ATOM   619  N  N     . CYS A 1 80  ? -1.655  -0.291  2.523   1.00 5.48  ? 80  CYS A N     1 
ATOM   620  C  CA    . CYS A 1 80  ? -0.932  -0.750  3.709   1.00 3.28  ? 80  CYS A CA    1 
ATOM   621  C  C     . CYS A 1 80  ? -0.300  -2.087  3.413   1.00 2.20  ? 80  CYS A C     1 
ATOM   622  O  O     . CYS A 1 80  ? -0.997  -3.086  3.339   1.00 2.00  ? 80  CYS A O     1 
ATOM   623  C  CB    . CYS A 1 80  ? -1.871  -0.904  4.904   1.00 2.00  ? 80  CYS A CB    1 
ATOM   624  S  SG    . CYS A 1 80  ? -2.587  0.629   5.506   1.00 2.00  ? 80  CYS A SG    1 
ATOM   625  N  N     . VAL A 1 81  ? 1.019   -2.105  3.260   1.00 8.61  ? 81  VAL A N     1 
ATOM   626  C  CA    . VAL A 1 81  ? 1.726   -3.325  2.902   1.00 11.78 ? 81  VAL A CA    1 
ATOM   627  C  C     . VAL A 1 81  ? 2.462   -3.901  4.103   1.00 8.23  ? 81  VAL A C     1 
ATOM   628  O  O     . VAL A 1 81  ? 3.047   -3.169  4.891   1.00 2.00  ? 81  VAL A O     1 
ATOM   629  C  CB    . VAL A 1 81  ? 2.774   -3.088  1.776   1.00 2.00  ? 81  VAL A CB    1 
ATOM   630  C  CG1   . VAL A 1 81  ? 3.064   -4.381  1.087   1.00 2.00  ? 81  VAL A CG1   1 
ATOM   631  C  CG2   . VAL A 1 81  ? 2.294   -2.061  0.781   1.00 2.00  ? 81  VAL A CG2   1 
ATOM   632  N  N     . PHE A 1 82  ? 2.517   -5.222  4.179   1.00 2.00  ? 82  PHE A N     1 
ATOM   633  C  CA    . PHE A 1 82  ? 3.450   -5.907  5.061   1.00 2.00  ? 82  PHE A CA    1 
ATOM   634  C  C     . PHE A 1 82  ? 4.000   -7.109  4.303   1.00 2.00  ? 82  PHE A C     1 
ATOM   635  O  O     . PHE A 1 82  ? 3.439   -7.490  3.280   1.00 5.82  ? 82  PHE A O     1 
ATOM   636  C  CB    . PHE A 1 82  ? 2.756   -6.344  6.354   1.00 2.27  ? 82  PHE A CB    1 
ATOM   637  C  CG    . PHE A 1 82  ? 1.712   -7.408  6.165   1.00 2.27  ? 82  PHE A CG    1 
ATOM   638  C  CD1   . PHE A 1 82  ? 0.395   -7.069  5.900   1.00 2.75  ? 82  PHE A CD1   1 
ATOM   639  C  CD2   . PHE A 1 82  ? 2.043   -8.746  6.278   1.00 9.30  ? 82  PHE A CD2   1 
ATOM   640  C  CE1   . PHE A 1 82  ? -0.559  -8.036  5.750   1.00 4.94  ? 82  PHE A CE1   1 
ATOM   641  C  CE2   . PHE A 1 82  ? 1.086   -9.722  6.132   1.00 8.73  ? 82  PHE A CE2   1 
ATOM   642  C  CZ    . PHE A 1 82  ? -0.210  -9.370  5.868   1.00 4.16  ? 82  PHE A CZ    1 
ATOM   643  N  N     . ALA A 1 83  ? 5.192   -7.566  4.674   1.00 5.25  ? 83  ALA A N     1 
ATOM   644  C  CA    . ALA A 1 83  ? 5.774   -8.750  4.052   1.00 2.00  ? 83  ALA A CA    1 
ATOM   645  C  C     . ALA A 1 83  ? 5.290   -9.993  4.784   1.00 2.00  ? 83  ALA A C     1 
ATOM   646  O  O     . ALA A 1 83  ? 5.326   -10.047 6.015   1.00 2.00  ? 83  ALA A O     1 
ATOM   647  C  CB    . ALA A 1 83  ? 7.269   -8.669  4.103   1.00 2.00  ? 83  ALA A CB    1 
ATOM   648  N  N     . ILE A 1 84  ? 4.843   -10.994 4.028   1.00 4.84  ? 84  ILE A N     1 
ATOM   649  C  CA    . ILE A 1 84  ? 4.296   -12.226 4.612   1.00 4.19  ? 84  ILE A CA    1 
ATOM   650  C  C     . ILE A 1 84  ? 5.346   -13.094 5.296   1.00 4.44  ? 84  ILE A C     1 
ATOM   651  O  O     . ILE A 1 84  ? 5.029   -14.125 5.870   1.00 2.00  ? 84  ILE A O     1 
ATOM   652  C  CB    . ILE A 1 84  ? 3.520   -13.079 3.590   1.00 2.00  ? 84  ILE A CB    1 
ATOM   653  C  CG1   . ILE A 1 84  ? 4.341   -13.329 2.318   1.00 2.00  ? 84  ILE A CG1   1 
ATOM   654  C  CG2   . ILE A 1 84  ? 2.237   -12.375 3.204   1.00 2.00  ? 84  ILE A CG2   1 
ATOM   655  C  CD1   . ILE A 1 84  ? 5.532   -14.266 2.458   1.00 2.00  ? 84  ILE A CD1   1 
ATOM   656  N  N     . ASN A 1 85  ? 6.597   -12.677 5.239   1.00 2.98  ? 85  ASN A N     1 
ATOM   657  C  CA    . ASN A 1 85  ? 7.659   -13.410 5.914   1.00 8.38  ? 85  ASN A CA    1 
ATOM   658  C  C     . ASN A 1 85  ? 8.239   -12.557 7.041   1.00 8.11  ? 85  ASN A C     1 
ATOM   659  O  O     . ASN A 1 85  ? 9.421   -12.650 7.349   1.00 11.76 ? 85  ASN A O     1 
ATOM   660  C  CB    . ASN A 1 85  ? 8.756   -13.802 4.914   1.00 10.14 ? 85  ASN A CB    1 
ATOM   661  C  CG    . ASN A 1 85  ? 9.447   -12.601 4.296   1.00 10.19 ? 85  ASN A CG    1 
ATOM   662  O  OD1   . ASN A 1 85  ? 8.853   -11.539 4.155   1.00 13.73 ? 85  ASN A OD1   1 
ATOM   663  N  ND2   . ASN A 1 85  ? 10.705  -12.769 3.917   1.00 10.24 ? 85  ASN A ND2   1 
ATOM   664  N  N     . ASN A 1 86  ? 7.376   -11.774 7.684   1.00 5.00  ? 86  ASN A N     1 
ATOM   665  C  CA    . ASN A 1 86  ? 7.796   -10.748 8.636   1.00 2.00  ? 86  ASN A CA    1 
ATOM   666  C  C     . ASN A 1 86  ? 6.606   -10.418 9.524   1.00 2.00  ? 86  ASN A C     1 
ATOM   667  O  O     . ASN A 1 86  ? 5.865   -9.472  9.264   1.00 16.16 ? 86  ASN A O     1 
ATOM   668  C  CB    . ASN A 1 86  ? 8.239   -9.483  7.886   1.00 16.34 ? 86  ASN A CB    1 
ATOM   669  C  CG    . ASN A 1 86  ? 9.275   -8.673  8.643   1.00 19.03 ? 86  ASN A CG    1 
ATOM   670  O  OD1   . ASN A 1 86  ? 10.386  -8.452  8.156   1.00 24.08 ? 86  ASN A OD1   1 
ATOM   671  N  ND2   . ASN A 1 86  ? 8.908   -8.190  9.813   1.00 21.38 ? 86  ASN A ND2   1 
ATOM   672  N  N     . THR A 1 87  ? 6.404   -11.225 10.556  1.00 2.89  ? 87  THR A N     1 
ATOM   673  C  CA    . THR A 1 87  ? 5.295   -11.013 11.473  1.00 4.16  ? 87  THR A CA    1 
ATOM   674  C  C     . THR A 1 87  ? 5.300   -9.611  12.077  1.00 4.79  ? 87  THR A C     1 
ATOM   675  O  O     . THR A 1 87  ? 4.248   -9.060  12.379  1.00 19.46 ? 87  THR A O     1 
ATOM   676  C  CB    . THR A 1 87  ? 5.312   -12.042 12.606  1.00 17.37 ? 87  THR A CB    1 
ATOM   677  O  OG1   . THR A 1 87  ? 6.664   -12.324 12.982  1.00 22.40 ? 87  THR A OG1   1 
ATOM   678  C  CG2   . THR A 1 87  ? 4.636   -13.320 12.155  1.00 23.33 ? 87  THR A CG2   1 
ATOM   679  N  N     . LYS A 1 88  ? 6.480   -9.011  12.193  1.00 2.00  ? 88  LYS A N     1 
ATOM   680  C  CA    . LYS A 1 88  ? 6.618   -7.690  12.802  1.00 2.00  ? 88  LYS A CA    1 
ATOM   681  C  C     . LYS A 1 88  ? 6.010   -6.583  11.943  1.00 2.00  ? 88  LYS A C     1 
ATOM   682  O  O     . LYS A 1 88  ? 5.325   -5.702  12.459  1.00 29.52 ? 88  LYS A O     1 
ATOM   683  C  CB    . LYS A 1 88  ? 8.099   -7.404  13.066  1.00 31.56 ? 88  LYS A CB    1 
ATOM   684  C  CG    . LYS A 1 88  ? 8.405   -6.094  13.780  1.00 35.14 ? 88  LYS A CG    1 
ATOM   685  C  CD    . LYS A 1 88  ? 9.887   -6.029  14.166  1.00 41.99 ? 88  LYS A CD    1 
ATOM   686  C  CE    . LYS A 1 88  ? 10.797  -6.137  12.938  1.00 43.84 ? 88  LYS A CE    1 
ATOM   687  N  NZ    . LYS A 1 88  ? 12.165  -6.643  13.246  1.00 42.67 ? 88  LYS A NZ    1 
ATOM   688  N  N     . SER A 1 89  ? 6.165   -6.706  10.626  1.00 9.29  ? 89  SER A N     1 
ATOM   689  C  CA    . SER A 1 89  ? 5.630   -5.722  9.686   1.00 12.13 ? 89  SER A CA    1 
ATOM   690  C  C     . SER A 1 89  ? 4.110   -5.830  9.598   1.00 8.18  ? 89  SER A C     1 
ATOM   691  O  O     . SER A 1 89  ? 3.444   -4.890  9.187   1.00 15.41 ? 89  SER A O     1 
ATOM   692  C  CB    . SER A 1 89  ? 6.247   -5.902  8.290   1.00 10.03 ? 89  SER A CB    1 
ATOM   693  O  OG    . SER A 1 89  ? 5.935   -7.163  7.728   1.00 10.54 ? 89  SER A OG    1 
ATOM   694  N  N     . PHE A 1 90  ? 3.597   -7.029  9.859   1.00 7.20  ? 90  PHE A N     1 
ATOM   695  C  CA    . PHE A 1 90  ? 2.165   -7.275  10.029  1.00 5.96  ? 90  PHE A CA    1 
ATOM   696  C  C     . PHE A 1 90  ? 1.661   -6.564  11.278  1.00 7.02  ? 90  PHE A C     1 
ATOM   697  O  O     . PHE A 1 90  ? 0.601   -5.928  11.266  1.00 7.70  ? 90  PHE A O     1 
ATOM   698  C  CB    . PHE A 1 90  ? 1.907   -8.783  10.171  1.00 6.69  ? 90  PHE A CB    1 
ATOM   699  C  CG    . PHE A 1 90  ? 0.451   -9.164  10.137  1.00 2.10  ? 90  PHE A CG    1 
ATOM   700  C  CD1   . PHE A 1 90  ? -0.349  -8.800  9.063   1.00 2.10  ? 90  PHE A CD1   1 
ATOM   701  C  CD2   . PHE A 1 90  ? -0.095  -9.950  11.133  1.00 2.10  ? 90  PHE A CD2   1 
ATOM   702  C  CE1   . PHE A 1 90  ? -1.646  -9.219  8.981   1.00 2.10  ? 90  PHE A CE1   1 
ATOM   703  C  CE2   . PHE A 1 90  ? -1.401  -10.373 11.048  1.00 2.33  ? 90  PHE A CE2   1 
ATOM   704  C  CZ    . PHE A 1 90  ? -2.173  -10.008 9.969   1.00 2.10  ? 90  PHE A CZ    1 
ATOM   705  N  N     . GLU A 1 91  ? 2.411   -6.715  12.366  1.00 2.46  ? 91  GLU A N     1 
ATOM   706  C  CA    . GLU A 1 91  ? 2.009   -6.177  13.649  1.00 2.00  ? 91  GLU A CA    1 
ATOM   707  C  C     . GLU A 1 91  ? 2.173   -4.665  13.669  1.00 2.00  ? 91  GLU A C     1 
ATOM   708  O  O     . GLU A 1 91  ? 1.517   -3.987  14.462  1.00 11.18 ? 91  GLU A O     1 
ATOM   709  C  CB    . GLU A 1 91  ? 2.798   -6.847  14.779  1.00 4.04  ? 91  GLU A CB    1 
ATOM   710  C  CG    . GLU A 1 91  ? 2.192   -8.184  15.221  1.00 2.46  ? 91  GLU A CG    1 
ATOM   711  C  CD    . GLU A 1 91  ? 3.162   -9.119  15.955  1.00 11.64 ? 91  GLU A CD    1 
ATOM   712  O  OE1   . GLU A 1 91  ? 4.241   -8.668  16.412  1.00 11.28 ? 91  GLU A OE1   1 
ATOM   713  O  OE2   . GLU A 1 91  ? 2.822   -10.318 16.093  1.00 17.66 ? 91  GLU A OE2   1 
ATOM   714  N  N     . ASP A 1 92  ? 2.908   -4.130  12.694  1.00 2.00  ? 92  ASP A N     1 
ATOM   715  C  CA    . ASP A 1 92  ? 3.072   -2.679  12.566  1.00 2.00  ? 92  ASP A CA    1 
ATOM   716  C  C     . ASP A 1 92  ? 1.852   -2.077  11.897  1.00 2.00  ? 92  ASP A C     1 
ATOM   717  O  O     . ASP A 1 92  ? 1.654   -0.865  11.925  1.00 11.17 ? 92  ASP A O     1 
ATOM   718  C  CB    . ASP A 1 92  ? 4.315   -2.323  11.730  1.00 16.93 ? 92  ASP A CB    1 
ATOM   719  C  CG    . ASP A 1 92  ? 5.634   -2.495  12.494  1.00 24.38 ? 92  ASP A CG    1 
ATOM   720  O  OD1   . ASP A 1 92  ? 5.615   -2.715  13.730  1.00 22.58 ? 92  ASP A OD1   1 
ATOM   721  O  OD2   . ASP A 1 92  ? 6.705   -2.374  11.847  1.00 23.60 ? 92  ASP A OD2   1 
ATOM   722  N  N     . ILE A 1 93  ? 1.084   -2.912  11.208  1.00 2.18  ? 93  ILE A N     1 
ATOM   723  C  CA    . ILE A 1 93  ? 0.009   -2.411  10.371  1.00 4.59  ? 93  ILE A CA    1 
ATOM   724  C  C     . ILE A 1 93  ? -0.998  -1.652  11.211  1.00 9.80  ? 93  ILE A C     1 
ATOM   725  O  O     . ILE A 1 93  ? -1.383  -0.541  10.855  1.00 31.73 ? 93  ILE A O     1 
ATOM   726  C  CB    . ILE A 1 93  ? -0.699  -3.554  9.584   1.00 30.14 ? 93  ILE A CB    1 
ATOM   727  C  CG1   . ILE A 1 93  ? 0.108   -3.899  8.332   1.00 30.73 ? 93  ILE A CG1   1 
ATOM   728  C  CG2   . ILE A 1 93  ? -2.111  -3.135  9.168   1.00 29.09 ? 93  ILE A CG2   1 
ATOM   729  C  CD1   . ILE A 1 93  ? 0.482   -2.692  7.491   1.00 32.78 ? 93  ILE A CD1   1 
ATOM   730  N  N     . HIS A 1 94  ? -1.388  -2.222  12.348  1.00 34.95 ? 94  HIS A N     1 
ATOM   731  C  CA    . HIS A 1 94  ? -2.327  -1.553  13.247  1.00 29.71 ? 94  HIS A CA    1 
ATOM   732  C  C     . HIS A 1 94  ? -1.857  -0.137  13.575  1.00 23.52 ? 94  HIS A C     1 
ATOM   733  O  O     . HIS A 1 94  ? -2.668  0.763   13.740  1.00 13.00 ? 94  HIS A O     1 
ATOM   734  C  CB    . HIS A 1 94  ? -2.501  -2.352  14.541  1.00 13.87 ? 94  HIS A CB    1 
ATOM   735  C  CG    . HIS A 1 94  ? -3.355  -1.666  15.562  1.00 15.27 ? 94  HIS A CG    1 
ATOM   736  N  ND1   . HIS A 1 94  ? -4.727  -1.845  15.636  1.00 14.69 ? 94  HIS A ND1   1 
ATOM   737  C  CD2   . HIS A 1 94  ? -3.007  -0.782  16.540  1.00 15.46 ? 94  HIS A CD2   1 
ATOM   738  C  CE1   . HIS A 1 94  ? -5.153  -1.083  16.620  1.00 17.57 ? 94  HIS A CE1   1 
ATOM   739  N  NE2   . HIS A 1 94  ? -4.151  -0.419  17.196  1.00 13.74 ? 94  HIS A NE2   1 
ATOM   740  N  N     . GLN A 1 95  ? -0.544  0.050   13.679  1.00 2.00  ? 95  GLN A N     1 
ATOM   741  C  CA    . GLN A 1 95  ? 0.026   1.364   13.937  1.00 2.00  ? 95  GLN A CA    1 
ATOM   742  C  C     . GLN A 1 95  ? -0.299  2.374   12.839  1.00 2.00  ? 95  GLN A C     1 
ATOM   743  O  O     . GLN A 1 95  ? -0.677  3.508   13.138  1.00 40.49 ? 95  GLN A O     1 
ATOM   744  C  CB    . GLN A 1 95  ? 1.543   1.259   14.131  1.00 46.80 ? 95  GLN A CB    1 
ATOM   745  C  CG    . GLN A 1 95  ? 1.953   0.945   15.569  1.00 51.69 ? 95  GLN A CG    1 
ATOM   746  C  CD    . GLN A 1 95  ? 2.445   -0.482  15.757  1.00 54.30 ? 95  GLN A CD    1 
ATOM   747  O  OE1   . GLN A 1 95  ? 3.644   -0.750  15.674  1.00 55.58 ? 95  GLN A OE1   1 
ATOM   748  N  NE2   . GLN A 1 95  ? 1.531   -1.389  16.092  1.00 56.03 ? 95  GLN A NE2   1 
ATOM   749  N  N     . TYR A 1 96  ? -0.169  1.972   11.577  1.00 5.07  ? 96  TYR A N     1 
ATOM   750  C  CA    . TYR A 1 96  ? -0.446  2.882   10.464  1.00 6.40  ? 96  TYR A CA    1 
ATOM   751  C  C     . TYR A 1 96  ? -1.945  3.158   10.328  1.00 4.74  ? 96  TYR A C     1 
ATOM   752  O  O     . TYR A 1 96  ? -2.361  4.295   10.115  1.00 3.60  ? 96  TYR A O     1 
ATOM   753  C  CB    . TYR A 1 96  ? 0.103   2.323   9.145   1.00 2.22  ? 96  TYR A CB    1 
ATOM   754  C  CG    . TYR A 1 96  ? 1.613   2.251   9.087   1.00 2.22  ? 96  TYR A CG    1 
ATOM   755  C  CD1   . TYR A 1 96  ? 2.296   1.182   9.648   1.00 5.11  ? 96  TYR A CD1   1 
ATOM   756  C  CD2   . TYR A 1 96  ? 2.356   3.259   8.501   1.00 6.77  ? 96  TYR A CD2   1 
ATOM   757  C  CE1   . TYR A 1 96  ? 3.679   1.126   9.637   1.00 2.22  ? 96  TYR A CE1   1 
ATOM   758  C  CE2   . TYR A 1 96  ? 3.745   3.211   8.487   1.00 7.73  ? 96  TYR A CE2   1 
ATOM   759  C  CZ    . TYR A 1 96  ? 4.398   2.144   9.063   1.00 2.22  ? 96  TYR A CZ    1 
ATOM   760  O  OH    . TYR A 1 96  ? 5.775   2.119   9.120   1.00 4.46  ? 96  TYR A OH    1 
ATOM   761  N  N     . ARG A 1 97  ? -2.754  2.113   10.438  1.00 2.00  ? 97  ARG A N     1 
ATOM   762  C  CA    . ARG A 1 97  ? -4.204  2.258   10.388  1.00 2.00  ? 97  ARG A CA    1 
ATOM   763  C  C     . ARG A 1 97  ? -4.668  3.256   11.439  1.00 2.00  ? 97  ARG A C     1 
ATOM   764  O  O     . ARG A 1 97  ? -5.606  4.010   11.215  1.00 10.06 ? 97  ARG A O     1 
ATOM   765  C  CB    . ARG A 1 97  ? -4.875  0.897   10.617  1.00 11.98 ? 97  ARG A CB    1 
ATOM   766  C  CG    . ARG A 1 97  ? -6.303  0.960   11.143  1.00 12.40 ? 97  ARG A CG    1 
ATOM   767  C  CD    . ARG A 1 97  ? -7.288  0.443   10.117  1.00 18.31 ? 97  ARG A CD    1 
ATOM   768  N  NE    . ARG A 1 97  ? -8.662  0.599   10.580  1.00 23.67 ? 97  ARG A NE    1 
ATOM   769  C  CZ    . ARG A 1 97  ? -9.723  0.607   9.782   1.00 19.17 ? 97  ARG A CZ    1 
ATOM   770  N  NH1   . ARG A 1 97  ? -9.582  0.372   8.488   1.00 18.40 ? 97  ARG A NH1   1 
ATOM   771  N  NH2   . ARG A 1 97  ? -10.933 0.808   10.287  1.00 22.08 ? 97  ARG A NH2   1 
ATOM   772  N  N     . GLU A 1 98  ? -3.964  3.285   12.565  1.00 6.59  ? 98  GLU A N     1 
ATOM   773  C  CA    . GLU A 1 98  ? -4.295  4.172   13.672  1.00 2.00  ? 98  GLU A CA    1 
ATOM   774  C  C     . GLU A 1 98  ? -3.899  5.608   13.363  1.00 5.37  ? 98  GLU A C     1 
ATOM   775  O  O     . GLU A 1 98  ? -4.720  6.518   13.483  1.00 16.54 ? 98  GLU A O     1 
ATOM   776  C  CB    . GLU A 1 98  ? -3.595  3.700   14.950  1.00 20.22 ? 98  GLU A CB    1 
ATOM   777  C  CG    . GLU A 1 98  ? -4.221  2.468   15.577  1.00 21.64 ? 98  GLU A CG    1 
ATOM   778  C  CD    . GLU A 1 98  ? -5.710  2.629   15.817  1.00 27.31 ? 98  GLU A CD    1 
ATOM   779  O  OE1   . GLU A 1 98  ? -6.090  3.453   16.677  1.00 27.89 ? 98  GLU A OE1   1 
ATOM   780  O  OE2   . GLU A 1 98  ? -6.504  1.937   15.143  1.00 23.59 ? 98  GLU A OE2   1 
ATOM   781  N  N     . GLN A 1 99  ? -2.658  5.808   12.917  1.00 5.27  ? 99  GLN A N     1 
ATOM   782  C  CA    . GLN A 1 99  ? -2.197  7.141   12.539  1.00 2.00  ? 99  GLN A CA    1 
ATOM   783  C  C     . GLN A 1 99  ? -3.073  7.708   11.437  1.00 6.89  ? 99  GLN A C     1 
ATOM   784  O  O     . GLN A 1 99  ? -3.364  8.902   11.432  1.00 14.05 ? 99  GLN A O     1 
ATOM   785  C  CB    . GLN A 1 99  ? -0.749  7.121   12.049  1.00 13.59 ? 99  GLN A CB    1 
ATOM   786  C  CG    . GLN A 1 99  ? -0.243  8.522   11.676  1.00 21.02 ? 99  GLN A CG    1 
ATOM   787  C  CD    . GLN A 1 99  ? 1.273   8.713   11.806  1.00 30.22 ? 99  GLN A CD    1 
ATOM   788  O  OE1   . GLN A 1 99  ? 1.842   9.586   11.147  1.00 31.30 ? 99  GLN A OE1   1 
ATOM   789  N  NE2   . GLN A 1 99  ? 1.910   7.981   12.725  1.00 26.78 ? 99  GLN A NE2   1 
ATOM   790  N  N     . ILE A 1 100 ? -3.471  6.856   10.491  1.00 2.00  ? 100 ILE A N     1 
ATOM   791  C  CA    . ILE A 1 100 ? -4.197  7.317   9.321   1.00 2.00  ? 100 ILE A CA    1 
ATOM   792  C  C     . ILE A 1 100 ? -5.590  7.775   9.709   1.00 2.00  ? 100 ILE A C     1 
ATOM   793  O  O     . ILE A 1 100 ? -5.972  8.880   9.375   1.00 2.00  ? 100 ILE A O     1 
ATOM   794  C  CB    . ILE A 1 100 ? -4.306  6.236   8.222   1.00 2.00  ? 100 ILE A CB    1 
ATOM   795  C  CG1   . ILE A 1 100 ? -2.924  5.890   7.669   1.00 2.00  ? 100 ILE A CG1   1 
ATOM   796  C  CG2   . ILE A 1 100 ? -5.199  6.733   7.089   1.00 2.00  ? 100 ILE A CG2   1 
ATOM   797  C  CD1   . ILE A 1 100 ? -2.906  4.580   6.933   1.00 2.00  ? 100 ILE A CD1   1 
ATOM   798  N  N     . LYS A 1 101 ? -6.298  6.990   10.509  1.00 19.90 ? 101 LYS A N     1 
ATOM   799  C  CA    . LYS A 1 101 ? -7.619  7.390   11.007  1.00 18.87 ? 101 LYS A CA    1 
ATOM   800  C  C     . LYS A 1 101 ? -7.489  8.692   11.816  1.00 26.04 ? 101 LYS A C     1 
ATOM   801  O  O     . LYS A 1 101 ? -8.390  9.539   11.842  1.00 12.53 ? 101 LYS A O     1 
ATOM   802  C  CB    . LYS A 1 101 ? -8.189  6.287   11.895  1.00 2.00  ? 101 LYS A CB    1 
ATOM   803  C  CG    . LYS A 1 101 ? -8.366  4.956   11.203  1.00 7.48  ? 101 LYS A CG    1 
ATOM   804  C  CD    . LYS A 1 101 ? -8.493  3.830   12.217  1.00 7.97  ? 101 LYS A CD    1 
ATOM   805  C  CE    . LYS A 1 101 ? -9.414  4.223   13.362  1.00 13.92 ? 101 LYS A CE    1 
ATOM   806  N  NZ    . LYS A 1 101 ? -10.083 3.060   14.008  1.00 11.62 ? 101 LYS A NZ    1 
ATOM   807  N  N     . ARG A 1 102 ? -6.355  8.810   12.495  1.00 2.00  ? 102 ARG A N     1 
ATOM   808  C  CA    . ARG A 1 102 ? -5.995  9.977   13.284  1.00 3.32  ? 102 ARG A CA    1 
ATOM   809  C  C     . ARG A 1 102 ? -6.101  11.246  12.435  1.00 6.31  ? 102 ARG A C     1 
ATOM   810  O  O     . ARG A 1 102 ? -7.108  11.953  12.476  1.00 26.68 ? 102 ARG A O     1 
ATOM   811  C  CB    . ARG A 1 102 ? -4.557  9.804   13.781  1.00 27.56 ? 102 ARG A CB    1 
ATOM   812  C  CG    . ARG A 1 102 ? -4.303  10.212  15.224  1.00 27.72 ? 102 ARG A CG    1 
ATOM   813  C  CD    . ARG A 1 102 ? -3.989  11.692  15.311  1.00 31.92 ? 102 ARG A CD    1 
ATOM   814  N  NE    . ARG A 1 102 ? -2.763  11.998  16.060  1.00 34.34 ? 102 ARG A NE    1 
ATOM   815  C  CZ    . ARG A 1 102 ? -1.529  12.011  15.545  1.00 40.34 ? 102 ARG A CZ    1 
ATOM   816  N  NH1   . ARG A 1 102 ? -1.328  11.696  14.273  1.00 27.20 ? 102 ARG A NH1   1 
ATOM   817  N  NH2   . ARG A 1 102 ? -0.495  12.357  16.306  1.00 37.41 ? 102 ARG A NH2   1 
ATOM   818  N  N     . VAL A 1 103 ? -5.088  11.463  11.602  1.00 7.73  ? 103 VAL A N     1 
ATOM   819  C  CA    . VAL A 1 103 ? -4.938  12.687  10.811  1.00 9.41  ? 103 VAL A CA    1 
ATOM   820  C  C     . VAL A 1 103 ? -6.135  12.852  9.877   1.00 7.70  ? 103 VAL A C     1 
ATOM   821  O  O     . VAL A 1 103 ? -6.542  13.965  9.538   1.00 2.49  ? 103 VAL A O     1 
ATOM   822  C  CB    . VAL A 1 103 ? -3.622  12.636  9.962   1.00 3.68  ? 103 VAL A CB    1 
ATOM   823  C  CG1   . VAL A 1 103 ? -2.451  12.137  10.820  1.00 2.49  ? 103 VAL A CG1   1 
ATOM   824  C  CG2   . VAL A 1 103 ? -3.798  11.722  8.748   1.00 2.72  ? 103 VAL A CG2   1 
ATOM   825  N  N     . LYS A 1 104 ? -6.730  11.724  9.517   1.00 6.62  ? 104 LYS A N     1 
ATOM   826  C  CA    . LYS A 1 104 ? -7.718  11.680  8.461   1.00 9.18  ? 104 LYS A CA    1 
ATOM   827  C  C     . LYS A 1 104 ? -9.127  11.946  8.998   1.00 9.04  ? 104 LYS A C     1 
ATOM   828  O  O     . LYS A 1 104 ? -10.060 12.172  8.210   1.00 8.13  ? 104 LYS A O     1 
ATOM   829  C  CB    . LYS A 1 104 ? -7.647  10.326  7.752   1.00 2.17  ? 104 LYS A CB    1 
ATOM   830  C  CG    . LYS A 1 104 ? -8.262  10.306  6.372   1.00 6.65  ? 104 LYS A CG    1 
ATOM   831  C  CD    . LYS A 1 104 ? -7.314  10.861  5.338   1.00 11.05 ? 104 LYS A CD    1 
ATOM   832  C  CE    . LYS A 1 104 ? -7.831  12.163  4.788   1.00 2.90  ? 104 LYS A CE    1 
ATOM   833  N  NZ    . LYS A 1 104 ? -7.035  12.537  3.608   1.00 4.67  ? 104 LYS A NZ    1 
ATOM   834  N  N     . ASP A 1 105 ? -9.296  11.806  10.317  1.00 2.23  ? 105 ASP A N     1 
ATOM   835  C  CA    . ASP A 1 105 ? -10.484 12.284  11.019  1.00 2.23  ? 105 ASP A CA    1 
ATOM   836  C  C     . ASP A 1 105 ? -11.639 11.288  10.926  1.00 4.83  ? 105 ASP A C     1 
ATOM   837  O  O     . ASP A 1 105 ? -12.747 11.578  11.383  1.00 19.15 ? 105 ASP A O     1 
ATOM   838  C  CB    . ASP A 1 105 ? -10.928 13.639  10.427  1.00 24.71 ? 105 ASP A CB    1 
ATOM   839  C  CG    . ASP A 1 105 ? -11.288 14.670  11.476  1.00 25.86 ? 105 ASP A CG    1 
ATOM   840  O  OD1   . ASP A 1 105 ? -10.611 14.743  12.532  1.00 22.08 ? 105 ASP A OD1   1 
ATOM   841  O  OD2   . ASP A 1 105 ? -12.182 15.494  11.175  1.00 25.57 ? 105 ASP A OD2   1 
ATOM   842  N  N     . SER A 1 106 ? -11.414 10.147  10.277  1.00 15.20 ? 106 SER A N     1 
ATOM   843  C  CA    . SER A 1 106 ? -12.508 9.214   10.012  1.00 15.06 ? 106 SER A CA    1 
ATOM   844  C  C     . SER A 1 106 ? -12.115 7.773   10.342  1.00 18.24 ? 106 SER A C     1 
ATOM   845  O  O     . SER A 1 106 ? -10.960 7.378   10.152  1.00 11.42 ? 106 SER A O     1 
ATOM   846  C  CB    . SER A 1 106 ? -12.952 9.323   8.545   1.00 5.33  ? 106 SER A CB    1 
ATOM   847  O  OG    . SER A 1 106 ? -12.338 8.334   7.731   1.00 5.62  ? 106 SER A OG    1 
ATOM   848  N  N     . ASP A 1 107 ? -13.074 6.992   10.832  1.00 12.42 ? 107 ASP A N     1 
ATOM   849  C  CA    . ASP A 1 107 ? -12.820 5.581   11.108  1.00 10.15 ? 107 ASP A CA    1 
ATOM   850  C  C     . ASP A 1 107 ? -12.647 4.748   9.859   1.00 7.34  ? 107 ASP A C     1 
ATOM   851  O  O     . ASP A 1 107 ? -11.878 3.788   9.853   1.00 17.01 ? 107 ASP A O     1 
ATOM   852  C  CB    . ASP A 1 107 ? -13.940 4.991   11.941  1.00 23.80 ? 107 ASP A CB    1 
ATOM   853  C  CG    . ASP A 1 107 ? -13.880 5.437   13.366  1.00 24.37 ? 107 ASP A CG    1 
ATOM   854  O  OD1   . ASP A 1 107 ? -12.890 5.100   14.053  1.00 25.03 ? 107 ASP A OD1   1 
ATOM   855  O  OD2   . ASP A 1 107 ? -14.835 6.114   13.793  1.00 26.65 ? 107 ASP A OD2   1 
ATOM   856  N  N     . ASP A 1 108 ? -13.378 5.091   8.809   1.00 2.13  ? 108 ASP A N     1 
ATOM   857  C  CA    . ASP A 1 108 ? -13.229 4.372   7.557   1.00 9.35  ? 108 ASP A CA    1 
ATOM   858  C  C     . ASP A 1 108 ? -12.676 5.244   6.446   1.00 4.62  ? 108 ASP A C     1 
ATOM   859  O  O     . ASP A 1 108 ? -13.279 6.244   6.065   1.00 37.70 ? 108 ASP A O     1 
ATOM   860  C  CB    . ASP A 1 108 ? -14.549 3.707   7.149   1.00 43.67 ? 108 ASP A CB    1 
ATOM   861  C  CG    . ASP A 1 108 ? -14.768 2.365   7.858   1.00 53.78 ? 108 ASP A CG    1 
ATOM   862  O  OD1   . ASP A 1 108 ? -14.743 2.334   9.110   1.00 45.46 ? 108 ASP A OD1   1 
ATOM   863  O  OD2   . ASP A 1 108 ? -14.918 1.332   7.164   1.00 55.61 ? 108 ASP A OD2   1 
ATOM   864  N  N     . VAL A 1 109 ? -11.423 4.961   6.098   1.00 2.00  ? 109 VAL A N     1 
ATOM   865  C  CA    . VAL A 1 109 ? -10.675 5.641   5.038   1.00 2.00  ? 109 VAL A CA    1 
ATOM   866  C  C     . VAL A 1 109 ? -10.490 4.569   3.947   1.00 2.00  ? 109 VAL A C     1 
ATOM   867  O  O     . VAL A 1 109 ? -10.292 3.404   4.270   1.00 9.90  ? 109 VAL A O     1 
ATOM   868  C  CB    . VAL A 1 109 ? -9.275  6.083   5.580   1.00 6.50  ? 109 VAL A CB    1 
ATOM   869  C  CG1   . VAL A 1 109 ? -8.534  6.903   4.549   1.00 5.97  ? 109 VAL A CG1   1 
ATOM   870  C  CG2   . VAL A 1 109 ? -9.421  6.861   6.897   1.00 2.04  ? 109 VAL A CG2   1 
ATOM   871  N  N     . PRO A 1 110 ? -10.644 4.920   2.655   1.00 7.70  ? 110 PRO A N     1 
ATOM   872  C  CA    . PRO A 1 110 ? -10.310 3.877   1.676   1.00 4.63  ? 110 PRO A CA    1 
ATOM   873  C  C     . PRO A 1 110 ? -8.885  3.333   1.898   1.00 4.63  ? 110 PRO A C     1 
ATOM   874  O  O     . PRO A 1 110 ? -7.934  4.104   2.087   1.00 9.64  ? 110 PRO A O     1 
ATOM   875  C  CB    . PRO A 1 110 ? -10.458 4.588   0.323   1.00 5.53  ? 110 PRO A CB    1 
ATOM   876  C  CG    . PRO A 1 110 ? -11.269 5.823   0.608   1.00 7.30  ? 110 PRO A CG    1 
ATOM   877  C  CD    . PRO A 1 110 ? -10.885 6.221   2.002   1.00 11.84 ? 110 PRO A CD    1 
ATOM   878  N  N     . MET A 1 111 ? -8.760  2.007   1.930   1.00 17.15 ? 111 MET A N     1 
ATOM   879  C  CA    . MET A 1 111 ? -7.509  1.343   2.289   1.00 17.79 ? 111 MET A CA    1 
ATOM   880  C  C     . MET A 1 111 ? -7.486  -0.068  1.733   1.00 14.90 ? 111 MET A C     1 
ATOM   881  O  O     . MET A 1 111 ? -8.521  -0.713  1.604   1.00 5.60  ? 111 MET A O     1 
ATOM   882  C  CB    . MET A 1 111 ? -7.363  1.255   3.806   1.00 8.26  ? 111 MET A CB    1 
ATOM   883  C  CG    . MET A 1 111 ? -6.505  2.321   4.444   1.00 7.31  ? 111 MET A CG    1 
ATOM   884  S  SD    . MET A 1 111 ? -6.381  2.060   6.240   1.00 9.15  ? 111 MET A SD    1 
ATOM   885  C  CE    . MET A 1 111 ? -7.812  3.004   6.813   1.00 8.39  ? 111 MET A CE    1 
ATOM   886  N  N     . VAL A 1 112 ? -6.288  -0.577  1.503   1.00 3.10  ? 112 VAL A N     1 
ATOM   887  C  CA    . VAL A 1 112 ? -6.107  -1.959  1.105   1.00 2.00  ? 112 VAL A CA    1 
ATOM   888  C  C     . VAL A 1 112 ? -4.992  -2.556  1.955   1.00 2.00  ? 112 VAL A C     1 
ATOM   889  O  O     . VAL A 1 112 ? -3.982  -1.908  2.210   1.00 2.00  ? 112 VAL A O     1 
ATOM   890  C  CB    . VAL A 1 112 ? -5.746  -2.076  -0.404  1.00 2.00  ? 112 VAL A CB    1 
ATOM   891  C  CG1   . VAL A 1 112 ? -5.279  -3.503  -0.739  1.00 2.00  ? 112 VAL A CG1   1 
ATOM   892  C  CG2   . VAL A 1 112 ? -6.953  -1.719  -1.248  1.00 2.00  ? 112 VAL A CG2   1 
ATOM   893  N  N     . LEU A 1 113 ? -5.297  -3.672  2.592   1.00 2.00  ? 113 LEU A N     1 
ATOM   894  C  CA    . LEU A 1 113 ? -4.280  -4.456  3.252   1.00 2.00  ? 113 LEU A CA    1 
ATOM   895  C  C     . LEU A 1 113 ? -3.600  -5.348  2.214   1.00 2.00  ? 113 LEU A C     1 
ATOM   896  O  O     . LEU A 1 113 ? -4.277  -6.063  1.472   1.00 3.15  ? 113 LEU A O     1 
ATOM   897  C  CB    . LEU A 1 113 ? -4.911  -5.300  4.354   1.00 2.07  ? 113 LEU A CB    1 
ATOM   898  C  CG    . LEU A 1 113 ? -3.866  -6.066  5.144   1.00 2.07  ? 113 LEU A CG    1 
ATOM   899  C  CD1   . LEU A 1 113 ? -2.733  -5.131  5.517   1.00 2.07  ? 113 LEU A CD1   1 
ATOM   900  C  CD2   . LEU A 1 113 ? -4.511  -6.687  6.371   1.00 2.07  ? 113 LEU A CD2   1 
ATOM   901  N  N     . VAL A 1 114 ? -2.271  -5.312  2.174   1.00 2.00  ? 114 VAL A N     1 
ATOM   902  C  CA    . VAL A 1 114 ? -1.500  -5.922  1.092   1.00 2.00  ? 114 VAL A CA    1 
ATOM   903  C  C     . VAL A 1 114 ? -0.377  -6.789  1.689   1.00 2.00  ? 114 VAL A C     1 
ATOM   904  O  O     . VAL A 1 114 ? 0.465   -6.280  2.430   1.00 2.00  ? 114 VAL A O     1 
ATOM   905  C  CB    . VAL A 1 114 ? -0.889  -4.828  0.167   1.00 2.00  ? 114 VAL A CB    1 
ATOM   906  C  CG1   . VAL A 1 114 ? 0.108   -5.434  -0.781  1.00 2.00  ? 114 VAL A CG1   1 
ATOM   907  C  CG2   . VAL A 1 114 ? -1.971  -4.142  -0.616  1.00 2.00  ? 114 VAL A CG2   1 
ATOM   908  N  N     . GLY A 1 115 ? -0.475  -8.108  1.518   1.00 2.00  ? 115 GLY A N     1 
ATOM   909  C  CA    . GLY A 1 115 ? 0.515   -9.017  2.071   1.00 2.00  ? 115 GLY A CA    1 
ATOM   910  C  C     . GLY A 1 115 ? 1.538   -9.354  1.007   1.00 2.00  ? 115 GLY A C     1 
ATOM   911  O  O     . GLY A 1 115 ? 1.309   -10.250 0.192   1.00 2.00  ? 115 GLY A O     1 
ATOM   912  N  N     . ASN A 1 116 ? 2.528   -8.477  0.857   1.00 2.44  ? 116 ASN A N     1 
ATOM   913  C  CA    . ASN A 1 116 ? 3.461   -8.555  -0.253  1.00 6.12  ? 116 ASN A CA    1 
ATOM   914  C  C     . ASN A 1 116 ? 4.579   -9.553  0.002   1.00 4.84  ? 116 ASN A C     1 
ATOM   915  O  O     . ASN A 1 116 ? 4.773   -9.997  1.132   1.00 8.23  ? 116 ASN A O     1 
ATOM   916  C  CB    . ASN A 1 116 ? 4.034   -7.166  -0.551  1.00 2.16  ? 116 ASN A CB    1 
ATOM   917  C  CG    . ASN A 1 116 ? 4.995   -7.159  -1.735  1.00 4.21  ? 116 ASN A CG    1 
ATOM   918  O  OD1   . ASN A 1 116 ? 4.651   -7.559  -2.849  1.00 2.00  ? 116 ASN A OD1   1 
ATOM   919  N  ND2   . ASN A 1 116 ? 6.192   -6.647  -1.503  1.00 2.71  ? 116 ASN A ND2   1 
ATOM   920  N  N     . LYS A 1 117 ? 5.220   -9.982  -1.088  1.00 3.49  ? 117 LYS A N     1 
ATOM   921  C  CA    . LYS A 1 117 ? 6.352   -10.910 -1.085  1.00 2.19  ? 117 LYS A CA    1 
ATOM   922  C  C     . LYS A 1 117 ? 5.874   -12.343 -1.061  1.00 2.19  ? 117 LYS A C     1 
ATOM   923  O  O     . LYS A 1 117 ? 6.559   -13.213 -0.546  1.00 2.00  ? 117 LYS A O     1 
ATOM   924  C  CB    . LYS A 1 117 ? 7.276   -10.670 0.114   1.00 5.85  ? 117 LYS A CB    1 
ATOM   925  C  CG    . LYS A 1 117 ? 7.924   -9.290  0.162   1.00 5.56  ? 117 LYS A CG    1 
ATOM   926  C  CD    . LYS A 1 117 ? 9.080   -9.282  1.154   1.00 2.00  ? 117 LYS A CD    1 
ATOM   927  C  CE    . LYS A 1 117 ? 9.674   -7.897  1.300   1.00 2.00  ? 117 LYS A CE    1 
ATOM   928  N  NZ    . LYS A 1 117 ? 10.764  -7.920  2.299   1.00 2.48  ? 117 LYS A NZ    1 
ATOM   929  N  N     . CYS A 1 118 ? 4.721   -12.600 -1.667  1.00 8.72  ? 118 CYS A N     1 
ATOM   930  C  CA    . CYS A 1 118 ? 4.074   -13.901 -1.520  1.00 6.23  ? 118 CYS A CA    1 
ATOM   931  C  C     . CYS A 1 118 ? 4.761   -14.994 -2.319  1.00 2.04  ? 118 CYS A C     1 
ATOM   932  O  O     . CYS A 1 118 ? 4.449   -16.170 -2.147  1.00 12.10 ? 118 CYS A O     1 
ATOM   933  C  CB    . CYS A 1 118 ? 2.594   -13.824 -1.913  1.00 13.80 ? 118 CYS A CB    1 
ATOM   934  S  SG    . CYS A 1 118 ? 2.297   -13.596 -3.662  1.00 11.54 ? 118 CYS A SG    1 
ATOM   935  N  N     . ASP A 1 119 ? 5.625   -14.597 -3.250  1.00 23.64 ? 119 ASP A N     1 
ATOM   936  C  CA    . ASP A 1 119 ? 6.416   -15.537 -4.039  1.00 20.40 ? 119 ASP A CA    1 
ATOM   937  C  C     . ASP A 1 119 ? 7.348   -16.409 -3.194  1.00 23.27 ? 119 ASP A C     1 
ATOM   938  O  O     . ASP A 1 119 ? 7.845   -17.426 -3.684  1.00 9.67  ? 119 ASP A O     1 
ATOM   939  C  CB    . ASP A 1 119 ? 7.259   -14.787 -5.073  1.00 10.09 ? 119 ASP A CB    1 
ATOM   940  C  CG    . ASP A 1 119 ? 8.240   -13.836 -4.431  1.00 13.13 ? 119 ASP A CG    1 
ATOM   941  O  OD1   . ASP A 1 119 ? 7.772   -12.824 -3.874  1.00 16.11 ? 119 ASP A OD1   1 
ATOM   942  O  OD2   . ASP A 1 119 ? 9.456   -14.132 -4.396  1.00 8.56  ? 119 ASP A OD2   1 
ATOM   943  N  N     . LEU A 1 120 ? 7.652   -15.988 -1.967  1.00 27.79 ? 120 LEU A N     1 
ATOM   944  C  CA    . LEU A 1 120 ? 8.642   -16.706 -1.163  1.00 26.40 ? 120 LEU A CA    1 
ATOM   945  C  C     . LEU A 1 120 ? 8.069   -17.673 -0.116  1.00 29.41 ? 120 LEU A C     1 
ATOM   946  O  O     . LEU A 1 120 ? 6.925   -17.531 0.342   1.00 10.81 ? 120 LEU A O     1 
ATOM   947  C  CB    . LEU A 1 120 ? 9.632   -15.722 -0.515  1.00 2.44  ? 120 LEU A CB    1 
ATOM   948  C  CG    . LEU A 1 120 ? 9.214   -14.639 0.478   1.00 2.00  ? 120 LEU A CG    1 
ATOM   949  C  CD1   . LEU A 1 120 ? 8.911   -15.245 1.826   1.00 2.00  ? 120 LEU A CD1   1 
ATOM   950  C  CD2   . LEU A 1 120 ? 10.334  -13.619 0.594   1.00 2.00  ? 120 LEU A CD2   1 
ATOM   951  N  N     . ALA A 1 121 ? 8.871   -18.670 0.251   1.00 2.26  ? 121 ALA A N     1 
ATOM   952  C  CA    . ALA A 1 121 ? 8.366   -19.787 1.041   1.00 2.85  ? 121 ALA A CA    1 
ATOM   953  C  C     . ALA A 1 121 ? 8.521   -19.650 2.566   1.00 6.52  ? 121 ALA A C     1 
ATOM   954  O  O     . ALA A 1 121 ? 7.961   -20.441 3.327   1.00 24.56 ? 121 ALA A O     1 
ATOM   955  C  CB    . ALA A 1 121 ? 9.013   -21.080 0.558   1.00 26.75 ? 121 ALA A CB    1 
ATOM   956  N  N     . ALA A 1 122 ? 9.222   -18.618 3.018   1.00 37.04 ? 122 ALA A N     1 
ATOM   957  C  CA    . ALA A 1 122 ? 9.449   -18.442 4.447   1.00 39.28 ? 122 ALA A CA    1 
ATOM   958  C  C     . ALA A 1 122 ? 8.350   -17.613 5.116   1.00 35.40 ? 122 ALA A C     1 
ATOM   959  O  O     . ALA A 1 122 ? 8.624   -16.792 5.995   1.00 40.53 ? 122 ALA A O     1 
ATOM   960  C  CB    . ALA A 1 122 ? 10.811  -17.796 4.677   1.00 11.98 ? 122 ALA A CB    1 
ATOM   961  N  N     . ARG A 1 123 ? 7.101   -17.858 4.746   1.00 27.88 ? 123 ARG A N     1 
ATOM   962  C  CA    . ARG A 1 123 ? 6.030   -17.017 5.239   1.00 22.61 ? 123 ARG A CA    1 
ATOM   963  C  C     . ARG A 1 123 ? 5.663   -17.310 6.698   1.00 18.92 ? 123 ARG A C     1 
ATOM   964  O  O     . ARG A 1 123 ? 5.356   -18.447 7.078   1.00 11.17 ? 123 ARG A O     1 
ATOM   965  C  CB    . ARG A 1 123 ? 4.802   -17.130 4.339   1.00 5.79  ? 123 ARG A CB    1 
ATOM   966  C  CG    . ARG A 1 123 ? 4.011   -18.407 4.492   1.00 9.58  ? 123 ARG A CG    1 
ATOM   967  C  CD    . ARG A 1 123 ? 2.849   -18.426 3.523   1.00 11.21 ? 123 ARG A CD    1 
ATOM   968  N  NE    . ARG A 1 123 ? 1.952   -17.302 3.755   1.00 6.55  ? 123 ARG A NE    1 
ATOM   969  C  CZ    . ARG A 1 123 ? 1.228   -16.705 2.814   1.00 7.14  ? 123 ARG A CZ    1 
ATOM   970  N  NH1   . ARG A 1 123 ? 1.156   -17.207 1.585   1.00 8.32  ? 123 ARG A NH1   1 
ATOM   971  N  NH2   . ARG A 1 123 ? 0.523   -15.630 3.125   1.00 9.53  ? 123 ARG A NH2   1 
ATOM   972  N  N     . THR A 1 124 ? 5.754   -16.272 7.518   1.00 10.39 ? 124 THR A N     1 
ATOM   973  C  CA    . THR A 1 124 ? 5.386   -16.349 8.919   1.00 2.36  ? 124 THR A CA    1 
ATOM   974  C  C     . THR A 1 124 ? 4.019   -15.730 9.234   1.00 5.45  ? 124 THR A C     1 
ATOM   975  O  O     . THR A 1 124 ? 3.470   -15.949 10.310  1.00 3.13  ? 124 THR A O     1 
ATOM   976  C  CB    . THR A 1 124 ? 6.461   -15.685 9.778   1.00 3.13  ? 124 THR A CB    1 
ATOM   977  O  OG1   . THR A 1 124 ? 6.664   -14.332 9.348   1.00 5.37  ? 124 THR A OG1   1 
ATOM   978  C  CG2   . THR A 1 124 ? 7.759   -16.435 9.627   1.00 3.13  ? 124 THR A CG2   1 
ATOM   979  N  N     . VAL A 1 125 ? 3.481   -14.937 8.314   1.00 2.00  ? 125 VAL A N     1 
ATOM   980  C  CA    . VAL A 1 125 ? 2.112   -14.455 8.449   1.00 2.00  ? 125 VAL A CA    1 
ATOM   981  C  C     . VAL A 1 125 ? 1.210   -15.302 7.583   1.00 2.00  ? 125 VAL A C     1 
ATOM   982  O  O     . VAL A 1 125 ? 1.280   -15.259 6.363   1.00 2.00  ? 125 VAL A O     1 
ATOM   983  C  CB    . VAL A 1 125 ? 1.969   -12.978 8.025   1.00 2.00  ? 125 VAL A CB    1 
ATOM   984  C  CG1   . VAL A 1 125 ? 0.503   -12.609 7.874   1.00 2.00  ? 125 VAL A CG1   1 
ATOM   985  C  CG2   . VAL A 1 125 ? 2.642   -12.088 9.050   1.00 8.54  ? 125 VAL A CG2   1 
ATOM   986  N  N     . GLU A 1 126 ? 0.333   -16.048 8.224   1.00 4.65  ? 126 GLU A N     1 
ATOM   987  C  CA    . GLU A 1 126 ? -0.585  -16.894 7.496   1.00 5.47  ? 126 GLU A CA    1 
ATOM   988  C  C     . GLU A 1 126 ? -1.634  -16.033 6.823   1.00 10.04 ? 126 GLU A C     1 
ATOM   989  O  O     . GLU A 1 126 ? -1.950  -14.933 7.291   1.00 21.92 ? 126 GLU A O     1 
ATOM   990  C  CB    . GLU A 1 126 ? -1.243  -17.892 8.446   1.00 16.56 ? 126 GLU A CB    1 
ATOM   991  C  CG    . GLU A 1 126 ? -1.286  -19.306 7.901   1.00 22.29 ? 126 GLU A CG    1 
ATOM   992  C  CD    . GLU A 1 126 ? -0.080  -19.636 7.044   1.00 27.00 ? 126 GLU A CD    1 
ATOM   993  O  OE1   . GLU A 1 126 ? 0.997   -19.926 7.604   1.00 27.74 ? 126 GLU A OE1   1 
ATOM   994  O  OE2   . GLU A 1 126 ? -0.217  -19.587 5.804   1.00 27.16 ? 126 GLU A OE2   1 
ATOM   995  N  N     . SER A 1 127 ? -2.194  -16.544 5.737   1.00 14.22 ? 127 SER A N     1 
ATOM   996  C  CA    . SER A 1 127 ? -3.159  -15.772 4.968   1.00 14.05 ? 127 SER A CA    1 
ATOM   997  C  C     . SER A 1 127 ? -4.415  -15.450 5.764   1.00 17.43 ? 127 SER A C     1 
ATOM   998  O  O     . SER A 1 127 ? -4.899  -14.328 5.700   1.00 11.31 ? 127 SER A O     1 
ATOM   999  C  CB    . SER A 1 127 ? -3.542  -16.496 3.679   1.00 9.08  ? 127 SER A CB    1 
ATOM   1000 O  OG    . SER A 1 127 ? -4.692  -15.909 3.093   1.00 16.22 ? 127 SER A OG    1 
ATOM   1001 N  N     . ARG A 1 128 ? -4.988  -16.424 6.466   1.00 14.27 ? 128 ARG A N     1 
ATOM   1002 C  CA    . ARG A 1 128 ? -6.285  -16.171 7.093   1.00 16.81 ? 128 ARG A CA    1 
ATOM   1003 C  C     . ARG A 1 128 ? -6.119  -15.235 8.264   1.00 14.72 ? 128 ARG A C     1 
ATOM   1004 O  O     . ARG A 1 128 ? -6.964  -14.382 8.520   1.00 36.97 ? 128 ARG A O     1 
ATOM   1005 C  CB    . ARG A 1 128 ? -6.987  -17.454 7.556   1.00 45.49 ? 128 ARG A CB    1 
ATOM   1006 C  CG    . ARG A 1 128 ? -8.517  -17.335 7.441   1.00 49.98 ? 128 ARG A CG    1 
ATOM   1007 C  CD    . ARG A 1 128 ? -9.282  -18.397 8.229   1.00 53.65 ? 128 ARG A CD    1 
ATOM   1008 N  NE    . ARG A 1 128 ? -9.097  -19.751 7.699   1.00 57.40 ? 128 ARG A NE    1 
ATOM   1009 C  CZ    . ARG A 1 128 ? -9.650  -20.214 6.580   1.00 55.65 ? 128 ARG A CZ    1 
ATOM   1010 N  NH1   . ARG A 1 128 ? -10.505 -19.468 5.891   1.00 51.64 ? 128 ARG A NH1   1 
ATOM   1011 N  NH2   . ARG A 1 128 ? -9.357  -21.441 6.161   1.00 55.38 ? 128 ARG A NH2   1 
ATOM   1012 N  N     . GLN A 1 129 ? -4.969  -15.337 8.912   1.00 17.36 ? 129 GLN A N     1 
ATOM   1013 C  CA    . GLN A 1 129 ? -4.627  -14.432 9.995   1.00 19.99 ? 129 GLN A CA    1 
ATOM   1014 C  C     . GLN A 1 129 ? -4.652  -12.997 9.456   1.00 17.09 ? 129 GLN A C     1 
ATOM   1015 O  O     . GLN A 1 129 ? -5.254  -12.103 10.053  1.00 9.57  ? 129 GLN A O     1 
ATOM   1016 C  CB    . GLN A 1 129 ? -3.253  -14.825 10.526  1.00 13.21 ? 129 GLN A CB    1 
ATOM   1017 C  CG    . GLN A 1 129 ? -2.599  -13.848 11.445  1.00 20.75 ? 129 GLN A CG    1 
ATOM   1018 C  CD    . GLN A 1 129 ? -1.128  -14.149 11.585  1.00 20.81 ? 129 GLN A CD    1 
ATOM   1019 O  OE1   . GLN A 1 129 ? -0.743  -15.079 12.293  1.00 19.04 ? 129 GLN A OE1   1 
ATOM   1020 N  NE2   . GLN A 1 129 ? -0.308  -13.460 10.804  1.00 23.37 ? 129 GLN A NE2   1 
ATOM   1021 N  N     . ALA A 1 130 ? -4.150  -12.828 8.240   1.00 2.00  ? 130 ALA A N     1 
ATOM   1022 C  CA    . ALA A 1 130 ? -4.163  -11.532 7.588   1.00 2.00  ? 130 ALA A CA    1 
ATOM   1023 C  C     . ALA A 1 130 ? -5.546  -11.198 7.071   1.00 2.00  ? 130 ALA A C     1 
ATOM   1024 O  O     . ALA A 1 130 ? -5.966  -10.041 7.099   1.00 3.84  ? 130 ALA A O     1 
ATOM   1025 C  CB    . ALA A 1 130 ? -3.176  -11.520 6.461   1.00 4.81  ? 130 ALA A CB    1 
ATOM   1026 N  N     . GLN A 1 131 ? -6.273  -12.223 6.646   1.00 11.79 ? 131 GLN A N     1 
ATOM   1027 C  CA    . GLN A 1 131 ? -7.645  -12.073 6.167   1.00 13.84 ? 131 GLN A CA    1 
ATOM   1028 C  C     . GLN A 1 131 ? -8.552  -11.705 7.339   1.00 14.47 ? 131 GLN A C     1 
ATOM   1029 O  O     . GLN A 1 131 ? -9.571  -11.050 7.144   1.00 5.15  ? 131 GLN A O     1 
ATOM   1030 C  CB    . GLN A 1 131 ? -8.118  -13.377 5.514   1.00 8.03  ? 131 GLN A CB    1 
ATOM   1031 C  CG    . GLN A 1 131 ? -9.542  -13.365 4.993   1.00 10.23 ? 131 GLN A CG    1 
ATOM   1032 C  CD    . GLN A 1 131 ? -9.704  -12.516 3.760   1.00 11.15 ? 131 GLN A CD    1 
ATOM   1033 O  OE1   . GLN A 1 131 ? -9.230  -12.877 2.676   1.00 15.27 ? 131 GLN A OE1   1 
ATOM   1034 N  NE2   . GLN A 1 131 ? -10.395 -11.382 3.906   1.00 11.04 ? 131 GLN A NE2   1 
ATOM   1035 N  N     . ASP A 1 132 ? -8.100  -11.986 8.560   1.00 18.33 ? 132 ASP A N     1 
ATOM   1036 C  CA    . ASP A 1 132 ? -8.863  -11.646 9.758   1.00 20.90 ? 132 ASP A CA    1 
ATOM   1037 C  C     . ASP A 1 132 ? -8.541  -10.233 10.243  1.00 17.68 ? 132 ASP A C     1 
ATOM   1038 O  O     . ASP A 1 132 ? -9.413  -9.531  10.752  1.00 30.63 ? 132 ASP A O     1 
ATOM   1039 C  CB    . ASP A 1 132 ? -8.602  -12.665 10.872  1.00 23.77 ? 132 ASP A CB    1 
ATOM   1040 C  CG    . ASP A 1 132 ? -9.411  -13.948 10.704  1.00 33.50 ? 132 ASP A CG    1 
ATOM   1041 O  OD1   . ASP A 1 132 ? -10.187 -14.069 9.727   1.00 25.72 ? 132 ASP A OD1   1 
ATOM   1042 O  OD2   . ASP A 1 132 ? -9.254  -14.856 11.550  1.00 37.91 ? 132 ASP A OD2   1 
ATOM   1043 N  N     . LEU A 1 133 ? -7.311  -9.788  10.021  1.00 15.79 ? 133 LEU A N     1 
ATOM   1044 C  CA    . LEU A 1 133 ? -6.987  -8.386  10.222  1.00 11.65 ? 133 LEU A CA    1 
ATOM   1045 C  C     . LEU A 1 133 ? -7.831  -7.532  9.267   1.00 12.38 ? 133 LEU A C     1 
ATOM   1046 O  O     . LEU A 1 133 ? -8.539  -6.610  9.694   1.00 2.00  ? 133 LEU A O     1 
ATOM   1047 C  CB    . LEU A 1 133 ? -5.492  -8.146  9.971   1.00 2.73  ? 133 LEU A CB    1 
ATOM   1048 C  CG    . LEU A 1 133 ? -4.952  -6.765  10.361  1.00 2.00  ? 133 LEU A CG    1 
ATOM   1049 C  CD1   . LEU A 1 133 ? -5.446  -6.416  11.745  1.00 7.03  ? 133 LEU A CD1   1 
ATOM   1050 C  CD2   . LEU A 1 133 ? -3.442  -6.754  10.324  1.00 2.93  ? 133 LEU A CD2   1 
ATOM   1051 N  N     . ALA A 1 134 ? -7.846  -7.923  7.994   1.00 2.00  ? 134 ALA A N     1 
ATOM   1052 C  CA    . ALA A 1 134 ? -8.453  -7.105  6.953   1.00 2.00  ? 134 ALA A CA    1 
ATOM   1053 C  C     . ALA A 1 134 ? -9.931  -6.955  7.220   1.00 2.00  ? 134 ALA A C     1 
ATOM   1054 O  O     . ALA A 1 134 ? -10.456 -5.840  7.189   1.00 4.82  ? 134 ALA A O     1 
ATOM   1055 C  CB    . ALA A 1 134 ? -8.227  -7.726  5.597   1.00 2.00  ? 134 ALA A CB    1 
ATOM   1056 N  N     . ARG A 1 135 ? -10.575 -8.058  7.599   1.00 21.52 ? 135 ARG A N     1 
ATOM   1057 C  CA    . ARG A 1 135 ? -12.013 -8.072  7.856   1.00 20.68 ? 135 ARG A CA    1 
ATOM   1058 C  C     . ARG A 1 135 ? -12.421 -7.224  9.060   1.00 20.47 ? 135 ARG A C     1 
ATOM   1059 O  O     . ARG A 1 135 ? -13.467 -6.571  9.026   1.00 31.64 ? 135 ARG A O     1 
ATOM   1060 C  CB    . ARG A 1 135 ? -12.525 -9.502  8.046   1.00 29.85 ? 135 ARG A CB    1 
ATOM   1061 C  CG    . ARG A 1 135 ? -14.003 -9.551  8.411   1.00 31.91 ? 135 ARG A CG    1 
ATOM   1062 C  CD    . ARG A 1 135 ? -14.666 -10.817 7.936   1.00 35.82 ? 135 ARG A CD    1 
ATOM   1063 N  NE    . ARG A 1 135 ? -16.005 -10.558 7.407   1.00 40.18 ? 135 ARG A NE    1 
ATOM   1064 C  CZ    . ARG A 1 135 ? -16.959 -11.482 7.299   1.00 43.52 ? 135 ARG A CZ    1 
ATOM   1065 N  NH1   . ARG A 1 135 ? -16.792 -12.675 7.871   1.00 34.63 ? 135 ARG A NH1   1 
ATOM   1066 N  NH2   . ARG A 1 135 ? -18.110 -11.192 6.692   1.00 35.44 ? 135 ARG A NH2   1 
ATOM   1067 N  N     . SER A 1 136 ? -11.622 -7.251  10.125  1.00 2.00  ? 136 SER A N     1 
ATOM   1068 C  CA    . SER A 1 136 ? -11.884 -6.400  11.283  1.00 2.00  ? 136 SER A CA    1 
ATOM   1069 C  C     . SER A 1 136 ? -11.672 -4.918  10.944  1.00 2.00  ? 136 SER A C     1 
ATOM   1070 O  O     . SER A 1 136 ? -12.247 -4.038  11.574  1.00 11.19 ? 136 SER A O     1 
ATOM   1071 C  CB    . SER A 1 136 ? -11.017 -6.824  12.482  1.00 7.71  ? 136 SER A CB    1 
ATOM   1072 O  OG    . SER A 1 136 ? -9.732  -6.210  12.497  1.00 12.69 ? 136 SER A OG    1 
ATOM   1073 N  N     . TYR A 1 137 ? -10.862 -4.641  9.929   1.00 32.53 ? 137 TYR A N     1 
ATOM   1074 C  CA    . TYR A 1 137 ? -10.783 -3.286  9.402   1.00 34.76 ? 137 TYR A CA    1 
ATOM   1075 C  C     . TYR A 1 137 ? -11.916 -3.037  8.405   1.00 32.46 ? 137 TYR A C     1 
ATOM   1076 O  O     . TYR A 1 137 ? -12.195 -1.896  8.039   1.00 5.42  ? 137 TYR A O     1 
ATOM   1077 C  CB    . TYR A 1 137 ? -9.432  -3.049  8.721   1.00 2.66  ? 137 TYR A CB    1 
ATOM   1078 C  CG    . TYR A 1 137 ? -8.251  -3.097  9.654   1.00 3.58  ? 137 TYR A CG    1 
ATOM   1079 C  CD1   . TYR A 1 137 ? -8.426  -3.017  11.026  1.00 2.94  ? 137 TYR A CD1   1 
ATOM   1080 C  CD2   . TYR A 1 137 ? -6.957  -3.260  9.167   1.00 4.66  ? 137 TYR A CD2   1 
ATOM   1081 C  CE1   . TYR A 1 137 ? -7.351  -3.108  11.897  1.00 3.22  ? 137 TYR A CE1   1 
ATOM   1082 C  CE2   . TYR A 1 137 ? -5.874  -3.347  10.026  1.00 6.49  ? 137 TYR A CE2   1 
ATOM   1083 C  CZ    . TYR A 1 137 ? -6.081  -3.276  11.395  1.00 6.98  ? 137 TYR A CZ    1 
ATOM   1084 O  OH    . TYR A 1 137 ? -5.033  -3.423  12.278  1.00 2.66  ? 137 TYR A OH    1 
ATOM   1085 N  N     . GLY A 1 138 ? -12.553 -4.104  7.946   1.00 6.23  ? 138 GLY A N     1 
ATOM   1086 C  CA    . GLY A 1 138 ? -13.520 -3.966  6.877   1.00 2.00  ? 138 GLY A CA    1 
ATOM   1087 C  C     . GLY A 1 138 ? -12.827 -3.468  5.625   1.00 2.00  ? 138 GLY A C     1 
ATOM   1088 O  O     . GLY A 1 138 ? -13.320 -2.557  4.969   1.00 12.28 ? 138 GLY A O     1 
ATOM   1089 N  N     . ILE A 1 139 ? -11.667 -4.041  5.314   1.00 4.35  ? 139 ILE A N     1 
ATOM   1090 C  CA    . ILE A 1 139 ? -10.925 -3.675  4.110   1.00 6.44  ? 139 ILE A CA    1 
ATOM   1091 C  C     . ILE A 1 139 ? -10.517 -4.914  3.310   1.00 4.46  ? 139 ILE A C     1 
ATOM   1092 O  O     . ILE A 1 139 ? -10.680 -6.047  3.777   1.00 2.00  ? 139 ILE A O     1 
ATOM   1093 C  CB    . ILE A 1 139 ? -9.652  -2.827  4.426   1.00 2.00  ? 139 ILE A CB    1 
ATOM   1094 C  CG1   . ILE A 1 139 ? -8.726  -3.574  5.382   1.00 2.00  ? 139 ILE A CG1   1 
ATOM   1095 C  CG2   . ILE A 1 139 ? -10.050 -1.482  4.986   1.00 2.00  ? 139 ILE A CG2   1 
ATOM   1096 C  CD1   . ILE A 1 139 ? -7.411  -2.875  5.608   1.00 2.00  ? 139 ILE A CD1   1 
ATOM   1097 N  N     . PRO A 1 140 ? -10.152 -4.728  2.038   1.00 4.21  ? 140 PRO A N     1 
ATOM   1098 C  CA    . PRO A 1 140 ? -9.693  -5.861  1.244   1.00 7.38  ? 140 PRO A CA    1 
ATOM   1099 C  C     . PRO A 1 140 ? -8.278  -6.343  1.582   1.00 4.13  ? 140 PRO A C     1 
ATOM   1100 O  O     . PRO A 1 140 ? -7.389  -5.544  1.852   1.00 5.51  ? 140 PRO A O     1 
ATOM   1101 C  CB    . PRO A 1 140 ? -9.807  -5.352  -0.189  1.00 2.00  ? 140 PRO A CB    1 
ATOM   1102 C  CG    . PRO A 1 140 ? -10.950 -4.411  -0.115  1.00 2.00  ? 140 PRO A CG    1 
ATOM   1103 C  CD    . PRO A 1 140 ? -10.703 -3.670  1.161   1.00 2.00  ? 140 PRO A CD    1 
ATOM   1104 N  N     . TYR A 1 141 ? -8.103  -7.657  1.591   1.00 11.88 ? 141 TYR A N     1 
ATOM   1105 C  CA    . TYR A 1 141 ? -6.789  -8.263  1.739   1.00 14.02 ? 141 TYR A CA    1 
ATOM   1106 C  C     . TYR A 1 141 ? -6.310  -8.715  0.374   1.00 9.45  ? 141 TYR A C     1 
ATOM   1107 O  O     . TYR A 1 141 ? -6.922  -9.595  -0.229  1.00 2.00  ? 141 TYR A O     1 
ATOM   1108 C  CB    . TYR A 1 141 ? -6.862  -9.484  2.665   1.00 2.00  ? 141 TYR A CB    1 
ATOM   1109 C  CG    . TYR A 1 141 ? -5.484  -10.083 2.856   1.00 2.00  ? 141 TYR A CG    1 
ATOM   1110 C  CD1   . TYR A 1 141 ? -4.447  -9.313  3.364   1.00 2.00  ? 141 TYR A CD1   1 
ATOM   1111 C  CD2   . TYR A 1 141 ? -5.211  -11.399 2.513   1.00 2.00  ? 141 TYR A CD2   1 
ATOM   1112 C  CE1   . TYR A 1 141 ? -3.177  -9.833  3.517   1.00 2.00  ? 141 TYR A CE1   1 
ATOM   1113 C  CE2   . TYR A 1 141 ? -3.942  -11.927 2.659   1.00 2.00  ? 141 TYR A CE2   1 
ATOM   1114 C  CZ    . TYR A 1 141 ? -2.929  -11.138 3.159   1.00 2.00  ? 141 TYR A CZ    1 
ATOM   1115 O  OH    . TYR A 1 141 ? -1.663  -11.658 3.296   1.00 2.00  ? 141 TYR A OH    1 
ATOM   1116 N  N     . ILE A 1 142 ? -5.147  -8.231  -0.044  1.00 2.00  ? 142 ILE A N     1 
ATOM   1117 C  CA    . ILE A 1 142 ? -4.604  -8.618  -1.336  1.00 2.00  ? 142 ILE A CA    1 
ATOM   1118 C  C     . ILE A 1 142 ? -3.157  -9.013  -1.153  1.00 2.00  ? 142 ILE A C     1 
ATOM   1119 O  O     . ILE A 1 142 ? -2.407  -8.301  -0.502  1.00 4.04  ? 142 ILE A O     1 
ATOM   1120 C  CB    . ILE A 1 142 ? -4.705  -7.473  -2.363  1.00 2.06  ? 142 ILE A CB    1 
ATOM   1121 C  CG1   . ILE A 1 142 ? -6.168  -7.062  -2.529  1.00 6.24  ? 142 ILE A CG1   1 
ATOM   1122 C  CG2   . ILE A 1 142 ? -4.167  -7.920  -3.716  1.00 2.06  ? 142 ILE A CG2   1 
ATOM   1123 C  CD1   . ILE A 1 142 ? -6.383  -5.955  -3.522  1.00 2.19  ? 142 ILE A CD1   1 
ATOM   1124 N  N     . GLU A 1 143 ? -2.840  -10.250 -1.516  1.00 2.00  ? 143 GLU A N     1 
ATOM   1125 C  CA    . GLU A 1 143 ? -1.467  -10.722 -1.495  1.00 2.00  ? 143 GLU A CA    1 
ATOM   1126 C  C     . GLU A 1 143 ? -0.832  -10.427 -2.834  1.00 2.00  ? 143 GLU A C     1 
ATOM   1127 O  O     . GLU A 1 143 ? -1.416  -10.698 -3.879  1.00 9.90  ? 143 GLU A O     1 
ATOM   1128 C  CB    . GLU A 1 143 ? -1.428  -12.219 -1.248  1.00 4.10  ? 143 GLU A CB    1 
ATOM   1129 C  CG    . GLU A 1 143 ? -1.840  -12.621 0.136   1.00 4.64  ? 143 GLU A CG    1 
ATOM   1130 C  CD    . GLU A 1 143 ? -1.229  -13.932 0.568   1.00 6.14  ? 143 GLU A CD    1 
ATOM   1131 O  OE1   . GLU A 1 143 ? -0.600  -14.629 -0.266  1.00 2.88  ? 143 GLU A OE1   1 
ATOM   1132 O  OE2   . GLU A 1 143 ? -1.379  -14.264 1.759   1.00 4.83  ? 143 GLU A OE2   1 
ATOM   1133 N  N     . THR A 1 144 ? 0.386   -9.921  -2.803  1.00 2.18  ? 144 THR A N     1 
ATOM   1134 C  CA    . THR A 1 144 ? 1.062   -9.518  -4.019  1.00 2.00  ? 144 THR A CA    1 
ATOM   1135 C  C     . THR A 1 144 ? 2.470   -10.111 -4.074  1.00 2.00  ? 144 THR A C     1 
ATOM   1136 O  O     . THR A 1 144 ? 3.006   -10.553 -3.062  1.00 2.00  ? 144 THR A O     1 
ATOM   1137 C  CB    . THR A 1 144 ? 1.166   -7.993  -4.077  1.00 2.00  ? 144 THR A CB    1 
ATOM   1138 O  OG1   . THR A 1 144 ? 2.061   -7.548  -3.058  1.00 2.00  ? 144 THR A OG1   1 
ATOM   1139 C  CG2   . THR A 1 144 ? -0.194  -7.348  -3.859  1.00 2.00  ? 144 THR A CG2   1 
ATOM   1140 N  N     . SER A 1 145 ? 3.133   -9.962  -5.210  1.00 2.00  ? 145 SER A N     1 
ATOM   1141 C  CA    . SER A 1 145 ? 4.554   -10.267 -5.301  1.00 2.00  ? 145 SER A CA    1 
ATOM   1142 C  C     . SER A 1 145 ? 5.157   -9.303  -6.305  1.00 2.00  ? 145 SER A C     1 
ATOM   1143 O  O     . SER A 1 145 ? 4.859   -9.386  -7.490  1.00 2.00  ? 145 SER A O     1 
ATOM   1144 C  CB    . SER A 1 145 ? 4.765   -11.712 -5.756  1.00 2.00  ? 145 SER A CB    1 
ATOM   1145 O  OG    . SER A 1 145 ? 6.140   -12.031 -5.842  1.00 2.00  ? 145 SER A OG    1 
ATOM   1146 N  N     . ALA A 1 146 ? 5.871   -8.296  -5.816  1.00 2.00  ? 146 ALA A N     1 
ATOM   1147 C  CA    . ALA A 1 146 ? 6.538   -7.356  -6.705  1.00 2.00  ? 146 ALA A CA    1 
ATOM   1148 C  C     . ALA A 1 146 ? 7.574   -8.066  -7.571  1.00 3.86  ? 146 ALA A C     1 
ATOM   1149 O  O     . ALA A 1 146 ? 7.963   -7.548  -8.615  1.00 2.00  ? 146 ALA A O     1 
ATOM   1150 C  CB    . ALA A 1 146 ? 7.191   -6.233  -5.910  1.00 2.00  ? 146 ALA A CB    1 
ATOM   1151 N  N     . LYS A 1 147 ? 7.995   -9.264  -7.163  1.00 2.00  ? 147 LYS A N     1 
ATOM   1152 C  CA    . LYS A 1 147 ? 8.899   -10.050 -7.994  1.00 2.00  ? 147 LYS A CA    1 
ATOM   1153 C  C     . LYS A 1 147 ? 8.225   -10.626 -9.234  1.00 2.00  ? 147 LYS A C     1 
ATOM   1154 O  O     . LYS A 1 147 ? 8.726   -10.467 -10.342 1.00 2.43  ? 147 LYS A O     1 
ATOM   1155 C  CB    . LYS A 1 147 ? 9.537   -11.180 -7.194  1.00 2.43  ? 147 LYS A CB    1 
ATOM   1156 C  CG    . LYS A 1 147 ? 10.737  -11.791 -7.903  1.00 2.43  ? 147 LYS A CG    1 
ATOM   1157 C  CD    . LYS A 1 147 ? 11.678  -12.515 -6.960  1.00 2.43  ? 147 LYS A CD    1 
ATOM   1158 C  CE    . LYS A 1 147 ? 12.969  -12.937 -7.679  1.00 5.14  ? 147 LYS A CE    1 
ATOM   1159 N  NZ    . LYS A 1 147 ? 13.894  -11.780 -8.003  1.00 10.16 ? 147 LYS A NZ    1 
ATOM   1160 N  N     . THR A 1 148 ? 7.087   -11.288 -9.046  1.00 5.78  ? 148 THR A N     1 
ATOM   1161 C  CA    . THR A 1 148 ? 6.370   -11.909 -10.160 1.00 5.78  ? 148 THR A CA    1 
ATOM   1162 C  C     . THR A 1 148 ? 5.186   -11.082 -10.657 1.00 6.31  ? 148 THR A C     1 
ATOM   1163 O  O     . THR A 1 148 ? 4.478   -11.501 -11.570 1.00 11.14 ? 148 THR A O     1 
ATOM   1164 C  CB    . THR A 1 148 ? 5.867   -13.350 -9.802  1.00 2.04  ? 148 THR A CB    1 
ATOM   1165 O  OG1   . THR A 1 148 ? 4.905   -13.288 -8.741  1.00 2.04  ? 148 THR A OG1   1 
ATOM   1166 C  CG2   . THR A 1 148 ? 7.048   -14.244 -9.375  1.00 2.32  ? 148 THR A CG2   1 
ATOM   1167 N  N     . ARG A 1 149 ? 4.975   -9.912  -10.057 1.00 2.00  ? 149 ARG A N     1 
ATOM   1168 C  CA    . ARG A 1 149 ? 3.827   -9.052  -10.357 1.00 2.00  ? 149 ARG A CA    1 
ATOM   1169 C  C     . ARG A 1 149 ? 2.426   -9.657  -10.073 1.00 2.00  ? 149 ARG A C     1 
ATOM   1170 O  O     . ARG A 1 149 ? 1.396   -9.018  -10.335 1.00 8.29  ? 149 ARG A O     1 
ATOM   1171 C  CB    . ARG A 1 149 ? 3.921   -8.567  -11.804 1.00 3.90  ? 149 ARG A CB    1 
ATOM   1172 C  CG    . ARG A 1 149 ? 3.129   -7.311  -12.087 1.00 12.98 ? 149 ARG A CG    1 
ATOM   1173 C  CD    . ARG A 1 149 ? 3.388   -6.821  -13.494 1.00 17.99 ? 149 ARG A CD    1 
ATOM   1174 N  NE    . ARG A 1 149 ? 2.432   -5.794  -13.900 1.00 15.91 ? 149 ARG A NE    1 
ATOM   1175 C  CZ    . ARG A 1 149 ? 2.741   -4.518  -14.097 1.00 7.04  ? 149 ARG A CZ    1 
ATOM   1176 N  NH1   . ARG A 1 149 ? 3.959   -4.075  -13.823 1.00 7.62  ? 149 ARG A NH1   1 
ATOM   1177 N  NH2   . ARG A 1 149 ? 1.813   -3.673  -14.511 1.00 12.51 ? 149 ARG A NH2   1 
ATOM   1178 N  N     . GLN A 1 150 ? 2.388   -10.843 -9.462  1.00 2.00  ? 150 GLN A N     1 
ATOM   1179 C  CA    . GLN A 1 150 ? 1.136   -11.429 -8.980  1.00 2.00  ? 150 GLN A CA    1 
ATOM   1180 C  C     . GLN A 1 150 ? 0.461   -10.451 -8.026  1.00 2.00  ? 150 GLN A C     1 
ATOM   1181 O  O     . GLN A 1 150 ? 1.099   -9.926  -7.124  1.00 21.85 ? 150 GLN A O     1 
ATOM   1182 C  CB    . GLN A 1 150 ? 1.414   -12.752 -8.255  1.00 30.17 ? 150 GLN A CB    1 
ATOM   1183 C  CG    . GLN A 1 150 ? 0.427   -13.892 -8.579  1.00 38.41 ? 150 GLN A CG    1 
ATOM   1184 C  CD    . GLN A 1 150 ? -0.788  -13.932 -7.642  1.00 43.72 ? 150 GLN A CD    1 
ATOM   1185 O  OE1   . GLN A 1 150 ? -0.684  -13.607 -6.455  1.00 45.02 ? 150 GLN A OE1   1 
ATOM   1186 N  NE2   . GLN A 1 150 ? -1.936  -14.362 -8.171  1.00 39.21 ? 150 GLN A NE2   1 
ATOM   1187 N  N     . GLY A 1 151 ? -0.788  -10.109 -8.308  1.00 16.36 ? 151 GLY A N     1 
ATOM   1188 C  CA    . GLY A 1 151 ? -1.524  -9.195  -7.443  1.00 20.94 ? 151 GLY A CA    1 
ATOM   1189 C  C     . GLY A 1 151 ? -1.180  -7.710  -7.548  1.00 20.49 ? 151 GLY A C     1 
ATOM   1190 O  O     . GLY A 1 151 ? -1.948  -6.861  -7.077  1.00 2.00  ? 151 GLY A O     1 
ATOM   1191 N  N     . VAL A 1 152 ? -0.067  -7.382  -8.205  1.00 6.67  ? 152 VAL A N     1 
ATOM   1192 C  CA    . VAL A 1 152 ? 0.428   -6.009  -8.237  1.00 5.87  ? 152 VAL A CA    1 
ATOM   1193 C  C     . VAL A 1 152 ? -0.619  -4.989  -8.723  1.00 5.87  ? 152 VAL A C     1 
ATOM   1194 O  O     . VAL A 1 152 ? -0.866  -3.991  -8.044  1.00 19.52 ? 152 VAL A O     1 
ATOM   1195 C  CB    . VAL A 1 152 ? 1.720   -5.911  -9.083  1.00 9.14  ? 152 VAL A CB    1 
ATOM   1196 C  CG1   . VAL A 1 152 ? 2.056   -4.461  -9.367  1.00 18.76 ? 152 VAL A CG1   1 
ATOM   1197 C  CG2   . VAL A 1 152 ? 2.868   -6.568  -8.349  1.00 2.00  ? 152 VAL A CG2   1 
ATOM   1198 N  N     . GLU A 1 153 ? -1.244  -5.238  -9.874  1.00 17.18 ? 153 GLU A N     1 
ATOM   1199 C  CA    . GLU A 1 153 ? -2.285  -4.336  -10.393 1.00 12.03 ? 153 GLU A CA    1 
ATOM   1200 C  C     . GLU A 1 153 ? -3.614  -4.520  -9.655  1.00 13.67 ? 153 GLU A C     1 
ATOM   1201 O  O     . GLU A 1 153 ? -4.366  -3.573  -9.460  1.00 2.00  ? 153 GLU A O     1 
ATOM   1202 C  CB    . GLU A 1 153 ? -2.511  -4.564  -11.887 1.00 5.95  ? 153 GLU A CB    1 
ATOM   1203 C  CG    . GLU A 1 153 ? -1.327  -4.215  -12.782 1.00 17.53 ? 153 GLU A CG    1 
ATOM   1204 C  CD    . GLU A 1 153 ? -1.683  -4.220  -14.268 1.00 19.20 ? 153 GLU A CD    1 
ATOM   1205 O  OE1   . GLU A 1 153 ? -2.723  -4.799  -14.648 1.00 17.81 ? 153 GLU A OE1   1 
ATOM   1206 O  OE2   . GLU A 1 153 ? -0.916  -3.639  -15.063 1.00 21.61 ? 153 GLU A OE2   1 
ATOM   1207 N  N     . ASP A 1 154 ? -3.915  -5.759  -9.292  1.00 2.68  ? 154 ASP A N     1 
ATOM   1208 C  CA    . ASP A 1 154 ? -5.051  -6.068  -8.432  1.00 2.00  ? 154 ASP A CA    1 
ATOM   1209 C  C     . ASP A 1 154 ? -5.109  -5.109  -7.233  1.00 2.00  ? 154 ASP A C     1 
ATOM   1210 O  O     . ASP A 1 154 ? -6.104  -4.414  -7.049  1.00 24.81 ? 154 ASP A O     1 
ATOM   1211 C  CB    . ASP A 1 154 ? -4.936  -7.518  -7.938  1.00 23.36 ? 154 ASP A CB    1 
ATOM   1212 C  CG    . ASP A 1 154 ? -6.234  -8.290  -8.047  1.00 32.64 ? 154 ASP A CG    1 
ATOM   1213 O  OD1   . ASP A 1 154 ? -7.277  -7.683  -8.375  1.00 38.85 ? 154 ASP A OD1   1 
ATOM   1214 O  OD2   . ASP A 1 154 ? -6.214  -9.509  -7.757  1.00 27.79 ? 154 ASP A OD2   1 
ATOM   1215 N  N     . ALA A 1 155 ? -3.996  -4.981  -6.504  1.00 9.97  ? 155 ALA A N     1 
ATOM   1216 C  CA    . ALA A 1 155 ? -3.963  -4.259  -5.220  1.00 5.27  ? 155 ALA A CA    1 
ATOM   1217 C  C     . ALA A 1 155 ? -4.138  -2.755  -5.411  1.00 7.36  ? 155 ALA A C     1 
ATOM   1218 O  O     . ALA A 1 155 ? -4.912  -2.117  -4.692  1.00 9.96  ? 155 ALA A O     1 
ATOM   1219 C  CB    . ALA A 1 155 ? -2.652  -4.543  -4.477  1.00 12.13 ? 155 ALA A CB    1 
ATOM   1220 N  N     . PHE A 1 156 ? -3.484  -2.215  -6.436  1.00 17.10 ? 156 PHE A N     1 
ATOM   1221 C  CA    . PHE A 1 156 ? -3.595  -0.797  -6.785  1.00 19.11 ? 156 PHE A CA    1 
ATOM   1222 C  C     . PHE A 1 156 ? -4.954  -0.370  -7.399  1.00 20.27 ? 156 PHE A C     1 
ATOM   1223 O  O     . PHE A 1 156 ? -5.478  0.709   -7.086  1.00 2.17  ? 156 PHE A O     1 
ATOM   1224 C  CB    . PHE A 1 156 ? -2.445  -0.411  -7.732  1.00 4.37  ? 156 PHE A CB    1 
ATOM   1225 C  CG    . PHE A 1 156 ? -1.183  0.100   -7.106  1.00 2.17  ? 156 PHE A CG    1 
ATOM   1226 C  CD1   . PHE A 1 156 ? -1.110  1.388   -6.605  1.00 2.17  ? 156 PHE A CD1   1 
ATOM   1227 C  CD2   . PHE A 1 156 ? -0.060  -0.706  -7.047  1.00 2.17  ? 156 PHE A CD2   1 
ATOM   1228 C  CE1   . PHE A 1 156 ? 0.065   1.865   -6.052  1.00 2.17  ? 156 PHE A CE1   1 
ATOM   1229 C  CE2   . PHE A 1 156 ? 1.118   -0.236  -6.499  1.00 2.17  ? 156 PHE A CE2   1 
ATOM   1230 C  CZ    . PHE A 1 156 ? 1.181   1.052   -6.002  1.00 2.17  ? 156 PHE A CZ    1 
ATOM   1231 N  N     . TYR A 1 157 ? -5.554  -1.233  -8.217  1.00 10.30 ? 157 TYR A N     1 
ATOM   1232 C  CA    . TYR A 1 157 ? -6.820  -0.906  -8.869  1.00 2.06  ? 157 TYR A CA    1 
ATOM   1233 C  C     . TYR A 1 157 ? -8.007  -1.084  -7.931  1.00 2.00  ? 157 TYR A C     1 
ATOM   1234 O  O     . TYR A 1 157 ? -8.959  -0.312  -7.966  1.00 2.20  ? 157 TYR A O     1 
ATOM   1235 C  CB    . TYR A 1 157 ? -7.024  -1.761  -10.122 1.00 2.90  ? 157 TYR A CB    1 
ATOM   1236 C  CG    . TYR A 1 157 ? -6.080  -1.439  -11.263 1.00 2.20  ? 157 TYR A CG    1 
ATOM   1237 C  CD1   . TYR A 1 157 ? -5.188  -0.371  -11.183 1.00 2.20  ? 157 TYR A CD1   1 
ATOM   1238 C  CD2   . TYR A 1 157 ? -6.031  -2.249  -12.387 1.00 2.25  ? 157 TYR A CD2   1 
ATOM   1239 C  CE1   . TYR A 1 157 ? -4.274  -0.127  -12.187 1.00 4.12  ? 157 TYR A CE1   1 
ATOM   1240 C  CE2   . TYR A 1 157 ? -5.120  -2.016  -13.396 1.00 6.12  ? 157 TYR A CE2   1 
ATOM   1241 C  CZ    . TYR A 1 157 ? -4.240  -0.957  -13.293 1.00 11.52 ? 157 TYR A CZ    1 
ATOM   1242 O  OH    . TYR A 1 157 ? -3.296  -0.744  -14.278 1.00 17.19 ? 157 TYR A OH    1 
ATOM   1243 N  N     . THR A 1 158 ? -7.948  -2.087  -7.072  1.00 2.00  ? 158 THR A N     1 
ATOM   1244 C  CA    . THR A 1 158 ? -9.027  -2.309  -6.120  1.00 2.00  ? 158 THR A CA    1 
ATOM   1245 C  C     . THR A 1 158 ? -9.142  -1.131  -5.153  1.00 2.00  ? 158 THR A C     1 
ATOM   1246 O  O     . THR A 1 158 ? -10.227 -0.821  -4.674  1.00 2.00  ? 158 THR A O     1 
ATOM   1247 C  CB    . THR A 1 158 ? -8.808  -3.610  -5.318  1.00 2.00  ? 158 THR A CB    1 
ATOM   1248 O  OG1   . THR A 1 158 ? -9.107  -4.746  -6.142  1.00 2.00  ? 158 THR A OG1   1 
ATOM   1249 C  CG2   . THR A 1 158 ? -9.701  -3.633  -4.094  1.00 2.00  ? 158 THR A CG2   1 
ATOM   1250 N  N     . LEU A 1 159 ? -8.010  -0.506  -4.839  1.00 14.63 ? 159 LEU A N     1 
ATOM   1251 C  CA    . LEU A 1 159 ? -7.998  0.676   -3.984  1.00 8.59  ? 159 LEU A CA    1 
ATOM   1252 C  C     . LEU A 1 159 ? -8.632  1.866   -4.691  1.00 11.95 ? 159 LEU A C     1 
ATOM   1253 O  O     . LEU A 1 159 ? -9.400  2.601   -4.092  1.00 2.00  ? 159 LEU A O     1 
ATOM   1254 C  CB    . LEU A 1 159 ? -6.571  1.027   -3.573  1.00 2.00  ? 159 LEU A CB    1 
ATOM   1255 C  CG    . LEU A 1 159 ? -6.436  2.272   -2.690  1.00 2.00  ? 159 LEU A CG    1 
ATOM   1256 C  CD1   . LEU A 1 159 ? -7.171  2.051   -1.374  1.00 2.00  ? 159 LEU A CD1   1 
ATOM   1257 C  CD2   . LEU A 1 159 ? -4.962  2.586   -2.444  1.00 2.00  ? 159 LEU A CD2   1 
ATOM   1258 N  N     . VAL A 1 160 ? -8.296  2.071   -5.958  1.00 11.23 ? 160 VAL A N     1 
ATOM   1259 C  CA    . VAL A 1 160 ? -8.980  3.075   -6.763  1.00 9.98  ? 160 VAL A CA    1 
ATOM   1260 C  C     . VAL A 1 160 ? -10.487 2.812   -6.795  1.00 13.04 ? 160 VAL A C     1 
ATOM   1261 O  O     . VAL A 1 160 ? -11.292 3.735   -6.696  1.00 4.50  ? 160 VAL A O     1 
ATOM   1262 C  CB    . VAL A 1 160 ? -8.413  3.088   -8.185  1.00 2.00  ? 160 VAL A CB    1 
ATOM   1263 C  CG1   . VAL A 1 160 ? -9.428  3.656   -9.179  1.00 2.00  ? 160 VAL A CG1   1 
ATOM   1264 C  CG2   . VAL A 1 160 ? -7.130  3.887   -8.190  1.00 2.57  ? 160 VAL A CG2   1 
ATOM   1265 N  N     . ARG A 1 161 ? -10.848 1.533   -6.817  1.00 29.53 ? 161 ARG A N     1 
ATOM   1266 C  CA    . ARG A 1 161 ? -12.236 1.095   -6.767  1.00 23.82 ? 161 ARG A CA    1 
ATOM   1267 C  C     . ARG A 1 161 ? -12.866 1.454   -5.421  1.00 26.51 ? 161 ARG A C     1 
ATOM   1268 O  O     . ARG A 1 161 ? -14.033 1.848   -5.352  1.00 11.77 ? 161 ARG A O     1 
ATOM   1269 C  CB    . ARG A 1 161 ? -12.297 -0.417  -6.970  1.00 2.52  ? 161 ARG A CB    1 
ATOM   1270 C  CG    . ARG A 1 161 ? -13.275 -0.851  -8.027  1.00 2.00  ? 161 ARG A CG    1 
ATOM   1271 C  CD    . ARG A 1 161 ? -12.578 -1.134  -9.341  1.00 2.00  ? 161 ARG A CD    1 
ATOM   1272 N  NE    . ARG A 1 161 ? -11.787 -2.358  -9.277  1.00 2.00  ? 161 ARG A NE    1 
ATOM   1273 C  CZ    . ARG A 1 161 ? -11.053 -2.822  -10.281 1.00 2.00  ? 161 ARG A CZ    1 
ATOM   1274 N  NH1   . ARG A 1 161 ? -11.023 -2.169  -11.433 1.00 2.00  ? 161 ARG A NH1   1 
ATOM   1275 N  NH2   . ARG A 1 161 ? -10.332 -3.928  -10.125 1.00 2.00  ? 161 ARG A NH2   1 
ATOM   1276 N  N     . GLU A 1 162 ? -12.069 1.328   -4.363  1.00 17.35 ? 162 GLU A N     1 
ATOM   1277 C  CA    . GLU A 1 162 ? -12.461 1.680   -2.997  1.00 16.61 ? 162 GLU A CA    1 
ATOM   1278 C  C     . GLU A 1 162 ? -12.775 3.175   -2.845  1.00 16.64 ? 162 GLU A C     1 
ATOM   1279 O  O     . GLU A 1 162 ? -13.868 3.550   -2.397  1.00 2.59  ? 162 GLU A O     1 
ATOM   1280 C  CB    . GLU A 1 162 ? -11.332 1.293   -2.028  1.00 3.49  ? 162 GLU A CB    1 
ATOM   1281 C  CG    . GLU A 1 162 ? -11.353 -0.151  -1.608  1.00 2.57  ? 162 GLU A CG    1 
ATOM   1282 C  CD    . GLU A 1 162 ? -12.397 -0.406  -0.554  1.00 7.13  ? 162 GLU A CD    1 
ATOM   1283 O  OE1   . GLU A 1 162 ? -12.376 0.286   0.485   1.00 12.76 ? 162 GLU A OE1   1 
ATOM   1284 O  OE2   . GLU A 1 162 ? -13.261 -1.274  -0.768  1.00 10.86 ? 162 GLU A OE2   1 
ATOM   1285 N  N     . ILE A 1 163 ? -11.795 4.012   -3.196  1.00 8.83  ? 163 ILE A N     1 
ATOM   1286 C  CA    . ILE A 1 163 ? -11.925 5.463   -3.139  1.00 3.62  ? 163 ILE A CA    1 
ATOM   1287 C  C     . ILE A 1 163 ? -13.198 5.893   -3.854  1.00 6.59  ? 163 ILE A C     1 
ATOM   1288 O  O     . ILE A 1 163 ? -13.756 6.945   -3.542  1.00 9.44  ? 163 ILE A O     1 
ATOM   1289 C  CB    . ILE A 1 163 ? -10.729 6.192   -3.827  1.00 4.23  ? 163 ILE A CB    1 
ATOM   1290 C  CG1   . ILE A 1 163 ? -9.391  5.742   -3.232  1.00 2.74  ? 163 ILE A CG1   1 
ATOM   1291 C  CG2   . ILE A 1 163 ? -10.878 7.708   -3.675  1.00 2.97  ? 163 ILE A CG2   1 
ATOM   1292 C  CD1   . ILE A 1 163 ? -8.195  6.213   -4.023  1.00 2.00  ? 163 ILE A CD1   1 
ATOM   1293 N  N     . ARG A 1 164 ? -13.633 5.112   -4.839  1.00 2.00  ? 164 ARG A N     1 
ATOM   1294 C  CA    . ARG A 1 164 ? -14.816 5.479   -5.620  1.00 2.00  ? 164 ARG A CA    1 
ATOM   1295 C  C     . ARG A 1 164 ? -16.085 5.462   -4.768  1.00 2.00  ? 164 ARG A C     1 
ATOM   1296 O  O     . ARG A 1 164 ? -16.758 6.487   -4.622  1.00 11.30 ? 164 ARG A O     1 
ATOM   1297 C  CB    . ARG A 1 164 ? -14.974 4.584   -6.876  1.00 5.37  ? 164 ARG A CB    1 
ATOM   1298 C  CG    . ARG A 1 164 ? -13.765 4.631   -7.818  1.00 4.39  ? 164 ARG A CG    1 
ATOM   1299 C  CD    . ARG A 1 164 ? -14.122 4.761   -9.276  1.00 4.39  ? 164 ARG A CD    1 
ATOM   1300 N  NE    . ARG A 1 164 ? -13.770 3.564   -10.042 1.00 7.06  ? 164 ARG A NE    1 
ATOM   1301 C  CZ    . ARG A 1 164 ? -12.953 3.533   -11.099 1.00 8.23  ? 164 ARG A CZ    1 
ATOM   1302 N  NH1   . ARG A 1 164 ? -12.277 4.610   -11.477 1.00 6.27  ? 164 ARG A NH1   1 
ATOM   1303 N  NH2   . ARG A 1 164 ? -12.788 2.400   -11.770 1.00 9.81  ? 164 ARG A NH2   1 
ATOM   1304 N  N     . GLN A 1 165 ? -16.373 4.347   -4.114  1.00 2.00  ? 165 GLN A N     1 
ATOM   1305 C  CA    . GLN A 1 165 ? -17.627 4.278   -3.377  1.00 3.81  ? 165 GLN A CA    1 
ATOM   1306 C  C     . GLN A 1 165 ? -17.602 5.067   -2.083  1.00 6.80  ? 165 GLN A C     1 
ATOM   1307 O  O     . GLN A 1 165 ? -18.567 5.046   -1.314  1.00 16.90 ? 165 GLN A O     1 
ATOM   1308 C  CB    . GLN A 1 165 ? -18.022 2.835   -3.092  1.00 13.48 ? 165 GLN A CB    1 
ATOM   1309 C  CG    . GLN A 1 165 ? -18.958 2.265   -4.123  1.00 13.73 ? 165 GLN A CG    1 
ATOM   1310 C  CD    . GLN A 1 165 ? -18.230 1.391   -5.107  1.00 15.93 ? 165 GLN A CD    1 
ATOM   1311 O  OE1   . GLN A 1 165 ? -17.464 0.504   -4.713  1.00 19.97 ? 165 GLN A OE1   1 
ATOM   1312 N  NE2   . GLN A 1 165 ? -18.455 1.631   -6.402  1.00 19.42 ? 165 GLN A NE2   1 
ATOM   1313 N  N     . HIS A 1 166 ? -16.528 5.800   -1.852  1.00 2.00  ? 166 HIS A N     1 
ATOM   1314 C  CA    . HIS A 1 166 ? -16.362 6.446   -0.566  1.00 6.14  ? 166 HIS A CA    1 
ATOM   1315 C  C     . HIS A 1 166 ? -16.853 7.890   -0.657  1.00 10.71 ? 166 HIS A C     1 
ATOM   1316 O  O     . HIS A 1 166 ? -16.082 8.762   -1.120  1.00 40.09 ? 166 HIS A O     1 
ATOM   1317 C  CB    . HIS A 1 166 ? -14.893 6.368   -0.130  1.00 26.91 ? 166 HIS A CB    1 
ATOM   1318 C  CG    . HIS A 1 166 ? -14.650 6.876   1.257   1.00 22.20 ? 166 HIS A CG    1 
ATOM   1319 N  ND1   . HIS A 1 166 ? -14.894 8.182   1.622   1.00 22.74 ? 166 HIS A ND1   1 
ATOM   1320 C  CD2   . HIS A 1 166 ? -14.262 6.238   2.384   1.00 22.24 ? 166 HIS A CD2   1 
ATOM   1321 C  CE1   . HIS A 1 166 ? -14.676 8.329   2.911   1.00 22.78 ? 166 HIS A CE1   1 
ATOM   1322 N  NE2   . HIS A 1 166 ? -14.287 7.157   3.401   1.00 21.23 ? 166 HIS A NE2   1 
ATOM   1323 O  OXT   . HIS A 1 166 ? -18.011 8.160   -0.265  1.00 21.23 ? 166 HIS A OXT   1 
HETATM 1324 MG MG    . MG  B 2 .   ? 12.169  2.030   -1.066  1.00 32.09 ? 168 MG  A MG    1 
HETATM 1325 P  PG    . AGN C 3 .   ? 11.449  1.372   2.546   1.00 9.17  ? 167 AGN A PG    1 
HETATM 1326 O  O1G   . AGN C 3 .   ? 11.446  2.253   1.370   1.00 14.58 ? 167 AGN A O1G   1 
HETATM 1327 O  O2G   . AGN C 3 .   ? 10.583  1.821   3.621   1.00 13.23 ? 167 AGN A O2G   1 
HETATM 1328 O  O3G   . AGN C 3 .   ? 12.893  1.582   3.162   1.00 12.69 ? 167 AGN A O3G   1 
HETATM 1329 N  N3B   . AGN C 3 .   ? 11.361  -0.233  2.205   1.00 6.44  ? 167 AGN A N3B   1 
HETATM 1330 P  PB    . AGN C 3 .   ? 10.436  -0.595  0.910   1.00 5.81  ? 167 AGN A PB    1 
HETATM 1331 O  O1B   . AGN C 3 .   ? 9.114   -1.119  1.322   1.00 9.96  ? 167 AGN A O1B   1 
HETATM 1332 O  O2B   . AGN C 3 .   ? 10.306  0.430   -0.153  1.00 2.99  ? 167 AGN A O2B   1 
HETATM 1333 O  O3A   . AGN C 3 .   ? 11.121  -1.908  0.281   1.00 3.93  ? 167 AGN A O3A   1 
HETATM 1334 P  PA    . AGN C 3 .   ? 11.811  -1.937  -1.205  1.00 8.25  ? 167 AGN A PA    1 
HETATM 1335 O  O1A   . AGN C 3 .   ? 10.811  -1.989  -2.292  1.00 10.13 ? 167 AGN A O1A   1 
HETATM 1336 O  O2A   . AGN C 3 .   ? 13.105  -1.237  -1.364  1.00 8.22  ? 167 AGN A O2A   1 
HETATM 1337 O  "O5'" . AGN C 3 .   ? 12.248  -3.463  -1.053  1.00 9.56  ? 167 AGN A "O5'" 1 
HETATM 1338 C  C5B   . AGN C 3 .   ? 12.857  -3.966  0.129   1.00 13.59 ? 167 AGN A C5B   1 
HETATM 1339 C  C4B   . AGN C 3 .   ? 13.305  -5.347  -0.165  1.00 14.68 ? 167 AGN A C4B   1 
HETATM 1340 O  "O4'" . AGN C 3 .   ? 12.165  -6.104  -0.600  1.00 16.56 ? 167 AGN A "O4'" 1 
HETATM 1341 C  C3B   . AGN C 3 .   ? 14.383  -5.419  -1.279  1.00 12.65 ? 167 AGN A C3B   1 
HETATM 1342 O  "O3'" . AGN C 3 .   ? 15.411  -6.242  -0.709  1.00 11.19 ? 167 AGN A "O3'" 1 
HETATM 1343 C  C2B   . AGN C 3 .   ? 13.575  -6.026  -2.431  1.00 12.38 ? 167 AGN A C2B   1 
HETATM 1344 C  C1B   . AGN C 3 .   ? 12.583  -6.892  -1.708  1.00 14.33 ? 167 AGN A C1B   1 
HETATM 1345 C  "C'"  . AGN C 3 .   ? 16.742  -5.818  -1.032  1.00 7.13  ? 167 AGN A "C'"  1 
HETATM 1346 O  "O1'" . AGN C 3 .   ? 16.893  -5.175  -2.062  1.00 12.19 ? 167 AGN A "O1'" 1 
HETATM 1347 C  "C1'" . AGN C 3 .   ? 17.859  -6.150  -0.220  1.00 15.79 ? 167 AGN A "C1'" 1 
HETATM 1348 C  "C2'" . AGN C 3 .   ? 18.913  -6.846  -0.710  1.00 19.80 ? 167 AGN A "C2'" 1 
HETATM 1349 N  "N2'" . AGN C 3 .   ? 18.899  -7.351  -2.010  1.00 17.36 ? 167 AGN A "N2'" 1 
HETATM 1350 C  "CM'" . AGN C 3 .   ? 20.069  -7.551  -2.860  1.00 15.91 ? 167 AGN A "CM'" 1 
HETATM 1351 C  "C3'" . AGN C 3 .   ? 20.038  -6.944  0.043   1.00 18.66 ? 167 AGN A "C3'" 1 
HETATM 1352 C  "C4'" . AGN C 3 .   ? 20.166  -6.382  1.257   1.00 6.65  ? 167 AGN A "C4'" 1 
HETATM 1353 C  "C5'" . AGN C 3 .   ? 19.139  -5.694  1.725   1.00 14.45 ? 167 AGN A "C5'" 1 
HETATM 1354 C  "C6'" . AGN C 3 .   ? 18.008  -5.557  0.977   1.00 19.45 ? 167 AGN A "C6'" 1 
HETATM 1355 N  N9    . AGN C 3 .   ? 11.357  -7.132  -2.486  1.00 11.95 ? 167 AGN A N9    1 
HETATM 1356 C  C8    . AGN C 3 .   ? 10.364  -6.236  -2.671  1.00 11.88 ? 167 AGN A C8    1 
HETATM 1357 N  N7    . AGN C 3 .   ? 9.200   -6.712  -2.987  1.00 14.37 ? 167 AGN A N7    1 
HETATM 1358 C  C5    . AGN C 3 .   ? 9.470   -8.087  -3.043  1.00 10.94 ? 167 AGN A C5    1 
HETATM 1359 C  C6    . AGN C 3 .   ? 8.613   -9.152  -3.352  1.00 7.40  ? 167 AGN A C6    1 
HETATM 1360 O  O6    . AGN C 3 .   ? 7.445   -9.123  -3.735  1.00 5.54  ? 167 AGN A O6    1 
HETATM 1361 N  N1    . AGN C 3 .   ? 9.278   -10.321 -3.277  1.00 8.42  ? 167 AGN A N1    1 
HETATM 1362 C  C2    . AGN C 3 .   ? 10.599  -10.506 -2.998  1.00 13.40 ? 167 AGN A C2    1 
HETATM 1363 N  N2    . AGN C 3 .   ? 11.067  -11.745 -3.119  1.00 16.25 ? 167 AGN A N2    1 
HETATM 1364 N  N3    . AGN C 3 .   ? 11.413  -9.518  -2.683  1.00 13.51 ? 167 AGN A N3    1 
HETATM 1365 C  C4    . AGN C 3 .   ? 10.784  -8.337  -2.737  1.00 13.72 ? 167 AGN A C4    1 
# 
